data_5CWU
#
_entry.id   5CWU
#
_cell.length_a   65.276
_cell.length_b   65.278
_cell.length_c   155.548
_cell.angle_alpha   90.00
_cell.angle_beta   89.95
_cell.angle_gamma   90.01
#
_symmetry.space_group_name_H-M   'P 1'
#
loop_
_entity.id
_entity.type
_entity.pdbx_description
1 polymer 'Nucleoporin NUP188'
2 non-polymer GLYCEROL
#
_entity_poly.entity_id   1
_entity_poly.type   'polypeptide(L)'
_entity_poly.pdbx_seq_one_letter_code
;S(MSE)NQLPRDVTHLLALVSSAIHAVENPFGANDLPYFRTLLKILFVVLRAAKQGTAKPGESNVAITQQVLTILDRVVA
RCFRALAALVHEQQQNATDGTTTAPEDLALITAILQACLSVPGIEQCQVQVLNI(MSE)AAHDVFQVAVALFSWADRLLP
ANPSPASSSTSTSATNPASGDPVYGELALLFLLELSALPALAEHLACDGLLGHLAAARLAGY(MSE)RRTNVGPFAENAG
AARCYAIWAKCLLPLLLNILAALGSTVAPEVAWVLNQFPNLLQSSVERIEPPGFSRPTLSLASTPPRQKFISLLEISEIH
SLALLTRVLAACRAQNARDVPEVTWDGAKVLECVEYWLRGRKVLRERLVPLGPREVEWRG(MSE)VATGGVVGVAGDGGE
GCENRLEEKAVGLLVGVREVLEGGLEGEGE
;
_entity_poly.pdbx_strand_id   A,B,C,D,E,F,G,H
#
# COMPACT_ATOMS: atom_id res chain seq x y z
N PRO A 6 36.58 -9.21 5.03
CA PRO A 6 35.88 -10.06 6.00
C PRO A 6 36.80 -11.14 6.57
N ARG A 7 37.44 -10.84 7.70
CA ARG A 7 38.41 -11.77 8.27
C ARG A 7 38.49 -11.71 9.80
N ASP A 8 38.35 -10.51 10.35
CA ASP A 8 38.48 -10.32 11.80
C ASP A 8 37.11 -10.11 12.46
N VAL A 9 37.07 -10.19 13.78
CA VAL A 9 35.84 -9.97 14.53
C VAL A 9 35.30 -8.56 14.34
N THR A 10 36.17 -7.56 14.37
CA THR A 10 35.75 -6.17 14.31
C THR A 10 35.71 -5.64 12.88
N HIS A 11 36.59 -6.14 12.02
CA HIS A 11 36.65 -5.71 10.62
C HIS A 11 35.46 -6.24 9.84
N LEU A 12 35.01 -7.45 10.18
CA LEU A 12 33.88 -8.05 9.51
C LEU A 12 32.60 -7.30 9.83
N LEU A 13 32.60 -6.64 11.00
CA LEU A 13 31.40 -5.95 11.48
C LEU A 13 31.24 -4.57 10.84
N ALA A 14 32.37 -3.97 10.48
CA ALA A 14 32.37 -2.62 9.92
C ALA A 14 31.94 -2.59 8.45
N LEU A 15 32.30 -3.63 7.71
CA LEU A 15 32.02 -3.67 6.27
C LEU A 15 30.56 -3.98 5.96
N VAL A 16 29.92 -4.78 6.81
CA VAL A 16 28.50 -5.05 6.66
C VAL A 16 27.74 -3.75 6.88
N SER A 17 28.25 -2.93 7.79
CA SER A 17 27.67 -1.61 8.03
C SER A 17 28.09 -0.68 6.89
N SER A 18 29.28 -0.87 6.34
CA SER A 18 29.70 -0.11 5.17
C SER A 18 28.73 -0.41 4.03
N ALA A 19 28.22 -1.64 4.01
CA ALA A 19 27.16 -1.99 3.08
C ALA A 19 25.82 -1.41 3.54
N ILE A 20 25.56 -1.45 4.85
CA ILE A 20 24.31 -0.92 5.39
C ILE A 20 24.25 0.62 5.30
N HIS A 21 25.40 1.24 5.09
CA HIS A 21 25.47 2.69 4.91
C HIS A 21 25.26 3.04 3.44
N ALA A 22 25.74 2.16 2.56
CA ALA A 22 25.62 2.37 1.12
C ALA A 22 24.19 2.17 0.64
N VAL A 23 23.30 1.82 1.56
CA VAL A 23 21.89 1.63 1.22
C VAL A 23 21.30 2.89 0.61
N GLU A 24 20.33 2.70 -0.28
CA GLU A 24 19.70 3.81 -0.99
C GLU A 24 18.44 4.26 -0.28
N ASN A 25 17.50 3.33 -0.09
CA ASN A 25 16.25 3.60 0.61
C ASN A 25 15.71 2.33 1.23
N PRO A 26 16.29 1.94 2.39
CA PRO A 26 15.88 0.75 3.14
C PRO A 26 14.37 0.64 3.30
N PHE A 27 13.86 -0.59 3.41
CA PHE A 27 12.44 -0.85 3.51
C PHE A 27 11.70 -0.37 2.26
N GLY A 28 12.45 -0.11 1.19
CA GLY A 28 11.87 0.16 -0.11
C GLY A 28 11.57 -1.17 -0.77
N ALA A 29 10.33 -1.34 -1.22
CA ALA A 29 9.84 -2.62 -1.72
C ALA A 29 10.80 -3.32 -2.69
N ASN A 30 11.65 -2.56 -3.36
CA ASN A 30 12.60 -3.12 -4.31
C ASN A 30 13.88 -3.61 -3.64
N ASP A 31 14.53 -2.74 -2.88
CA ASP A 31 15.79 -3.06 -2.24
C ASP A 31 15.61 -3.48 -0.78
N LEU A 32 14.38 -3.87 -0.43
CA LEU A 32 14.08 -4.37 0.90
C LEU A 32 14.67 -5.76 1.18
N PRO A 33 14.34 -6.75 0.33
CA PRO A 33 14.78 -8.12 0.63
C PRO A 33 16.29 -8.25 0.75
N TYR A 34 17.03 -7.37 0.07
CA TYR A 34 18.48 -7.33 0.18
C TYR A 34 18.90 -6.69 1.50
N PHE A 35 18.19 -5.63 1.89
CA PHE A 35 18.42 -4.96 3.17
C PHE A 35 18.20 -5.93 4.33
N ARG A 36 17.16 -6.76 4.22
CA ARG A 36 16.91 -7.80 5.21
C ARG A 36 18.14 -8.70 5.36
N THR A 37 18.62 -9.25 4.26
CA THR A 37 19.78 -10.13 4.28
C THR A 37 20.95 -9.41 4.93
N LEU A 38 21.18 -8.16 4.53
CA LEU A 38 22.22 -7.37 5.18
C LEU A 38 22.04 -7.35 6.68
N LEU A 39 20.83 -7.03 7.13
CA LEU A 39 20.55 -6.96 8.57
C LEU A 39 20.83 -8.30 9.24
N LYS A 40 20.42 -9.39 8.59
CA LYS A 40 20.62 -10.71 9.16
C LYS A 40 22.11 -11.05 9.23
N ILE A 41 22.87 -10.67 8.21
CA ILE A 41 24.32 -10.85 8.27
C ILE A 41 24.88 -10.06 9.44
N LEU A 42 24.46 -8.80 9.55
CA LEU A 42 24.88 -7.95 10.65
C LEU A 42 24.59 -8.61 11.99
N PHE A 43 23.40 -9.20 12.10
CA PHE A 43 23.02 -9.90 13.32
C PHE A 43 23.95 -11.09 13.59
N VAL A 44 24.12 -11.95 12.60
CA VAL A 44 24.99 -13.13 12.75
C VAL A 44 26.37 -12.70 13.22
N VAL A 45 26.92 -11.67 12.58
CA VAL A 45 28.23 -11.16 13.00
C VAL A 45 28.17 -10.70 14.45
N LEU A 46 27.26 -9.79 14.76
CA LEU A 46 27.16 -9.21 16.11
C LEU A 46 26.99 -10.27 17.20
N ARG A 47 26.17 -11.28 16.96
CA ARG A 47 25.96 -12.32 17.96
C ARG A 47 27.26 -13.07 18.23
N ALA A 48 28.06 -13.24 17.18
CA ALA A 48 29.34 -13.93 17.28
C ALA A 48 30.50 -12.95 17.34
N ALA A 49 30.15 -11.67 17.49
CA ALA A 49 31.16 -10.62 17.66
C ALA A 49 31.38 -10.38 19.16
N LYS A 50 31.02 -11.37 19.96
CA LYS A 50 31.20 -11.29 21.42
C LYS A 50 32.55 -11.87 21.84
N GLN A 51 33.59 -11.48 21.08
CA GLN A 51 34.97 -11.87 21.38
C GLN A 51 35.18 -13.39 21.42
N ILE A 63 36.94 -0.32 19.19
CA ILE A 63 36.22 -1.54 18.84
C ILE A 63 34.75 -1.40 19.23
N THR A 64 34.49 -0.97 20.46
CA THR A 64 33.13 -0.69 20.91
C THR A 64 32.57 0.50 20.15
N GLN A 65 33.48 1.35 19.66
CA GLN A 65 33.08 2.50 18.85
C GLN A 65 32.58 2.07 17.48
N GLN A 66 32.60 0.76 17.24
CA GLN A 66 32.04 0.20 16.02
C GLN A 66 30.57 -0.16 16.20
N VAL A 67 30.27 -0.88 17.29
CA VAL A 67 28.91 -1.34 17.55
C VAL A 67 27.97 -0.18 17.89
N LEU A 68 28.54 0.98 18.20
CA LEU A 68 27.73 2.15 18.52
C LEU A 68 27.26 2.87 17.25
N THR A 69 28.03 2.77 16.18
CA THR A 69 27.67 3.43 14.92
C THR A 69 26.43 2.79 14.33
N ILE A 70 26.28 1.48 14.50
CA ILE A 70 25.10 0.76 14.03
C ILE A 70 23.92 0.97 14.97
N LEU A 71 24.21 1.23 16.24
CA LEU A 71 23.18 1.66 17.20
C LEU A 71 22.62 3.02 16.80
N ASP A 72 23.31 3.69 15.88
CA ASP A 72 22.89 4.99 15.40
C ASP A 72 22.30 4.93 13.98
N ARG A 73 23.05 4.36 13.04
CA ARG A 73 22.66 4.42 11.62
C ARG A 73 21.93 3.17 11.15
N VAL A 74 21.74 2.20 12.05
CA VAL A 74 21.00 0.99 11.73
C VAL A 74 19.77 0.86 12.63
N VAL A 75 20.02 0.59 13.91
CA VAL A 75 18.94 0.34 14.86
C VAL A 75 18.03 1.55 14.97
N ALA A 76 18.58 2.65 15.49
CA ALA A 76 17.79 3.83 15.79
C ALA A 76 17.29 4.55 14.54
N ARG A 77 17.91 4.27 13.40
CA ARG A 77 17.43 4.83 12.14
C ARG A 77 16.24 4.02 11.64
N CYS A 78 16.44 2.72 11.50
CA CYS A 78 15.40 1.86 10.97
C CYS A 78 14.20 1.77 11.90
N PHE A 79 14.46 1.81 13.21
CA PHE A 79 13.39 1.69 14.19
C PHE A 79 12.42 2.88 14.09
N ARG A 80 12.89 3.98 13.55
CA ARG A 80 12.03 5.13 13.27
C ARG A 80 11.46 5.01 11.87
N ALA A 81 12.33 4.72 10.90
CA ALA A 81 11.90 4.59 9.51
C ALA A 81 10.86 3.50 9.35
N LEU A 82 10.88 2.54 10.25
CA LEU A 82 9.99 1.38 10.21
C LEU A 82 8.73 1.65 11.02
N ALA A 83 8.85 2.57 11.98
CA ALA A 83 7.71 2.97 12.80
C ALA A 83 6.65 3.66 11.97
N ALA A 84 7.04 4.16 10.79
CA ALA A 84 6.09 4.71 9.85
C ALA A 84 5.39 3.58 9.08
N LEU A 85 4.32 3.05 9.67
CA LEU A 85 3.52 2.01 9.02
C LEU A 85 2.58 2.68 8.03
N VAL A 86 1.98 3.79 8.45
CA VAL A 86 1.13 4.61 7.58
C VAL A 86 0.00 3.78 6.97
N THR A 97 4.60 0.32 3.45
CA THR A 97 4.98 -0.73 2.52
C THR A 97 4.94 -2.10 3.20
N THR A 98 5.23 -3.14 2.43
CA THR A 98 5.20 -4.51 2.96
C THR A 98 6.36 -4.75 3.91
N THR A 99 6.32 -4.07 5.06
CA THR A 99 7.27 -4.30 6.13
C THR A 99 6.58 -5.09 7.24
N ALA A 100 7.00 -6.33 7.43
CA ALA A 100 6.35 -7.23 8.36
C ALA A 100 6.57 -6.81 9.81
N PRO A 101 5.83 -7.45 10.75
CA PRO A 101 6.16 -7.31 12.16
C PRO A 101 7.23 -8.32 12.55
N GLU A 102 8.26 -8.43 11.72
CA GLU A 102 9.30 -9.43 11.93
C GLU A 102 10.68 -8.82 11.72
N ASP A 103 10.77 -7.87 10.81
CA ASP A 103 12.02 -7.12 10.64
C ASP A 103 12.12 -6.08 11.75
N LEU A 104 10.98 -5.73 12.34
CA LEU A 104 10.96 -4.95 13.57
C LEU A 104 11.59 -5.79 14.68
N ALA A 105 11.22 -7.07 14.69
CA ALA A 105 11.82 -8.02 15.62
C ALA A 105 13.30 -8.20 15.29
N LEU A 106 13.63 -8.14 14.01
CA LEU A 106 15.01 -8.27 13.60
C LEU A 106 15.82 -7.12 14.19
N ILE A 107 15.35 -5.90 13.98
CA ILE A 107 16.01 -4.72 14.57
C ILE A 107 16.06 -4.83 16.09
N THR A 108 14.97 -5.25 16.70
CA THR A 108 14.96 -5.51 18.14
C THR A 108 16.07 -6.47 18.53
N ALA A 109 16.23 -7.51 17.72
CA ALA A 109 17.23 -8.54 17.98
C ALA A 109 18.64 -8.05 17.68
N ILE A 110 18.78 -7.15 16.71
CA ILE A 110 20.08 -6.55 16.43
C ILE A 110 20.48 -5.69 17.62
N LEU A 111 19.54 -4.90 18.13
CA LEU A 111 19.76 -4.13 19.35
C LEU A 111 20.20 -5.06 20.48
N GLN A 112 19.40 -6.08 20.73
CA GLN A 112 19.74 -7.10 21.72
C GLN A 112 21.14 -7.67 21.47
N ALA A 113 21.49 -7.86 20.20
CA ALA A 113 22.81 -8.37 19.83
C ALA A 113 23.89 -7.33 20.11
N CYS A 114 23.53 -6.06 19.95
CA CYS A 114 24.47 -4.97 20.20
C CYS A 114 24.78 -4.84 21.69
N LEU A 115 23.73 -4.60 22.49
CA LEU A 115 23.90 -4.30 23.91
C LEU A 115 24.62 -5.40 24.68
N SER A 116 24.78 -6.56 24.05
CA SER A 116 25.45 -7.70 24.67
C SER A 116 26.96 -7.72 24.40
N VAL A 117 27.44 -6.76 23.61
CA VAL A 117 28.88 -6.66 23.39
C VAL A 117 29.55 -6.35 24.73
N PRO A 118 30.62 -7.08 25.08
CA PRO A 118 31.21 -6.99 26.43
C PRO A 118 31.68 -5.59 26.85
N GLY A 119 31.70 -4.62 25.94
CA GLY A 119 32.29 -3.31 26.23
C GLY A 119 31.39 -2.11 26.07
N ILE A 120 30.07 -2.27 26.25
CA ILE A 120 29.14 -1.16 26.09
C ILE A 120 28.66 -0.63 27.44
N GLU A 121 28.58 -1.49 28.44
CA GLU A 121 28.15 -1.05 29.76
C GLU A 121 29.07 0.03 30.31
N GLN A 122 30.33 0.01 29.88
CA GLN A 122 31.28 1.07 30.19
C GLN A 122 30.86 2.38 29.53
N CYS A 123 29.99 2.27 28.53
CA CYS A 123 29.57 3.42 27.73
C CYS A 123 28.05 3.54 27.65
N GLN A 124 27.37 3.12 28.72
CA GLN A 124 25.91 3.11 28.76
C GLN A 124 25.31 4.51 28.59
N VAL A 125 26.07 5.52 28.99
CA VAL A 125 25.59 6.89 28.93
C VAL A 125 25.47 7.35 27.48
N GLN A 126 26.31 6.80 26.61
CA GLN A 126 26.36 7.23 25.23
C GLN A 126 25.21 6.62 24.44
N VAL A 127 24.86 5.38 24.80
CA VAL A 127 23.73 4.69 24.18
C VAL A 127 22.47 5.55 24.31
N LEU A 128 22.24 6.08 25.51
CA LEU A 128 21.06 6.91 25.79
C LEU A 128 21.07 8.17 24.94
N ASN A 129 22.26 8.77 24.80
CA ASN A 129 22.39 9.94 23.97
C ASN A 129 22.04 9.60 22.52
N ILE A 130 22.57 8.49 22.04
CA ILE A 130 22.32 8.04 20.66
C ILE A 130 20.85 7.66 20.46
N ALA A 132 18.32 8.64 22.29
CA ALA A 132 17.48 9.81 22.53
C ALA A 132 17.69 10.87 21.45
N ALA A 133 18.86 10.84 20.80
CA ALA A 133 19.10 11.70 19.65
C ALA A 133 18.01 11.44 18.62
N HIS A 134 17.93 10.20 18.15
CA HIS A 134 16.74 9.76 17.43
C HIS A 134 15.62 9.74 18.46
N ASP A 135 14.38 9.90 18.03
CA ASP A 135 13.29 10.02 18.99
C ASP A 135 12.76 8.64 19.39
N VAL A 136 13.67 7.69 19.56
CA VAL A 136 13.31 6.29 19.76
C VAL A 136 12.31 6.05 20.89
N PHE A 137 12.64 6.54 22.08
CA PHE A 137 11.84 6.28 23.27
C PHE A 137 10.37 6.63 23.08
N GLN A 138 10.12 7.84 22.58
CA GLN A 138 8.75 8.28 22.34
C GLN A 138 8.12 7.49 21.21
N VAL A 139 8.90 7.26 20.15
CA VAL A 139 8.40 6.54 18.98
C VAL A 139 7.98 5.13 19.38
N ALA A 140 8.67 4.57 20.36
CA ALA A 140 8.31 3.25 20.86
C ALA A 140 6.93 3.28 21.51
N VAL A 141 6.68 4.32 22.31
CA VAL A 141 5.41 4.47 23.01
C VAL A 141 4.30 4.83 22.02
N ALA A 142 4.63 5.60 21.00
CA ALA A 142 3.69 5.92 19.94
C ALA A 142 3.29 4.61 19.28
N LEU A 143 4.30 3.93 18.76
CA LEU A 143 4.15 2.61 18.15
C LEU A 143 3.35 1.66 19.02
N PHE A 144 3.63 1.67 20.32
CA PHE A 144 2.98 0.77 21.26
C PHE A 144 1.45 0.85 21.22
N SER A 145 0.92 2.04 20.96
CA SER A 145 -0.51 2.29 21.02
C SER A 145 -1.24 1.71 19.81
N TRP A 146 -0.46 1.53 18.75
CA TRP A 146 -0.98 1.28 17.42
C TRP A 146 -1.20 -0.21 17.12
N ALA A 147 -0.73 -1.06 18.02
CA ALA A 147 -0.90 -2.51 17.89
C ALA A 147 -2.34 -3.00 17.82
N ASP A 148 -3.22 -2.47 18.65
CA ASP A 148 -4.61 -2.92 18.68
C ASP A 148 -5.54 -1.98 17.90
N SER A 171 -6.61 -8.24 14.55
CA SER A 171 -7.43 -9.42 14.76
C SER A 171 -7.42 -9.86 16.22
N GLY A 172 -7.46 -8.87 17.12
CA GLY A 172 -7.56 -9.14 18.54
C GLY A 172 -6.25 -9.38 19.27
N ASP A 173 -5.12 -9.36 18.55
CA ASP A 173 -3.82 -9.62 19.15
C ASP A 173 -2.84 -8.44 19.00
N PRO A 174 -2.06 -8.15 20.05
CA PRO A 174 -1.11 -7.03 20.05
C PRO A 174 0.29 -7.42 19.56
N VAL A 175 0.40 -7.73 18.27
CA VAL A 175 1.67 -8.17 17.70
C VAL A 175 2.75 -7.10 17.89
N TYR A 176 2.47 -5.90 17.40
CA TYR A 176 3.42 -4.79 17.48
C TYR A 176 3.64 -4.33 18.91
N GLY A 177 2.63 -4.51 19.75
CA GLY A 177 2.73 -4.12 21.15
C GLY A 177 3.86 -4.85 21.85
N GLU A 178 3.79 -6.18 21.81
CA GLU A 178 4.80 -7.02 22.44
C GLU A 178 6.19 -6.66 21.89
N LEU A 179 6.24 -6.30 20.62
CA LEU A 179 7.49 -5.90 19.99
C LEU A 179 8.05 -4.60 20.54
N ALA A 180 7.26 -3.53 20.49
CA ALA A 180 7.69 -2.24 21.01
C ALA A 180 8.09 -2.36 22.48
N LEU A 181 7.32 -3.16 23.23
CA LEU A 181 7.64 -3.39 24.62
C LEU A 181 8.94 -4.17 24.80
N LEU A 182 9.14 -5.21 23.99
CA LEU A 182 10.39 -5.99 24.03
C LEU A 182 11.59 -5.12 23.66
N PHE A 183 11.39 -4.23 22.70
CA PHE A 183 12.41 -3.26 22.31
C PHE A 183 12.75 -2.34 23.47
N LEU A 184 11.74 -1.65 24.00
CA LEU A 184 11.93 -0.78 25.15
C LEU A 184 12.50 -1.56 26.31
N LEU A 185 12.14 -2.83 26.40
CA LEU A 185 12.65 -3.70 27.44
C LEU A 185 14.13 -3.96 27.20
N GLU A 186 14.51 -4.14 25.93
CA GLU A 186 15.91 -4.35 25.61
C GLU A 186 16.74 -3.10 25.88
N LEU A 187 16.16 -1.92 25.64
CA LEU A 187 16.82 -0.67 26.02
C LEU A 187 17.03 -0.63 27.53
N SER A 188 15.95 -0.86 28.26
CA SER A 188 15.94 -0.75 29.71
C SER A 188 16.77 -1.84 30.39
N ALA A 189 17.33 -2.75 29.60
CA ALA A 189 18.17 -3.81 30.16
C ALA A 189 19.27 -3.21 31.03
N LEU A 190 19.75 -2.04 30.62
CA LEU A 190 20.75 -1.29 31.37
C LEU A 190 20.12 -0.06 32.02
N PRO A 191 20.50 0.27 33.27
CA PRO A 191 19.82 1.32 34.04
C PRO A 191 19.78 2.71 33.40
N ALA A 192 20.80 3.05 32.61
CA ALA A 192 20.93 4.39 32.06
C ALA A 192 19.73 4.79 31.20
N LEU A 193 19.18 3.84 30.44
CA LEU A 193 18.05 4.11 29.57
C LEU A 193 16.73 3.89 30.31
N ALA A 194 16.71 2.94 31.24
CA ALA A 194 15.55 2.72 32.08
C ALA A 194 15.25 4.00 32.85
N GLU A 195 16.31 4.67 33.29
CA GLU A 195 16.20 5.96 33.94
C GLU A 195 15.44 6.94 33.06
N HIS A 196 15.85 7.06 31.80
CA HIS A 196 15.20 7.97 30.87
C HIS A 196 13.78 7.53 30.58
N LEU A 197 13.54 6.21 30.60
CA LEU A 197 12.20 5.70 30.41
C LEU A 197 11.29 6.17 31.54
N ALA A 198 11.64 5.82 32.77
CA ALA A 198 10.83 6.21 33.92
C ALA A 198 10.70 7.73 34.01
N CYS A 199 11.80 8.42 33.72
CA CYS A 199 11.82 9.87 33.75
C CYS A 199 10.91 10.46 32.67
N ASP A 200 10.91 9.84 31.49
CA ASP A 200 10.06 10.27 30.40
C ASP A 200 8.61 9.88 30.70
N GLY A 201 8.44 8.93 31.60
CA GLY A 201 7.12 8.53 32.05
C GLY A 201 6.51 7.48 31.16
N LEU A 202 7.17 6.32 31.08
CA LEU A 202 6.66 5.22 30.27
C LEU A 202 5.38 4.67 30.90
N LEU A 203 5.44 4.38 32.20
CA LEU A 203 4.32 3.79 32.91
C LEU A 203 3.05 4.62 32.82
N GLY A 204 3.21 5.94 32.77
CA GLY A 204 2.08 6.83 32.60
C GLY A 204 1.45 6.70 31.22
N HIS A 205 2.28 6.66 30.19
CA HIS A 205 1.81 6.56 28.80
C HIS A 205 1.37 5.14 28.47
N LEU A 206 1.89 4.18 29.23
CA LEU A 206 1.61 2.77 29.00
C LEU A 206 0.34 2.32 29.72
N ALA A 207 0.22 2.67 31.00
CA ALA A 207 -0.92 2.22 31.81
C ALA A 207 -2.24 2.77 31.29
N ALA A 208 -2.18 3.90 30.60
CA ALA A 208 -3.38 4.53 30.05
C ALA A 208 -3.77 3.94 28.70
N ALA A 209 -2.89 3.12 28.13
CA ALA A 209 -3.13 2.55 26.80
C ALA A 209 -4.15 1.44 26.84
N ARG A 210 -4.85 1.26 25.72
CA ARG A 210 -5.90 0.25 25.62
C ARG A 210 -5.32 -1.14 25.84
N LEU A 211 -4.03 -1.29 25.56
CA LEU A 211 -3.32 -2.54 25.78
C LEU A 211 -3.53 -3.03 27.22
N ALA A 212 -3.65 -2.09 28.14
CA ALA A 212 -3.89 -2.43 29.53
C ALA A 212 -5.24 -3.13 29.69
N GLY A 213 -6.17 -2.81 28.79
CA GLY A 213 -7.52 -3.35 28.85
C GLY A 213 -7.62 -4.86 28.85
N TYR A 214 -7.13 -5.49 27.78
CA TYR A 214 -7.20 -6.94 27.64
C TYR A 214 -6.46 -7.65 28.77
N ARG A 216 -6.36 -6.58 31.75
CA ARG A 216 -7.20 -6.42 32.94
C ARG A 216 -8.48 -7.24 32.86
N ARG A 217 -8.66 -7.97 31.76
CA ARG A 217 -9.87 -8.77 31.55
C ARG A 217 -9.65 -10.24 31.88
N THR A 218 -10.58 -10.82 32.62
CA THR A 218 -10.50 -12.21 33.04
C THR A 218 -10.66 -13.15 31.85
N ASN A 219 -9.65 -13.17 30.99
CA ASN A 219 -9.60 -14.06 29.85
C ASN A 219 -8.16 -14.23 29.37
N VAL A 220 -7.24 -14.11 30.33
CA VAL A 220 -5.81 -14.02 30.04
C VAL A 220 -5.04 -15.07 30.81
N GLY A 221 -3.98 -15.59 30.18
CA GLY A 221 -3.12 -16.57 30.83
C GLY A 221 -2.11 -17.17 29.87
N PRO A 222 -1.24 -18.06 30.38
CA PRO A 222 -0.26 -18.75 29.55
C PRO A 222 -0.94 -19.63 28.51
N PHE A 223 -1.88 -20.44 28.99
CA PHE A 223 -2.62 -21.37 28.15
C PHE A 223 -4.03 -20.83 27.90
N ALA A 224 -4.18 -20.02 26.87
CA ALA A 224 -5.46 -19.43 26.52
C ALA A 224 -6.02 -20.01 25.22
N GLU A 225 -7.24 -19.62 24.87
CA GLU A 225 -7.88 -20.08 23.64
C GLU A 225 -7.32 -19.34 22.42
N ASN A 226 -7.82 -18.14 22.17
CA ASN A 226 -7.36 -17.34 21.04
C ASN A 226 -5.94 -16.84 21.28
N ALA A 227 -5.32 -16.32 20.23
CA ALA A 227 -3.94 -15.85 20.31
C ALA A 227 -3.81 -14.62 21.21
N GLY A 228 -4.50 -13.55 20.84
CA GLY A 228 -4.38 -12.25 21.49
C GLY A 228 -4.33 -12.30 23.00
N ALA A 229 -5.07 -13.23 23.60
CA ALA A 229 -5.07 -13.39 25.04
C ALA A 229 -3.76 -13.99 25.51
N ALA A 230 -3.34 -15.07 24.86
CA ALA A 230 -2.09 -15.74 25.20
C ALA A 230 -0.92 -14.77 25.03
N ARG A 231 -0.97 -13.99 23.96
CA ARG A 231 0.06 -12.98 23.73
C ARG A 231 -0.07 -11.87 24.76
N CYS A 232 -1.31 -11.50 25.08
CA CYS A 232 -1.58 -10.47 26.07
C CYS A 232 -0.97 -10.85 27.43
N TYR A 233 -1.04 -12.14 27.76
CA TYR A 233 -0.35 -12.65 28.94
C TYR A 233 1.15 -12.64 28.72
N ALA A 234 1.58 -13.14 27.57
CA ALA A 234 3.00 -13.21 27.23
C ALA A 234 3.64 -11.85 27.40
N ILE A 235 2.88 -10.80 27.13
CA ILE A 235 3.34 -9.45 27.38
C ILE A 235 3.56 -9.24 28.87
N TRP A 236 2.55 -9.56 29.68
CA TRP A 236 2.66 -9.44 31.13
C TRP A 236 3.86 -10.20 31.66
N ALA A 237 4.08 -11.39 31.13
CA ALA A 237 5.16 -12.24 31.62
C ALA A 237 6.52 -11.78 31.12
N LYS A 238 6.59 -11.39 29.85
CA LYS A 238 7.87 -11.16 29.18
C LYS A 238 8.27 -9.70 29.07
N CYS A 239 7.34 -8.77 29.32
CA CYS A 239 7.62 -7.33 29.16
C CYS A 239 7.57 -6.57 30.49
N LEU A 240 6.37 -6.33 31.03
CA LEU A 240 6.23 -5.56 32.26
C LEU A 240 7.13 -6.08 33.37
N LEU A 241 6.78 -7.27 33.88
CA LEU A 241 7.47 -7.85 35.02
C LEU A 241 9.00 -7.74 34.93
N PRO A 242 9.57 -8.07 33.76
CA PRO A 242 11.02 -7.83 33.62
C PRO A 242 11.37 -6.37 33.34
N LEU A 243 10.44 -5.59 32.79
CA LEU A 243 10.70 -4.17 32.55
C LEU A 243 10.64 -3.38 33.86
N LEU A 244 9.72 -3.77 34.74
CA LEU A 244 9.59 -3.13 36.05
C LEU A 244 10.90 -3.27 36.80
N LEU A 245 11.45 -4.48 36.80
CA LEU A 245 12.67 -4.77 37.56
C LEU A 245 13.88 -3.99 37.02
N ASN A 246 13.79 -3.54 35.78
CA ASN A 246 14.86 -2.77 35.17
C ASN A 246 14.80 -1.31 35.56
N ILE A 247 13.61 -0.74 35.57
CA ILE A 247 13.41 0.63 36.01
C ILE A 247 13.48 0.71 37.54
N LEU A 248 13.37 -0.44 38.20
CA LEU A 248 13.51 -0.51 39.65
C LEU A 248 14.98 -0.36 40.04
N ALA A 249 15.86 -0.84 39.16
CA ALA A 249 17.31 -0.81 39.40
C ALA A 249 17.90 0.58 39.22
N ALA A 250 17.03 1.57 39.05
CA ALA A 250 17.44 2.97 39.02
C ALA A 250 16.73 3.73 40.13
N LEU A 251 17.21 3.55 41.35
CA LEU A 251 16.59 4.13 42.54
C LEU A 251 15.11 3.75 42.58
N GLY A 252 14.84 2.51 42.96
CA GLY A 252 13.49 1.97 42.95
C GLY A 252 12.50 2.75 43.79
N SER A 253 12.96 3.25 44.94
CA SER A 253 12.10 3.97 45.87
C SER A 253 11.35 5.12 45.18
N THR A 254 12.07 5.87 44.34
CA THR A 254 11.48 6.99 43.62
C THR A 254 10.36 6.52 42.69
N VAL A 255 10.61 5.43 41.99
CA VAL A 255 9.67 4.90 41.01
C VAL A 255 8.84 3.77 41.61
N ALA A 256 9.11 3.42 42.87
CA ALA A 256 8.36 2.39 43.57
C ALA A 256 6.86 2.65 43.48
N PRO A 257 6.43 3.90 43.69
CA PRO A 257 5.01 4.23 43.50
C PRO A 257 4.50 3.78 42.13
N GLU A 258 5.23 4.11 41.07
CA GLU A 258 4.78 3.77 39.72
C GLU A 258 4.65 2.27 39.53
N VAL A 259 5.71 1.53 39.85
CA VAL A 259 5.71 0.09 39.63
C VAL A 259 4.60 -0.57 40.45
N ALA A 260 4.45 -0.14 41.71
CA ALA A 260 3.38 -0.68 42.54
C ALA A 260 2.03 -0.27 41.96
N TRP A 261 1.95 0.96 41.45
CA TRP A 261 0.71 1.50 40.89
C TRP A 261 0.25 0.66 39.70
N VAL A 262 1.16 0.45 38.74
CA VAL A 262 0.84 -0.34 37.57
C VAL A 262 0.58 -1.79 37.96
N LEU A 263 1.43 -2.33 38.85
CA LEU A 263 1.25 -3.69 39.34
C LEU A 263 -0.15 -3.87 39.93
N ASN A 264 -0.62 -2.86 40.65
CA ASN A 264 -1.95 -2.91 41.25
C ASN A 264 -3.08 -2.67 40.25
N GLN A 265 -2.75 -2.06 39.10
CA GLN A 265 -3.76 -1.79 38.07
C GLN A 265 -4.08 -3.04 37.25
N PHE A 266 -3.35 -4.12 37.52
CA PHE A 266 -3.63 -5.41 36.89
C PHE A 266 -3.85 -6.47 37.96
N PRO A 267 -4.89 -6.27 38.80
CA PRO A 267 -5.12 -7.16 39.94
C PRO A 267 -5.44 -8.59 39.53
N ASN A 268 -6.25 -8.74 38.48
CA ASN A 268 -6.63 -10.05 37.98
C ASN A 268 -5.42 -10.94 37.72
N LEU A 269 -4.39 -10.36 37.13
CA LEU A 269 -3.17 -11.10 36.83
C LEU A 269 -2.47 -11.53 38.11
N LEU A 270 -2.52 -10.67 39.13
CA LEU A 270 -1.92 -10.99 40.42
C LEU A 270 -2.68 -12.12 41.10
N GLN A 271 -4.01 -11.98 41.11
CA GLN A 271 -4.87 -13.00 41.72
C GLN A 271 -4.75 -14.30 40.94
N SER A 272 -4.50 -14.19 39.64
CA SER A 272 -4.27 -15.36 38.82
C SER A 272 -2.88 -15.95 39.09
N SER A 273 -1.90 -15.06 39.25
CA SER A 273 -0.49 -15.47 39.32
C SER A 273 -0.22 -16.46 40.44
N VAL A 274 -0.94 -16.31 41.56
CA VAL A 274 -0.75 -17.18 42.71
C VAL A 274 -1.60 -18.43 42.60
N GLU A 275 -2.80 -18.27 42.04
CA GLU A 275 -3.73 -19.38 41.90
C GLU A 275 -3.59 -20.10 40.57
N ARG A 276 -2.56 -19.74 39.80
CA ARG A 276 -2.22 -20.49 38.58
C ARG A 276 -1.57 -21.81 38.96
N ILE A 277 -0.66 -21.74 39.93
CA ILE A 277 -0.03 -22.95 40.46
C ILE A 277 -0.68 -23.35 41.78
N SER A 300 3.97 -24.10 32.69
CA SER A 300 4.99 -23.55 31.79
C SER A 300 6.00 -22.70 32.55
N LEU A 301 7.00 -22.20 31.83
CA LEU A 301 8.11 -21.47 32.44
C LEU A 301 7.78 -20.00 32.71
N LEU A 302 7.00 -19.40 31.81
CA LEU A 302 6.58 -18.01 31.98
C LEU A 302 5.85 -17.86 33.30
N GLU A 303 5.10 -18.89 33.66
CA GLU A 303 4.39 -18.91 34.94
C GLU A 303 5.39 -18.84 36.09
N ILE A 304 6.55 -19.44 35.89
CA ILE A 304 7.58 -19.45 36.92
C ILE A 304 8.27 -18.09 36.96
N SER A 305 8.59 -17.55 35.79
CA SER A 305 9.18 -16.21 35.72
C SER A 305 8.18 -15.16 36.21
N GLU A 306 6.89 -15.47 36.10
CA GLU A 306 5.84 -14.59 36.59
C GLU A 306 5.83 -14.55 38.11
N ILE A 307 6.05 -15.72 38.72
CA ILE A 307 6.12 -15.82 40.17
C ILE A 307 7.59 -15.83 40.61
N HIS A 308 8.41 -15.08 39.87
CA HIS A 308 9.78 -14.79 40.27
C HIS A 308 10.00 -13.28 40.22
N SER A 309 9.33 -12.63 39.27
CA SER A 309 9.36 -11.18 39.16
C SER A 309 8.47 -10.57 40.23
N LEU A 310 7.23 -11.03 40.30
CA LEU A 310 6.30 -10.61 41.34
C LEU A 310 6.79 -11.08 42.70
N ALA A 311 7.59 -12.13 42.70
CA ALA A 311 8.16 -12.68 43.93
C ALA A 311 9.31 -11.82 44.44
N LEU A 312 9.65 -10.78 43.68
CA LEU A 312 10.70 -9.84 44.08
C LEU A 312 10.25 -8.39 43.92
N LEU A 313 9.14 -8.17 43.22
CA LEU A 313 8.64 -6.82 42.99
C LEU A 313 7.90 -6.26 44.22
N THR A 314 7.45 -7.16 45.10
CA THR A 314 6.76 -6.76 46.33
C THR A 314 7.64 -6.94 47.56
N ARG A 315 8.77 -7.62 47.39
CA ARG A 315 9.70 -7.83 48.49
C ARG A 315 10.56 -6.60 48.70
N VAL A 316 10.98 -5.95 47.61
CA VAL A 316 11.76 -4.73 47.68
C VAL A 316 10.93 -3.62 48.32
N LEU A 317 9.64 -3.62 48.03
CA LEU A 317 8.72 -2.64 48.58
C LEU A 317 8.54 -2.86 50.09
N ALA A 318 8.88 -4.06 50.56
CA ALA A 318 8.75 -4.40 51.97
C ALA A 318 10.01 -4.05 52.77
N ALA A 319 10.83 -3.16 52.24
CA ALA A 319 12.07 -2.75 52.92
C ALA A 319 12.46 -1.32 52.60
N CYS A 320 11.50 -0.53 52.10
CA CYS A 320 11.75 0.87 51.76
C CYS A 320 10.73 1.78 52.41
N ASP A 327 4.80 6.24 50.97
CA ASP A 327 4.12 7.42 50.45
C ASP A 327 3.36 7.07 49.17
N VAL A 328 3.18 5.76 48.95
CA VAL A 328 2.51 5.25 47.76
C VAL A 328 1.85 3.92 48.12
N PRO A 329 0.70 3.60 47.49
CA PRO A 329 -0.04 2.37 47.78
C PRO A 329 0.81 1.10 47.77
N GLU A 330 0.30 0.06 48.41
CA GLU A 330 1.05 -1.17 48.64
C GLU A 330 0.80 -2.23 47.57
N VAL A 331 1.44 -3.39 47.72
CA VAL A 331 1.26 -4.49 46.78
C VAL A 331 0.02 -5.30 47.11
N THR A 332 -0.98 -5.21 46.24
CA THR A 332 -2.24 -5.93 46.44
C THR A 332 -2.11 -7.39 46.00
N TRP A 333 -1.06 -8.04 46.47
CA TRP A 333 -0.82 -9.43 46.13
C TRP A 333 -0.78 -10.30 47.34
N ASP A 334 -1.03 -11.58 47.16
CA ASP A 334 -1.03 -12.54 48.27
C ASP A 334 0.14 -13.51 48.16
N GLY A 335 1.35 -12.99 48.30
CA GLY A 335 2.56 -13.81 48.21
C GLY A 335 2.66 -14.82 49.33
N ALA A 336 1.55 -15.03 50.04
CA ALA A 336 1.51 -15.98 51.15
C ALA A 336 1.39 -17.41 50.65
N LYS A 337 0.40 -17.64 49.79
CA LYS A 337 0.17 -18.97 49.23
C LYS A 337 1.38 -19.47 48.45
N VAL A 338 2.22 -18.53 48.00
CA VAL A 338 3.34 -18.85 47.13
C VAL A 338 4.35 -19.78 47.79
N LEU A 339 4.79 -19.43 49.00
CA LEU A 339 5.80 -20.20 49.70
C LEU A 339 5.40 -21.67 49.82
N GLU A 340 4.14 -21.91 50.15
CA GLU A 340 3.61 -23.27 50.26
C GLU A 340 3.03 -23.74 48.92
N CYS A 341 3.36 -23.02 47.85
CA CYS A 341 2.95 -23.40 46.49
C CYS A 341 4.18 -23.83 45.70
N VAL A 342 5.36 -23.42 46.16
CA VAL A 342 6.61 -23.84 45.55
C VAL A 342 6.95 -25.27 45.99
N GLU A 343 6.86 -25.53 47.29
CA GLU A 343 7.20 -26.85 47.82
C GLU A 343 6.30 -27.94 47.26
N TYR A 344 5.06 -27.58 46.93
CA TYR A 344 4.13 -28.51 46.30
C TYR A 344 4.67 -29.00 44.97
N TRP A 345 5.09 -28.06 44.13
CA TRP A 345 5.55 -28.36 42.78
C TRP A 345 7.07 -28.19 42.68
N LEU A 346 7.80 -28.88 43.54
CA LEU A 346 9.26 -28.88 43.50
C LEU A 346 9.78 -30.27 43.83
N ARG A 347 9.80 -30.59 45.12
CA ARG A 347 10.32 -31.86 45.58
C ARG A 347 9.48 -33.01 45.02
N GLY A 348 10.16 -33.99 44.44
CA GLY A 348 9.51 -35.11 43.80
C GLY A 348 9.93 -35.20 42.35
N ARG A 349 10.03 -34.04 41.70
CA ARG A 349 10.45 -33.93 40.29
C ARG A 349 9.85 -35.01 39.40
N LYS A 350 8.63 -35.44 39.73
CA LYS A 350 7.93 -36.47 38.99
C LYS A 350 6.58 -35.94 38.53
N VAL A 351 5.88 -35.28 39.44
CA VAL A 351 4.61 -34.65 39.12
C VAL A 351 4.83 -33.49 38.15
N LEU A 352 6.06 -32.97 38.13
CA LEU A 352 6.41 -31.83 37.29
C LEU A 352 6.55 -32.21 35.81
N ARG A 353 6.38 -33.50 35.51
CA ARG A 353 6.56 -33.99 34.14
C ARG A 353 5.32 -33.82 33.27
N GLU A 354 4.54 -32.77 33.52
CA GLU A 354 3.36 -32.49 32.69
C GLU A 354 3.12 -30.98 32.53
N ARG A 355 4.09 -30.17 32.94
CA ARG A 355 4.01 -28.72 32.79
C ARG A 355 2.80 -28.13 33.52
N ASN A 388 15.52 -33.13 31.54
CA ASN A 388 15.15 -32.54 30.26
C ASN A 388 15.44 -31.04 30.25
N ARG A 389 14.96 -30.37 29.20
CA ARG A 389 15.15 -28.93 29.06
C ARG A 389 14.23 -28.17 30.00
N LEU A 390 12.98 -28.62 30.10
CA LEU A 390 11.96 -27.90 30.85
C LEU A 390 11.87 -28.40 32.29
N GLU A 391 13.01 -28.69 32.90
CA GLU A 391 13.06 -29.06 34.31
C GLU A 391 14.34 -28.58 34.98
N GLU A 392 15.49 -28.93 34.40
CA GLU A 392 16.78 -28.53 34.96
C GLU A 392 16.85 -27.02 35.12
N LYS A 393 16.57 -26.30 34.03
CA LYS A 393 16.54 -24.85 34.05
C LYS A 393 15.22 -24.35 34.62
N ALA A 394 14.15 -25.10 34.35
CA ALA A 394 12.81 -24.71 34.78
C ALA A 394 12.65 -24.76 36.29
N VAL A 395 12.84 -25.96 36.86
CA VAL A 395 12.73 -26.14 38.30
C VAL A 395 13.80 -25.32 39.01
N GLY A 396 14.84 -24.95 38.29
CA GLY A 396 15.94 -24.17 38.85
C GLY A 396 15.55 -22.78 39.33
N LEU A 397 14.60 -22.16 38.63
CA LEU A 397 14.17 -20.81 38.98
C LEU A 397 13.48 -20.80 40.34
N LEU A 398 12.47 -21.65 40.50
CA LEU A 398 11.68 -21.67 41.73
C LEU A 398 12.52 -22.05 42.96
N VAL A 399 13.77 -22.44 42.74
CA VAL A 399 14.70 -22.64 43.84
C VAL A 399 14.99 -21.29 44.50
N GLY A 400 15.01 -20.24 43.69
CA GLY A 400 15.32 -18.92 44.18
C GLY A 400 14.13 -18.20 44.80
N VAL A 401 12.94 -18.49 44.27
CA VAL A 401 11.71 -17.86 44.74
C VAL A 401 11.51 -18.13 46.24
N ARG A 402 11.58 -19.41 46.61
CA ARG A 402 11.34 -19.84 47.98
C ARG A 402 12.64 -19.82 48.78
N GLU A 403 13.35 -18.70 48.74
CA GLU A 403 14.54 -18.50 49.55
C GLU A 403 14.60 -17.08 50.09
N VAL A 404 14.22 -16.13 49.24
CA VAL A 404 14.28 -14.72 49.59
C VAL A 404 12.96 -14.27 50.21
N LEU A 405 11.89 -14.99 49.89
CA LEU A 405 10.55 -14.65 50.36
C LEU A 405 10.17 -15.38 51.65
N GLU A 406 11.08 -16.20 52.18
CA GLU A 406 10.80 -16.95 53.40
C GLU A 406 10.55 -16.00 54.57
N PRO B 6 -42.17 -8.60 -40.98
CA PRO B 6 -41.43 -9.61 -40.23
C PRO B 6 -42.29 -10.30 -39.20
N ARG B 7 -42.90 -11.43 -39.57
CA ARG B 7 -43.83 -12.10 -38.67
C ARG B 7 -43.84 -13.63 -38.84
N ASP B 8 -43.71 -14.10 -40.07
CA ASP B 8 -43.78 -15.52 -40.35
C ASP B 8 -42.40 -16.11 -40.63
N VAL B 9 -42.32 -17.45 -40.65
CA VAL B 9 -41.07 -18.13 -40.93
C VAL B 9 -40.57 -17.80 -42.34
N THR B 10 -41.49 -17.79 -43.32
CA THR B 10 -41.11 -17.61 -44.71
C THR B 10 -41.14 -16.13 -45.13
N HIS B 11 -42.03 -15.35 -44.53
CA HIS B 11 -42.13 -13.93 -44.85
C HIS B 11 -40.93 -13.16 -44.30
N LEU B 12 -40.45 -13.58 -43.13
CA LEU B 12 -39.30 -12.94 -42.50
C LEU B 12 -38.03 -13.18 -43.31
N LEU B 13 -38.00 -14.28 -44.05
CA LEU B 13 -36.79 -14.67 -44.77
C LEU B 13 -36.66 -13.94 -46.10
N ALA B 14 -37.81 -13.56 -46.67
CA ALA B 14 -37.82 -12.90 -47.98
C ALA B 14 -37.41 -11.43 -47.90
N LEU B 15 -37.79 -10.78 -46.81
CA LEU B 15 -37.55 -9.34 -46.67
C LEU B 15 -36.09 -9.02 -46.34
N VAL B 16 -35.43 -9.91 -45.62
CA VAL B 16 -34.01 -9.75 -45.35
C VAL B 16 -33.25 -9.85 -46.67
N SER B 17 -33.75 -10.71 -47.55
CA SER B 17 -33.19 -10.83 -48.89
C SER B 17 -33.63 -9.64 -49.74
N SER B 18 -34.85 -9.13 -49.48
CA SER B 18 -35.29 -7.91 -50.15
C SER B 18 -34.34 -6.78 -49.76
N ALA B 19 -33.81 -6.85 -48.55
CA ALA B 19 -32.77 -5.92 -48.13
C ALA B 19 -31.44 -6.31 -48.77
N ILE B 20 -31.16 -7.61 -48.85
CA ILE B 20 -29.90 -8.10 -49.44
C ILE B 20 -29.89 -7.88 -50.95
N HIS B 21 -31.05 -7.64 -51.54
CA HIS B 21 -31.15 -7.34 -52.97
C HIS B 21 -30.98 -5.84 -53.20
N ALA B 22 -31.46 -5.04 -52.26
CA ALA B 22 -31.38 -3.59 -52.36
C ALA B 22 -29.95 -3.08 -52.16
N VAL B 23 -29.03 -4.00 -51.89
CA VAL B 23 -27.63 -3.65 -51.71
C VAL B 23 -27.07 -2.94 -52.94
N GLU B 24 -26.12 -2.04 -52.69
CA GLU B 24 -25.52 -1.23 -53.74
C GLU B 24 -24.25 -1.88 -54.27
N ASN B 25 -23.29 -2.11 -53.37
CA ASN B 25 -22.04 -2.75 -53.73
C ASN B 25 -21.45 -3.46 -52.51
N PRO B 26 -21.99 -4.65 -52.18
CA PRO B 26 -21.53 -5.47 -51.06
C PRO B 26 -20.01 -5.61 -51.03
N PHE B 27 -19.46 -5.82 -49.83
CA PHE B 27 -18.02 -5.91 -49.62
C PHE B 27 -17.32 -4.61 -50.00
N GLY B 28 -18.11 -3.54 -50.14
CA GLY B 28 -17.57 -2.20 -50.30
C GLY B 28 -17.26 -1.65 -48.93
N ALA B 29 -16.03 -1.17 -48.75
CA ALA B 29 -15.51 -0.75 -47.45
C ALA B 29 -16.47 0.13 -46.65
N ASN B 30 -17.37 0.83 -47.34
CA ASN B 30 -18.33 1.71 -46.69
C ASN B 30 -19.58 0.97 -46.21
N ASP B 31 -20.23 0.27 -47.13
CA ASP B 31 -21.47 -0.42 -46.82
C ASP B 31 -21.26 -1.92 -46.54
N LEU B 32 -20.03 -2.29 -46.22
CA LEU B 32 -19.70 -3.67 -45.87
C LEU B 32 -20.24 -4.08 -44.49
N PRO B 33 -19.90 -3.31 -43.44
CA PRO B 33 -20.29 -3.75 -42.09
C PRO B 33 -21.80 -3.92 -41.93
N TYR B 34 -22.57 -3.19 -42.71
CA TYR B 34 -24.02 -3.34 -42.72
C TYR B 34 -24.42 -4.61 -43.46
N PHE B 35 -23.73 -4.87 -44.57
CA PHE B 35 -23.96 -6.10 -45.35
C PHE B 35 -23.68 -7.33 -44.50
N ARG B 36 -22.63 -7.26 -43.69
CA ARG B 36 -22.34 -8.34 -42.74
C ARG B 36 -23.52 -8.60 -41.80
N THR B 37 -24.01 -7.55 -41.15
CA THR B 37 -25.14 -7.69 -40.24
C THR B 37 -26.33 -8.29 -40.97
N LEU B 38 -26.61 -7.78 -42.17
CA LEU B 38 -27.68 -8.36 -42.97
C LEU B 38 -27.46 -9.86 -43.14
N LEU B 39 -26.26 -10.25 -43.55
CA LEU B 39 -25.94 -11.65 -43.76
C LEU B 39 -26.18 -12.46 -42.49
N LYS B 40 -25.74 -11.92 -41.35
CA LYS B 40 -25.91 -12.63 -40.09
C LYS B 40 -27.39 -12.77 -39.75
N ILE B 41 -28.18 -11.73 -40.04
CA ILE B 41 -29.62 -11.83 -39.87
C ILE B 41 -30.17 -12.94 -40.75
N LEU B 42 -29.76 -12.94 -42.02
CA LEU B 42 -30.18 -13.97 -42.96
C LEU B 42 -29.86 -15.37 -42.42
N PHE B 43 -28.66 -15.50 -41.86
CA PHE B 43 -28.24 -16.76 -41.25
C PHE B 43 -29.14 -17.15 -40.09
N VAL B 44 -29.33 -16.24 -39.14
CA VAL B 44 -30.18 -16.50 -37.97
C VAL B 44 -31.57 -16.94 -38.42
N VAL B 45 -32.15 -16.24 -39.38
CA VAL B 45 -33.46 -16.62 -39.90
C VAL B 45 -33.39 -18.04 -40.47
N LEU B 46 -32.48 -18.25 -41.42
CA LEU B 46 -32.36 -19.54 -42.10
C LEU B 46 -32.16 -20.71 -41.13
N ARG B 47 -31.32 -20.53 -40.13
CA ARG B 47 -31.06 -21.58 -39.15
C ARG B 47 -32.33 -21.96 -38.40
N ALA B 48 -33.16 -20.95 -38.16
CA ALA B 48 -34.43 -21.14 -37.46
C ALA B 48 -35.60 -21.19 -38.43
N ALA B 49 -35.29 -21.22 -39.73
CA ALA B 49 -36.29 -21.37 -40.78
C ALA B 49 -36.44 -22.84 -41.17
N LYS B 50 -36.00 -23.72 -40.28
CA LYS B 50 -36.09 -25.16 -40.50
C LYS B 50 -37.39 -25.70 -39.89
N GLN B 51 -38.48 -24.96 -40.12
CA GLN B 51 -39.80 -25.33 -39.59
C GLN B 51 -39.77 -25.46 -38.08
N ILE B 63 -42.25 -22.18 -51.08
CA ILE B 63 -41.55 -21.93 -49.82
C ILE B 63 -40.06 -22.22 -49.98
N THR B 64 -39.74 -23.38 -50.55
CA THR B 64 -38.37 -23.73 -50.88
C THR B 64 -37.84 -22.82 -51.98
N GLN B 65 -38.75 -22.27 -52.79
CA GLN B 65 -38.36 -21.35 -53.85
C GLN B 65 -37.88 -20.02 -53.26
N GLN B 66 -37.92 -19.91 -51.93
CA GLN B 66 -37.39 -18.75 -51.24
C GLN B 66 -35.91 -18.93 -50.89
N VAL B 67 -35.59 -20.07 -50.29
CA VAL B 67 -34.22 -20.36 -49.88
C VAL B 67 -33.32 -20.59 -51.09
N LEU B 68 -33.92 -20.81 -52.26
CA LEU B 68 -33.14 -21.01 -53.49
C LEU B 68 -32.72 -19.69 -54.13
N THR B 69 -33.52 -18.62 -53.93
CA THR B 69 -33.19 -17.32 -54.51
C THR B 69 -31.94 -16.75 -53.85
N ILE B 70 -31.78 -17.03 -52.56
CA ILE B 70 -30.60 -16.59 -51.82
C ILE B 70 -29.40 -17.49 -52.13
N LEU B 71 -29.69 -18.75 -52.49
CA LEU B 71 -28.65 -19.64 -53.00
C LEU B 71 -28.14 -19.13 -54.34
N ASP B 72 -28.85 -18.17 -54.93
CA ASP B 72 -28.47 -17.60 -56.20
C ASP B 72 -27.91 -16.17 -56.05
N ARG B 73 -28.65 -15.29 -55.39
CA ARG B 73 -28.28 -13.88 -55.34
C ARG B 73 -27.52 -13.48 -54.08
N VAL B 74 -27.27 -14.43 -53.19
CA VAL B 74 -26.50 -14.17 -51.98
C VAL B 74 -25.25 -15.04 -51.96
N VAL B 75 -25.44 -16.35 -51.77
CA VAL B 75 -24.33 -17.27 -51.62
C VAL B 75 -23.46 -17.27 -52.86
N ALA B 76 -24.02 -17.71 -53.98
CA ALA B 76 -23.27 -17.90 -55.21
C ALA B 76 -22.78 -16.60 -55.83
N ARG B 77 -23.38 -15.49 -55.43
CA ARG B 77 -22.94 -14.18 -55.89
C ARG B 77 -21.75 -13.72 -55.06
N CYS B 78 -21.92 -13.71 -53.76
CA CYS B 78 -20.88 -13.22 -52.86
C CYS B 78 -19.66 -14.14 -52.90
N PHE B 79 -19.90 -15.43 -53.05
CA PHE B 79 -18.81 -16.40 -53.05
C PHE B 79 -17.87 -16.19 -54.24
N ARG B 80 -18.38 -15.55 -55.29
CA ARG B 80 -17.55 -15.17 -56.43
C ARG B 80 -16.99 -13.78 -56.20
N ALA B 81 -17.86 -12.84 -55.81
CA ALA B 81 -17.44 -11.46 -55.57
C ALA B 81 -16.36 -11.39 -54.50
N LEU B 82 -16.38 -12.38 -53.61
CA LEU B 82 -15.47 -12.41 -52.47
C LEU B 82 -14.23 -13.20 -52.85
N ALA B 83 -14.37 -14.09 -53.83
CA ALA B 83 -13.24 -14.85 -54.33
C ALA B 83 -12.21 -13.93 -54.96
N ALA B 84 -12.66 -12.73 -55.32
CA ALA B 84 -11.76 -11.69 -55.81
C ALA B 84 -11.06 -11.02 -54.63
N LEU B 85 -9.95 -11.61 -54.19
CA LEU B 85 -9.14 -11.03 -53.12
C LEU B 85 -8.23 -9.95 -53.69
N VAL B 86 -7.66 -10.22 -54.87
CA VAL B 86 -6.87 -9.23 -55.60
C VAL B 86 -5.72 -8.69 -54.74
N THR B 97 -10.31 -5.64 -50.87
CA THR B 97 -10.62 -4.80 -49.72
C THR B 97 -10.51 -5.61 -48.43
N THR B 98 -10.72 -4.96 -47.29
CA THR B 98 -10.62 -5.64 -46.00
C THR B 98 -11.79 -6.59 -45.78
N THR B 99 -11.82 -7.66 -46.58
CA THR B 99 -12.77 -8.74 -46.41
C THR B 99 -12.05 -9.91 -45.77
N ALA B 100 -12.39 -10.19 -44.52
CA ALA B 100 -11.70 -11.20 -43.74
C ALA B 100 -11.96 -12.61 -44.27
N PRO B 101 -11.20 -13.60 -43.76
CA PRO B 101 -11.55 -14.99 -44.00
C PRO B 101 -12.59 -15.47 -43.01
N GLU B 102 -13.62 -14.66 -42.80
CA GLU B 102 -14.62 -14.97 -41.79
C GLU B 102 -16.03 -14.73 -42.34
N ASP B 103 -16.15 -13.76 -43.23
CA ASP B 103 -17.42 -13.57 -43.92
C ASP B 103 -17.53 -14.59 -45.06
N LEU B 104 -16.38 -15.12 -45.48
CA LEU B 104 -16.35 -16.29 -46.36
C LEU B 104 -16.95 -17.48 -45.62
N ALA B 105 -16.56 -17.61 -44.35
CA ALA B 105 -17.12 -18.63 -43.47
C ALA B 105 -18.59 -18.35 -43.24
N LEU B 106 -18.93 -17.07 -43.18
CA LEU B 106 -20.32 -16.68 -42.99
C LEU B 106 -21.15 -17.18 -44.16
N ILE B 107 -20.71 -16.87 -45.38
CA ILE B 107 -21.38 -17.35 -46.58
C ILE B 107 -21.42 -18.88 -46.60
N THR B 108 -20.30 -19.52 -46.26
CA THR B 108 -20.28 -20.97 -46.13
C THR B 108 -21.35 -21.46 -45.16
N ALA B 109 -21.51 -20.73 -44.07
CA ALA B 109 -22.49 -21.08 -43.04
C ALA B 109 -23.91 -20.78 -43.48
N ILE B 110 -24.09 -19.75 -44.30
CA ILE B 110 -25.39 -19.44 -44.88
C ILE B 110 -25.78 -20.56 -45.83
N LEU B 111 -24.83 -20.99 -46.67
CA LEU B 111 -25.03 -22.14 -47.54
C LEU B 111 -25.45 -23.35 -46.71
N GLN B 112 -24.62 -23.70 -45.73
CA GLN B 112 -24.94 -24.78 -44.80
C GLN B 112 -26.33 -24.61 -44.20
N ALA B 113 -26.67 -23.37 -43.88
CA ALA B 113 -27.99 -23.06 -43.31
C ALA B 113 -29.09 -23.27 -44.33
N CYS B 114 -28.78 -22.99 -45.59
CA CYS B 114 -29.73 -23.18 -46.67
C CYS B 114 -30.00 -24.66 -46.92
N LEU B 115 -28.95 -25.41 -47.25
CA LEU B 115 -29.10 -26.80 -47.67
C LEU B 115 -29.78 -27.71 -46.63
N SER B 116 -29.93 -27.21 -45.42
CA SER B 116 -30.57 -27.95 -44.34
C SER B 116 -32.08 -27.73 -44.26
N VAL B 117 -32.62 -26.85 -45.11
CA VAL B 117 -34.06 -26.64 -45.16
C VAL B 117 -34.72 -27.96 -45.59
N PRO B 118 -35.79 -28.38 -44.88
CA PRO B 118 -36.37 -29.71 -45.10
C PRO B 118 -36.86 -30.01 -46.51
N GLY B 119 -36.88 -29.01 -47.40
CA GLY B 119 -37.47 -29.20 -48.72
C GLY B 119 -36.56 -28.93 -49.91
N ILE B 120 -35.25 -29.14 -49.75
CA ILE B 120 -34.31 -28.89 -50.85
C ILE B 120 -33.84 -30.19 -51.50
N GLU B 121 -33.75 -31.27 -50.72
CA GLU B 121 -33.33 -32.55 -51.29
C GLU B 121 -34.27 -32.99 -52.41
N GLN B 122 -35.53 -32.57 -52.32
CA GLN B 122 -36.50 -32.78 -53.38
C GLN B 122 -36.09 -31.99 -54.63
N CYS B 123 -35.21 -31.02 -54.43
CA CYS B 123 -34.80 -30.09 -55.48
C CYS B 123 -33.29 -30.02 -55.65
N GLN B 124 -32.61 -31.14 -55.38
CA GLN B 124 -31.14 -31.17 -55.44
C GLN B 124 -30.59 -30.86 -56.83
N VAL B 125 -31.38 -31.17 -57.86
CA VAL B 125 -30.94 -30.98 -59.23
C VAL B 125 -30.83 -29.49 -59.52
N GLN B 126 -31.63 -28.68 -58.84
CA GLN B 126 -31.67 -27.26 -59.09
C GLN B 126 -30.50 -26.54 -58.44
N VAL B 127 -30.09 -27.03 -57.27
CA VAL B 127 -28.96 -26.47 -56.56
C VAL B 127 -27.73 -26.48 -57.47
N LEU B 128 -27.50 -27.61 -58.14
CA LEU B 128 -26.36 -27.76 -59.04
C LEU B 128 -26.45 -26.79 -60.21
N ASN B 129 -27.65 -26.62 -60.75
CA ASN B 129 -27.87 -25.66 -61.82
C ASN B 129 -27.53 -24.25 -61.36
N ILE B 130 -28.02 -23.89 -60.17
CA ILE B 130 -27.77 -22.57 -59.58
C ILE B 130 -26.30 -22.36 -59.25
N ALA B 132 -23.80 -24.04 -60.54
CA ALA B 132 -23.00 -24.15 -61.76
C ALA B 132 -23.24 -22.97 -62.69
N ALA B 133 -24.41 -22.35 -62.57
CA ALA B 133 -24.68 -21.12 -63.30
C ALA B 133 -23.61 -20.11 -62.97
N HIS B 134 -23.51 -19.74 -61.70
CA HIS B 134 -22.33 -19.05 -61.21
C HIS B 134 -21.19 -20.04 -61.30
N ASP B 135 -19.96 -19.57 -61.44
CA ASP B 135 -18.86 -20.50 -61.65
C ASP B 135 -18.29 -20.98 -60.33
N VAL B 136 -19.16 -21.26 -59.37
CA VAL B 136 -18.77 -21.57 -58.00
C VAL B 136 -17.74 -22.70 -57.92
N PHE B 137 -18.06 -23.84 -58.50
CA PHE B 137 -17.24 -25.04 -58.38
C PHE B 137 -15.78 -24.79 -58.76
N GLN B 138 -15.55 -24.16 -59.90
CA GLN B 138 -14.20 -23.83 -60.33
C GLN B 138 -13.58 -22.77 -59.44
N VAL B 139 -14.37 -21.76 -59.09
CA VAL B 139 -13.88 -20.66 -58.26
C VAL B 139 -13.43 -21.19 -56.92
N ALA B 140 -14.09 -22.23 -56.44
CA ALA B 140 -13.69 -22.86 -55.19
C ALA B 140 -12.29 -23.46 -55.33
N VAL B 141 -12.05 -24.13 -56.44
CA VAL B 141 -10.76 -24.77 -56.71
C VAL B 141 -9.69 -23.73 -56.98
N ALA B 142 -10.06 -22.64 -57.63
CA ALA B 142 -9.15 -21.51 -57.84
C ALA B 142 -8.75 -20.97 -56.49
N LEU B 143 -9.75 -20.54 -55.73
CA LEU B 143 -9.58 -20.04 -54.37
C LEU B 143 -8.72 -20.97 -53.52
N PHE B 144 -8.97 -22.26 -53.63
CA PHE B 144 -8.26 -23.27 -52.86
C PHE B 144 -6.74 -23.25 -53.07
N SER B 145 -6.29 -22.81 -54.24
CA SER B 145 -4.88 -22.96 -54.60
C SER B 145 -3.91 -22.03 -53.86
N TRP B 146 -4.21 -20.74 -53.85
CA TRP B 146 -3.24 -19.77 -53.34
C TRP B 146 -3.43 -19.47 -51.86
N ALA B 147 -4.19 -20.34 -51.19
CA ALA B 147 -4.37 -20.24 -49.75
C ALA B 147 -3.01 -20.15 -49.06
N ASP B 148 -2.05 -20.92 -49.57
CA ASP B 148 -0.69 -20.92 -49.03
C ASP B 148 0.23 -20.03 -49.87
N SER B 171 1.26 -17.10 -43.62
CA SER B 171 2.08 -17.33 -42.44
C SER B 171 2.15 -18.82 -42.08
N GLY B 172 2.22 -19.66 -43.11
CA GLY B 172 2.39 -21.10 -42.91
C GLY B 172 1.11 -21.89 -42.71
N ASP B 173 -0.04 -21.22 -42.69
CA ASP B 173 -1.33 -21.90 -42.48
C ASP B 173 -2.30 -21.66 -43.65
N PRO B 174 -3.03 -22.71 -44.06
CA PRO B 174 -3.98 -22.60 -45.17
C PRO B 174 -5.40 -22.24 -44.71
N VAL B 175 -5.58 -21.00 -44.25
CA VAL B 175 -6.87 -20.54 -43.74
C VAL B 175 -7.95 -20.66 -44.80
N TYR B 176 -7.73 -20.01 -45.95
CA TYR B 176 -8.72 -19.99 -47.02
C TYR B 176 -8.92 -21.38 -47.62
N GLY B 177 -7.87 -22.21 -47.53
CA GLY B 177 -7.94 -23.57 -48.05
C GLY B 177 -9.04 -24.35 -47.36
N GLU B 178 -8.94 -24.44 -46.03
CA GLU B 178 -9.93 -25.16 -45.24
C GLU B 178 -11.34 -24.60 -45.49
N LEU B 179 -11.43 -23.28 -45.72
CA LEU B 179 -12.72 -22.65 -45.95
C LEU B 179 -13.32 -23.09 -47.29
N ALA B 180 -12.56 -22.91 -48.36
CA ALA B 180 -13.03 -23.31 -49.69
C ALA B 180 -13.36 -24.81 -49.72
N LEU B 181 -12.55 -25.61 -49.04
CA LEU B 181 -12.80 -27.04 -48.93
C LEU B 181 -14.08 -27.33 -48.15
N LEU B 182 -14.29 -26.62 -47.03
CA LEU B 182 -15.51 -26.76 -46.24
C LEU B 182 -16.75 -26.35 -47.04
N PHE B 183 -16.58 -25.30 -47.85
CA PHE B 183 -17.62 -24.85 -48.76
C PHE B 183 -17.97 -25.94 -49.76
N LEU B 184 -16.96 -26.40 -50.52
CA LEU B 184 -17.17 -27.48 -51.47
C LEU B 184 -17.72 -28.71 -50.77
N LEU B 185 -17.30 -28.91 -49.52
CA LEU B 185 -17.81 -30.01 -48.73
C LEU B 185 -19.28 -29.80 -48.42
N GLU B 186 -19.66 -28.55 -48.15
CA GLU B 186 -21.05 -28.24 -47.88
C GLU B 186 -21.90 -28.42 -49.14
N LEU B 187 -21.37 -28.06 -50.30
CA LEU B 187 -22.04 -28.36 -51.57
C LEU B 187 -22.21 -29.86 -51.77
N SER B 188 -21.10 -30.58 -51.62
CA SER B 188 -21.06 -32.00 -51.88
C SER B 188 -21.85 -32.82 -50.86
N ALA B 189 -22.40 -32.15 -49.85
CA ALA B 189 -23.20 -32.81 -48.83
C ALA B 189 -24.30 -33.66 -49.48
N LEU B 190 -24.82 -33.16 -50.60
CA LEU B 190 -25.83 -33.88 -51.37
C LEU B 190 -25.20 -34.41 -52.67
N PRO B 191 -25.54 -35.64 -53.08
CA PRO B 191 -24.87 -36.32 -54.20
C PRO B 191 -24.88 -35.57 -55.53
N ALA B 192 -25.92 -34.78 -55.79
CA ALA B 192 -26.09 -34.12 -57.09
C ALA B 192 -24.92 -33.20 -57.43
N LEU B 193 -24.37 -32.53 -56.42
CA LEU B 193 -23.24 -31.62 -56.64
C LEU B 193 -21.91 -32.34 -56.50
N ALA B 194 -21.86 -33.35 -55.64
CA ALA B 194 -20.69 -34.19 -55.53
C ALA B 194 -20.41 -34.84 -56.89
N GLU B 195 -21.48 -35.23 -57.57
CA GLU B 195 -21.37 -35.78 -58.92
C GLU B 195 -20.64 -34.81 -59.84
N HIS B 196 -21.09 -33.56 -59.87
CA HIS B 196 -20.47 -32.55 -60.73
C HIS B 196 -19.05 -32.28 -60.30
N LEU B 197 -18.80 -32.37 -58.99
CA LEU B 197 -17.44 -32.18 -58.50
C LEU B 197 -16.53 -33.27 -59.05
N ALA B 198 -16.85 -34.52 -58.75
CA ALA B 198 -16.02 -35.63 -59.19
C ALA B 198 -15.90 -35.65 -60.71
N CYS B 199 -16.99 -35.38 -61.42
CA CYS B 199 -16.97 -35.38 -62.87
C CYS B 199 -16.12 -34.22 -63.41
N ASP B 200 -16.20 -33.07 -62.75
CA ASP B 200 -15.39 -31.91 -63.13
C ASP B 200 -13.94 -32.13 -62.75
N GLY B 201 -13.71 -33.07 -61.84
CA GLY B 201 -12.37 -33.47 -61.47
C GLY B 201 -11.77 -32.64 -60.35
N LEU B 202 -12.41 -32.67 -59.19
CA LEU B 202 -11.90 -31.94 -58.03
C LEU B 202 -10.60 -32.59 -57.56
N LEU B 203 -10.63 -33.90 -57.38
CA LEU B 203 -9.50 -34.65 -56.82
C LEU B 203 -8.24 -34.45 -57.65
N GLY B 204 -8.41 -34.27 -58.96
CA GLY B 204 -7.29 -33.99 -59.84
C GLY B 204 -6.69 -32.61 -59.56
N HIS B 205 -7.55 -31.61 -59.40
CA HIS B 205 -7.12 -30.23 -59.15
C HIS B 205 -6.64 -30.08 -57.72
N LEU B 206 -7.10 -30.97 -56.85
CA LEU B 206 -6.76 -30.94 -55.44
C LEU B 206 -5.44 -31.64 -55.15
N ALA B 207 -5.28 -32.84 -55.67
CA ALA B 207 -4.10 -33.66 -55.40
C ALA B 207 -2.83 -33.00 -55.92
N ALA B 208 -2.98 -32.18 -56.96
CA ALA B 208 -1.84 -31.50 -57.56
C ALA B 208 -1.49 -30.20 -56.83
N ALA B 209 -2.36 -29.78 -55.92
CA ALA B 209 -2.17 -28.50 -55.23
C ALA B 209 -1.10 -28.60 -54.15
N ARG B 210 -0.43 -27.49 -53.90
CA ARG B 210 0.64 -27.44 -52.92
C ARG B 210 0.12 -27.80 -51.54
N LEU B 211 -1.17 -27.53 -51.33
CA LEU B 211 -1.84 -27.87 -50.07
C LEU B 211 -1.60 -29.34 -49.73
N ALA B 212 -1.50 -30.19 -50.75
CA ALA B 212 -1.24 -31.60 -50.55
C ALA B 212 0.12 -31.81 -49.90
N GLY B 213 1.05 -30.89 -50.18
CA GLY B 213 2.41 -30.98 -49.69
C GLY B 213 2.55 -31.08 -48.19
N TYR B 214 2.08 -30.07 -47.48
CA TYR B 214 2.19 -30.03 -46.01
C TYR B 214 1.49 -31.22 -45.36
N ARG B 216 1.41 -34.13 -46.63
CA ARG B 216 2.26 -35.29 -46.88
C ARG B 216 3.55 -35.25 -46.07
N ARG B 217 3.72 -34.21 -45.25
CA ARG B 217 4.94 -34.04 -44.47
C ARG B 217 4.76 -34.48 -43.02
N THR B 218 5.73 -35.24 -42.52
CA THR B 218 5.69 -35.77 -41.16
C THR B 218 5.83 -34.66 -40.13
N ASN B 219 4.79 -33.84 -40.02
CA ASN B 219 4.72 -32.79 -39.01
C ASN B 219 3.28 -32.37 -38.80
N VAL B 220 2.37 -33.33 -38.99
CA VAL B 220 0.93 -33.06 -39.03
C VAL B 220 0.19 -33.93 -38.02
N GLY B 221 -0.86 -33.37 -37.44
CA GLY B 221 -1.68 -34.11 -36.49
C GLY B 221 -2.69 -33.21 -35.78
N PRO B 222 -3.53 -33.80 -34.93
CA PRO B 222 -4.50 -33.02 -34.15
C PRO B 222 -3.81 -32.06 -33.20
N PHE B 223 -2.85 -32.59 -32.44
CA PHE B 223 -2.11 -31.78 -31.48
C PHE B 223 -0.71 -31.49 -32.00
N ALA B 224 -0.59 -30.40 -32.75
CA ALA B 224 0.69 -29.99 -33.34
C ALA B 224 1.21 -28.73 -32.67
N GLU B 225 2.43 -28.33 -33.04
CA GLU B 225 3.05 -27.13 -32.49
C GLU B 225 2.45 -25.87 -33.12
N ASN B 226 2.91 -25.52 -34.31
CA ASN B 226 2.40 -24.34 -35.00
C ASN B 226 0.98 -24.58 -35.50
N ALA B 227 0.31 -23.52 -35.92
CA ALA B 227 -1.07 -23.61 -36.36
C ALA B 227 -1.21 -24.40 -37.66
N GLY B 228 -0.55 -23.91 -38.72
CA GLY B 228 -0.69 -24.45 -40.06
C GLY B 228 -0.72 -25.96 -40.16
N ALA B 229 0.07 -26.61 -39.31
CA ALA B 229 0.11 -28.08 -39.27
C ALA B 229 -1.19 -28.63 -38.68
N ALA B 230 -1.59 -28.08 -37.54
CA ALA B 230 -2.83 -28.49 -36.89
C ALA B 230 -4.01 -28.28 -37.81
N ARG B 231 -4.00 -27.14 -38.51
CA ARG B 231 -5.04 -26.84 -39.46
C ARG B 231 -4.92 -27.77 -40.67
N CYS B 232 -3.67 -28.04 -41.06
CA CYS B 232 -3.39 -28.93 -42.17
C CYS B 232 -3.97 -30.32 -41.91
N TYR B 233 -3.87 -30.77 -40.66
CA TYR B 233 -4.55 -32.00 -40.25
C TYR B 233 -6.06 -31.81 -40.23
N ALA B 234 -6.49 -30.70 -39.63
CA ALA B 234 -7.91 -30.39 -39.52
C ALA B 234 -8.58 -30.46 -40.87
N ILE B 235 -7.85 -30.10 -41.91
CA ILE B 235 -8.33 -30.25 -43.28
C ILE B 235 -8.54 -31.72 -43.60
N TRP B 236 -7.52 -32.54 -43.36
CA TRP B 236 -7.63 -33.99 -43.59
C TRP B 236 -8.80 -34.59 -42.83
N ALA B 237 -8.99 -34.15 -41.59
CA ALA B 237 -10.03 -34.71 -40.74
C ALA B 237 -11.41 -34.20 -41.11
N LYS B 238 -11.51 -32.90 -41.41
CA LYS B 238 -12.80 -32.23 -41.54
C LYS B 238 -13.25 -32.00 -42.97
N CYS B 239 -12.34 -32.15 -43.94
CA CYS B 239 -12.67 -31.90 -45.34
C CYS B 239 -12.59 -33.16 -46.22
N LEU B 240 -11.38 -33.63 -46.52
CA LEU B 240 -11.22 -34.79 -47.41
C LEU B 240 -12.07 -35.97 -46.97
N LEU B 241 -11.68 -36.57 -45.85
CA LEU B 241 -12.33 -37.77 -45.33
C LEU B 241 -13.86 -37.72 -45.40
N PRO B 242 -14.45 -36.59 -44.97
CA PRO B 242 -15.91 -36.48 -45.15
C PRO B 242 -16.31 -36.09 -46.58
N LEU B 243 -15.41 -35.46 -47.33
CA LEU B 243 -15.71 -35.11 -48.72
C LEU B 243 -15.65 -36.34 -49.62
N LEU B 244 -14.72 -37.24 -49.35
CA LEU B 244 -14.60 -38.48 -50.09
C LEU B 244 -15.89 -39.27 -49.99
N LEU B 245 -16.41 -39.36 -48.77
CA LEU B 245 -17.61 -40.14 -48.50
C LEU B 245 -18.84 -39.57 -49.21
N ASN B 246 -18.77 -38.30 -49.57
CA ASN B 246 -19.88 -37.65 -50.28
C ASN B 246 -19.84 -37.94 -51.77
N ILE B 247 -18.64 -37.87 -52.35
CA ILE B 247 -18.44 -38.21 -53.76
C ILE B 247 -18.48 -39.73 -53.97
N LEU B 248 -18.35 -40.48 -52.89
CA LEU B 248 -18.47 -41.93 -52.93
C LEU B 248 -19.93 -42.35 -53.09
N ALA B 249 -20.83 -41.55 -52.52
CA ALA B 249 -22.26 -41.83 -52.55
C ALA B 249 -22.88 -41.52 -53.91
N ALA B 250 -22.03 -41.22 -54.90
CA ALA B 250 -22.46 -41.04 -56.27
C ALA B 250 -21.73 -42.05 -57.15
N LEU B 251 -22.19 -43.30 -57.08
CA LEU B 251 -21.55 -44.41 -57.80
C LEU B 251 -20.08 -44.47 -57.45
N GLY B 252 -19.78 -44.97 -56.26
CA GLY B 252 -18.43 -45.00 -55.74
C GLY B 252 -17.44 -45.75 -56.62
N SER B 253 -17.89 -46.84 -57.21
CA SER B 253 -17.03 -47.67 -58.05
C SER B 253 -16.31 -46.86 -59.12
N THR B 254 -17.04 -45.97 -59.77
CA THR B 254 -16.49 -45.13 -60.82
C THR B 254 -15.35 -44.25 -60.28
N VAL B 255 -15.59 -43.67 -59.11
CA VAL B 255 -14.64 -42.74 -58.49
C VAL B 255 -13.78 -43.47 -57.46
N ALA B 256 -14.04 -44.76 -57.25
CA ALA B 256 -13.27 -45.57 -56.31
C ALA B 256 -11.77 -45.45 -56.58
N PRO B 257 -11.37 -45.55 -57.86
CA PRO B 257 -9.96 -45.30 -58.19
C PRO B 257 -9.46 -43.97 -57.64
N GLU B 258 -10.21 -42.91 -57.88
CA GLU B 258 -9.79 -41.58 -57.46
C GLU B 258 -9.66 -41.48 -55.95
N VAL B 259 -10.70 -41.89 -55.22
CA VAL B 259 -10.69 -41.77 -53.77
C VAL B 259 -9.56 -42.61 -53.18
N ALA B 260 -9.38 -43.81 -53.69
CA ALA B 260 -8.28 -44.66 -53.25
C ALA B 260 -6.95 -44.01 -53.61
N TRP B 261 -6.91 -43.41 -54.80
CA TRP B 261 -5.70 -42.78 -55.32
C TRP B 261 -5.26 -41.64 -54.41
N VAL B 262 -6.19 -40.73 -54.10
CA VAL B 262 -5.89 -39.61 -53.21
C VAL B 262 -5.59 -40.12 -51.80
N LEU B 263 -6.39 -41.06 -51.33
CA LEU B 263 -6.17 -41.66 -50.02
C LEU B 263 -4.76 -42.22 -49.92
N ASN B 264 -4.29 -42.82 -51.00
CA ASN B 264 -2.94 -43.37 -51.04
C ASN B 264 -1.86 -42.31 -51.21
N GLN B 265 -2.23 -41.12 -51.68
CA GLN B 265 -1.26 -40.04 -51.87
C GLN B 265 -0.92 -39.35 -50.56
N PHE B 266 -1.62 -39.73 -49.47
CA PHE B 266 -1.31 -39.23 -48.14
C PHE B 266 -1.04 -40.39 -47.20
N PRO B 267 -0.01 -41.20 -47.50
CA PRO B 267 0.27 -42.42 -46.74
C PRO B 267 0.63 -42.14 -45.28
N ASN B 268 1.41 -41.09 -45.06
CA ASN B 268 1.82 -40.70 -43.71
C ASN B 268 0.62 -40.57 -42.78
N LEU B 269 -0.44 -39.94 -43.27
CA LEU B 269 -1.64 -39.74 -42.47
C LEU B 269 -2.31 -41.08 -42.16
N LEU B 270 -2.25 -42.01 -43.11
CA LEU B 270 -2.82 -43.33 -42.90
C LEU B 270 -2.01 -44.07 -41.84
N GLN B 271 -0.69 -44.05 -42.00
CA GLN B 271 0.19 -44.71 -41.05
C GLN B 271 0.07 -44.06 -39.68
N SER B 272 -0.20 -42.76 -39.67
CA SER B 272 -0.43 -42.05 -38.42
C SER B 272 -1.79 -42.40 -37.84
N SER B 273 -2.79 -42.51 -38.69
CA SER B 273 -4.18 -42.65 -38.26
C SER B 273 -4.41 -43.86 -37.35
N VAL B 274 -3.68 -44.93 -37.62
CA VAL B 274 -3.81 -46.16 -36.84
C VAL B 274 -2.94 -46.12 -35.60
N GLU B 275 -1.76 -45.54 -35.75
CA GLU B 275 -0.79 -45.46 -34.67
C GLU B 275 -0.95 -44.18 -33.84
N ARG B 276 -2.01 -43.42 -34.13
CA ARG B 276 -2.36 -42.28 -33.29
C ARG B 276 -2.97 -42.77 -31.98
N ILE B 277 -3.87 -43.74 -32.09
CA ILE B 277 -4.48 -44.36 -30.91
C ILE B 277 -3.80 -45.70 -30.62
N SER B 300 -8.57 -37.09 -29.05
CA SER B 300 -9.57 -36.12 -29.48
C SER B 300 -10.60 -36.77 -30.41
N LEU B 301 -11.60 -36.00 -30.81
CA LEU B 301 -12.73 -36.52 -31.59
C LEU B 301 -12.43 -36.62 -33.10
N LEU B 302 -11.67 -35.65 -33.62
CA LEU B 302 -11.27 -35.69 -35.02
C LEU B 302 -10.53 -36.97 -35.31
N GLU B 303 -9.74 -37.41 -34.33
CA GLU B 303 -9.02 -38.67 -34.43
C GLU B 303 -9.98 -39.83 -34.58
N ILE B 304 -11.14 -39.72 -33.95
CA ILE B 304 -12.16 -40.77 -34.03
C ILE B 304 -12.87 -40.70 -35.37
N SER B 305 -13.23 -39.48 -35.80
CA SER B 305 -13.84 -39.31 -37.11
C SER B 305 -12.85 -39.66 -38.22
N GLU B 306 -11.57 -39.56 -37.90
CA GLU B 306 -10.51 -39.94 -38.84
C GLU B 306 -10.48 -41.46 -39.00
N ILE B 307 -10.68 -42.16 -37.89
CA ILE B 307 -10.73 -43.62 -37.90
C ILE B 307 -12.20 -44.06 -37.91
N HIS B 308 -13.02 -43.26 -38.60
CA HIS B 308 -14.39 -43.65 -38.89
C HIS B 308 -14.65 -43.49 -40.39
N SER B 309 -14.01 -42.48 -40.98
CA SER B 309 -14.08 -42.26 -42.42
C SER B 309 -13.19 -43.28 -43.13
N LEU B 310 -11.94 -43.36 -42.70
CA LEU B 310 -11.00 -44.35 -43.21
C LEU B 310 -11.47 -45.75 -42.83
N ALA B 311 -12.24 -45.85 -41.77
CA ALA B 311 -12.79 -47.12 -41.31
C ALA B 311 -13.95 -47.59 -42.21
N LEU B 312 -14.32 -46.76 -43.18
CA LEU B 312 -15.37 -47.09 -44.13
C LEU B 312 -14.95 -46.81 -45.57
N LEU B 313 -13.85 -46.07 -45.74
CA LEU B 313 -13.37 -45.72 -47.08
C LEU B 313 -12.62 -46.88 -47.73
N THR B 314 -12.15 -47.82 -46.92
CA THR B 314 -11.43 -48.99 -47.43
C THR B 314 -12.29 -50.26 -47.33
N ARG B 315 -13.40 -50.15 -46.61
CA ARG B 315 -14.32 -51.28 -46.46
C ARG B 315 -15.20 -51.44 -47.69
N VAL B 316 -15.64 -50.30 -48.23
CA VAL B 316 -16.46 -50.30 -49.45
C VAL B 316 -15.64 -50.83 -50.62
N LEU B 317 -14.35 -50.50 -50.63
CA LEU B 317 -13.44 -50.97 -51.67
C LEU B 317 -13.22 -52.48 -51.57
N ALA B 318 -13.53 -53.04 -50.41
CA ALA B 318 -13.36 -54.48 -50.17
C ALA B 318 -14.61 -55.26 -50.57
N ALA B 319 -15.45 -54.67 -51.42
CA ALA B 319 -16.70 -55.31 -51.86
C ALA B 319 -17.09 -54.89 -53.27
N CYS B 320 -16.14 -54.35 -54.03
CA CYS B 320 -16.39 -53.91 -55.40
C CYS B 320 -15.38 -54.53 -56.35
N ASP B 327 -11.55 -52.56 -59.72
CA ASP B 327 -10.96 -52.23 -61.01
C ASP B 327 -9.91 -51.13 -60.85
N VAL B 328 -9.50 -50.91 -59.61
CA VAL B 328 -8.54 -49.86 -59.27
C VAL B 328 -7.77 -50.33 -58.03
N PRO B 329 -6.49 -49.93 -57.92
CA PRO B 329 -5.64 -50.34 -56.78
C PRO B 329 -6.26 -50.10 -55.40
N GLU B 330 -5.75 -50.81 -54.41
CA GLU B 330 -6.34 -50.83 -53.07
C GLU B 330 -5.71 -49.80 -52.13
N VAL B 331 -6.18 -49.78 -50.89
CA VAL B 331 -5.71 -48.85 -49.87
C VAL B 331 -4.46 -49.42 -49.18
N THR B 332 -3.58 -48.53 -48.74
CA THR B 332 -2.37 -48.95 -48.03
C THR B 332 -2.51 -48.69 -46.54
N TRP B 333 -3.63 -49.12 -45.97
CA TRP B 333 -3.90 -48.90 -44.55
C TRP B 333 -3.82 -50.17 -43.77
N ASP B 334 -3.42 -50.03 -42.50
CA ASP B 334 -3.32 -51.17 -41.60
C ASP B 334 -4.57 -51.30 -40.72
N GLY B 335 -5.73 -51.41 -41.37
CA GLY B 335 -6.99 -51.53 -40.66
C GLY B 335 -7.01 -52.70 -39.69
N ALA B 336 -5.90 -53.43 -39.61
CA ALA B 336 -5.81 -54.60 -38.74
C ALA B 336 -5.66 -54.19 -37.27
N LYS B 337 -4.73 -53.28 -37.00
CA LYS B 337 -4.49 -52.83 -35.63
C LYS B 337 -5.69 -52.09 -35.07
N VAL B 338 -6.55 -51.58 -35.95
CA VAL B 338 -7.68 -50.75 -35.55
C VAL B 338 -8.66 -51.49 -34.67
N LEU B 339 -9.11 -52.66 -35.11
CA LEU B 339 -10.11 -53.44 -34.38
C LEU B 339 -9.68 -53.69 -32.93
N GLU B 340 -8.41 -54.03 -32.74
CA GLU B 340 -7.87 -54.26 -31.41
C GLU B 340 -7.30 -52.97 -30.81
N CYS B 341 -7.64 -51.84 -31.42
CA CYS B 341 -7.24 -50.53 -30.90
C CYS B 341 -8.48 -49.79 -30.37
N VAL B 342 -9.66 -50.22 -30.81
CA VAL B 342 -10.90 -49.65 -30.31
C VAL B 342 -11.22 -50.19 -28.92
N GLU B 343 -11.11 -51.52 -28.75
CA GLU B 343 -11.43 -52.14 -27.48
C GLU B 343 -10.51 -51.65 -26.35
N TYR B 344 -9.28 -51.27 -26.71
CA TYR B 344 -8.34 -50.72 -25.75
C TYR B 344 -8.89 -49.43 -25.14
N TRP B 345 -9.34 -48.53 -26.01
CA TRP B 345 -9.83 -47.23 -25.60
C TRP B 345 -11.35 -47.14 -25.74
N LEU B 346 -12.06 -48.08 -25.12
CA LEU B 346 -13.51 -48.05 -25.09
C LEU B 346 -14.02 -48.51 -23.73
N ARG B 347 -14.01 -49.81 -23.51
CA ARG B 347 -14.51 -50.39 -22.27
C ARG B 347 -13.66 -49.91 -21.09
N GLY B 348 -14.34 -49.42 -20.06
CA GLY B 348 -13.68 -48.84 -18.90
C GLY B 348 -14.13 -47.41 -18.69
N ARG B 349 -14.28 -46.67 -19.78
CA ARG B 349 -14.73 -45.28 -19.78
C ARG B 349 -14.12 -44.46 -18.64
N LYS B 350 -12.90 -44.79 -18.26
CA LYS B 350 -12.20 -44.11 -17.17
C LYS B 350 -10.87 -43.59 -17.70
N VAL B 351 -10.16 -44.43 -18.44
CA VAL B 351 -8.92 -44.04 -19.07
C VAL B 351 -9.19 -42.99 -20.15
N LEU B 352 -10.44 -42.96 -20.63
CA LEU B 352 -10.84 -42.04 -21.69
C LEU B 352 -10.99 -40.60 -21.18
N ARG B 353 -10.79 -40.40 -19.89
CA ARG B 353 -10.97 -39.09 -19.27
C ARG B 353 -9.71 -38.21 -19.41
N GLU B 354 -8.98 -38.39 -20.50
CA GLU B 354 -7.79 -37.58 -20.76
C GLU B 354 -7.59 -37.30 -22.25
N ARG B 355 -8.60 -37.61 -23.05
CA ARG B 355 -8.55 -37.36 -24.49
C ARG B 355 -7.37 -38.04 -25.18
N ASN B 388 -19.88 -36.68 -19.73
CA ASN B 388 -19.56 -35.34 -20.21
C ASN B 388 -19.90 -35.18 -21.68
N ARG B 389 -19.47 -34.06 -22.27
CA ARG B 389 -19.70 -33.81 -23.68
C ARG B 389 -18.78 -34.67 -24.54
N LEU B 390 -17.53 -34.78 -24.13
CA LEU B 390 -16.50 -35.46 -24.91
C LEU B 390 -16.37 -36.93 -24.54
N GLU B 391 -17.50 -37.58 -24.29
CA GLU B 391 -17.53 -39.02 -24.05
C GLU B 391 -18.81 -39.65 -24.57
N GLU B 392 -19.96 -39.12 -24.15
CA GLU B 392 -21.25 -39.65 -24.59
C GLU B 392 -21.34 -39.68 -26.10
N LYS B 393 -21.08 -38.52 -26.73
CA LYS B 393 -21.08 -38.43 -28.17
C LYS B 393 -19.75 -38.94 -28.76
N ALA B 394 -18.67 -38.73 -28.00
CA ALA B 394 -17.34 -39.09 -28.46
C ALA B 394 -17.16 -40.60 -28.54
N VAL B 395 -17.33 -41.28 -27.41
CA VAL B 395 -17.21 -42.73 -27.35
C VAL B 395 -18.28 -43.38 -28.23
N GLY B 396 -19.33 -42.63 -28.53
CA GLY B 396 -20.43 -43.13 -29.34
C GLY B 396 -20.06 -43.49 -30.77
N LEU B 397 -19.14 -42.74 -31.36
CA LEU B 397 -18.73 -42.98 -32.74
C LEU B 397 -18.03 -44.33 -32.88
N LEU B 398 -17.01 -44.56 -32.07
CA LEU B 398 -16.22 -45.78 -32.14
C LEU B 398 -17.03 -47.03 -31.87
N VAL B 399 -18.29 -46.86 -31.45
CA VAL B 399 -19.20 -47.98 -31.32
C VAL B 399 -19.49 -48.56 -32.69
N GLY B 400 -19.54 -47.68 -33.70
CA GLY B 400 -19.85 -48.08 -35.05
C GLY B 400 -18.66 -48.63 -35.83
N VAL B 401 -17.49 -48.10 -35.53
CA VAL B 401 -16.25 -48.50 -36.22
C VAL B 401 -16.01 -50.00 -36.09
N ARG B 402 -16.02 -50.48 -34.85
CA ARG B 402 -15.74 -51.89 -34.55
C ARG B 402 -17.01 -52.72 -34.59
N GLU B 403 -17.75 -52.59 -35.69
CA GLU B 403 -18.94 -53.41 -35.93
C GLU B 403 -19.02 -53.84 -37.38
N VAL B 404 -18.70 -52.91 -38.27
CA VAL B 404 -18.79 -53.15 -39.71
C VAL B 404 -17.48 -53.70 -40.26
N LEU B 405 -16.38 -53.41 -39.54
CA LEU B 405 -15.05 -53.82 -39.98
C LEU B 405 -14.62 -55.18 -39.41
N GLU B 406 -15.48 -55.82 -38.65
CA GLU B 406 -15.15 -57.11 -38.05
C GLU B 406 -14.87 -58.14 -39.13
N PRO C 6 3.30 18.96 38.46
CA PRO C 6 2.03 19.63 38.12
C PRO C 6 0.84 18.94 38.78
N ARG C 7 0.44 19.40 39.96
CA ARG C 7 -0.63 18.74 40.70
C ARG C 7 -1.46 19.69 41.56
N ASP C 8 -0.82 20.68 42.17
CA ASP C 8 -1.51 21.60 43.07
C ASP C 8 -1.74 22.96 42.41
N VAL C 9 -2.57 23.79 43.03
CA VAL C 9 -2.85 25.12 42.54
C VAL C 9 -1.60 26.01 42.54
N THR C 10 -0.82 25.94 43.62
CA THR C 10 0.32 26.83 43.77
C THR C 10 1.60 26.23 43.21
N HIS C 11 1.73 24.90 43.28
CA HIS C 11 2.91 24.23 42.78
C HIS C 11 2.94 24.22 41.25
N LEU C 12 1.76 24.15 40.65
CA LEU C 12 1.65 24.15 39.20
C LEU C 12 2.06 25.51 38.63
N LEU C 13 1.91 26.55 39.44
CA LEU C 13 2.15 27.91 38.99
C LEU C 13 3.64 28.25 39.03
N ALA C 14 4.38 27.61 39.92
CA ALA C 14 5.80 27.89 40.10
C ALA C 14 6.65 27.26 39.00
N LEU C 15 6.25 26.08 38.53
CA LEU C 15 7.06 25.34 37.56
C LEU C 15 6.96 25.92 36.15
N VAL C 16 5.79 26.48 35.83
CA VAL C 16 5.63 27.17 34.55
C VAL C 16 6.56 28.38 34.54
N SER C 17 6.71 28.99 35.70
CA SER C 17 7.64 30.09 35.86
C SER C 17 9.07 29.56 35.91
N SER C 18 9.25 28.36 36.47
CA SER C 18 10.56 27.71 36.43
C SER C 18 10.94 27.51 34.97
N ALA C 19 9.94 27.27 34.13
CA ALA C 19 10.15 27.23 32.69
C ALA C 19 10.33 28.63 32.13
N ILE C 20 9.54 29.59 32.64
CA ILE C 20 9.63 30.98 32.15
C ILE C 20 10.94 31.64 32.59
N HIS C 21 11.60 31.04 33.58
CA HIS C 21 12.91 31.52 34.02
C HIS C 21 14.02 30.89 33.19
N ALA C 22 13.78 29.64 32.78
CA ALA C 22 14.75 28.89 31.99
C ALA C 22 14.83 29.42 30.56
N VAL C 23 14.00 30.42 30.25
CA VAL C 23 14.01 31.03 28.92
C VAL C 23 15.38 31.57 28.57
N GLU C 24 15.70 31.55 27.29
CA GLU C 24 17.01 31.98 26.81
C GLU C 24 16.96 33.44 26.37
N ASN C 25 16.08 33.75 25.43
CA ASN C 25 15.90 35.10 24.94
C ASN C 25 14.49 35.29 24.38
N PRO C 26 13.52 35.47 25.29
CA PRO C 26 12.10 35.67 24.96
C PRO C 26 11.90 36.71 23.84
N PHE C 27 10.82 36.56 23.10
CA PHE C 27 10.52 37.43 21.95
C PHE C 27 11.61 37.34 20.88
N GLY C 28 12.44 36.30 20.98
CA GLY C 28 13.39 35.97 19.93
C GLY C 28 12.66 35.15 18.87
N ALA C 29 12.78 35.57 17.61
CA ALA C 29 12.02 34.99 16.51
C ALA C 29 12.01 33.45 16.49
N ASN C 30 13.02 32.83 17.08
CA ASN C 30 13.11 31.37 17.12
C ASN C 30 12.33 30.77 18.28
N ASP C 31 12.63 31.22 19.49
CA ASP C 31 12.01 30.67 20.70
C ASP C 31 10.84 31.53 21.20
N LEU C 32 10.29 32.34 20.30
CA LEU C 32 9.13 33.18 20.62
C LEU C 32 7.83 32.40 20.80
N PRO C 33 7.44 31.62 19.78
CA PRO C 33 6.12 30.96 19.87
C PRO C 33 6.00 30.03 21.08
N TYR C 34 7.14 29.47 21.49
CA TYR C 34 7.17 28.62 22.66
C TYR C 34 7.00 29.47 23.91
N PHE C 35 7.62 30.65 23.91
CA PHE C 35 7.44 31.60 24.99
C PHE C 35 5.97 32.02 25.08
N ARG C 36 5.36 32.24 23.92
CA ARG C 36 3.92 32.53 23.86
C ARG C 36 3.13 31.42 24.53
N THR C 37 3.34 30.17 24.10
CA THR C 37 2.63 29.05 24.72
C THR C 37 2.85 29.04 26.22
N LEU C 38 4.10 29.19 26.66
CA LEU C 38 4.37 29.27 28.10
C LEU C 38 3.53 30.35 28.77
N LEU C 39 3.53 31.55 28.20
CA LEU C 39 2.76 32.65 28.77
C LEU C 39 1.28 32.29 28.85
N LYS C 40 0.75 31.70 27.80
CA LYS C 40 -0.67 31.33 27.80
C LYS C 40 -0.95 30.28 28.86
N ILE C 41 -0.04 29.33 29.03
CA ILE C 41 -0.17 28.35 30.11
C ILE C 41 -0.20 29.07 31.45
N LEU C 42 0.76 29.98 31.64
CA LEU C 42 0.82 30.78 32.86
C LEU C 42 -0.50 31.48 33.11
N PHE C 43 -1.07 32.04 32.04
CA PHE C 43 -2.36 32.71 32.12
C PHE C 43 -3.46 31.75 32.58
N VAL C 44 -3.59 30.62 31.89
CA VAL C 44 -4.60 29.63 32.24
C VAL C 44 -4.49 29.24 33.71
N VAL C 45 -3.27 28.97 34.16
CA VAL C 45 -3.05 28.63 35.56
C VAL C 45 -3.53 29.77 36.47
N LEU C 46 -2.97 30.96 36.25
CA LEU C 46 -3.27 32.12 37.09
C LEU C 46 -4.76 32.43 37.17
N ARG C 47 -5.47 32.37 36.05
CA ARG C 47 -6.90 32.65 36.04
C ARG C 47 -7.65 31.67 36.92
N ALA C 48 -7.19 30.42 36.91
CA ALA C 48 -7.79 29.36 37.70
C ALA C 48 -7.00 29.10 38.98
N ALA C 49 -6.03 29.96 39.25
CA ALA C 49 -5.27 29.90 40.49
C ALA C 49 -5.92 30.82 41.52
N LYS C 50 -7.18 31.15 41.28
CA LYS C 50 -7.97 31.97 42.19
C LYS C 50 -8.75 31.10 43.19
N GLN C 51 -8.04 30.14 43.77
CA GLN C 51 -8.54 29.24 44.81
C GLN C 51 -9.75 28.42 44.37
N ILE C 63 2.39 31.95 49.52
CA ILE C 63 1.57 31.60 48.37
C ILE C 63 1.43 32.79 47.43
N THR C 64 1.09 33.95 47.99
CA THR C 64 1.03 35.19 47.23
C THR C 64 2.44 35.58 46.80
N GLN C 65 3.43 35.10 47.54
CA GLN C 65 4.82 35.37 47.21
C GLN C 65 5.24 34.61 45.95
N GLN C 66 4.31 33.85 45.38
CA GLN C 66 4.53 33.16 44.12
C GLN C 66 4.08 34.03 42.95
N VAL C 67 2.87 34.57 43.03
CA VAL C 67 2.29 35.38 41.96
C VAL C 67 3.03 36.72 41.84
N LEU C 68 3.81 37.07 42.84
CA LEU C 68 4.57 38.32 42.82
C LEU C 68 5.87 38.15 42.04
N THR C 69 6.42 36.94 42.02
CA THR C 69 7.67 36.69 41.31
C THR C 69 7.47 36.84 39.80
N ILE C 70 6.28 36.46 39.34
CA ILE C 70 5.95 36.60 37.92
C ILE C 70 5.56 38.05 37.59
N LEU C 71 5.06 38.76 38.59
CA LEU C 71 4.84 40.20 38.46
C LEU C 71 6.17 40.92 38.30
N ASP C 72 7.26 40.22 38.59
CA ASP C 72 8.61 40.76 38.49
C ASP C 72 9.37 40.24 37.27
N ARG C 73 9.45 38.92 37.13
CA ARG C 73 10.31 38.31 36.10
C ARG C 73 9.55 37.94 34.84
N VAL C 74 8.25 38.18 34.81
CA VAL C 74 7.43 37.92 33.63
C VAL C 74 6.79 39.21 33.12
N VAL C 75 5.84 39.73 33.89
CA VAL C 75 5.07 40.89 33.46
C VAL C 75 5.99 42.09 33.25
N ALA C 76 6.60 42.57 34.33
CA ALA C 76 7.38 43.80 34.30
C ALA C 76 8.67 43.66 33.51
N ARG C 77 9.10 42.42 33.28
CA ARG C 77 10.28 42.17 32.46
C ARG C 77 9.90 42.25 30.99
N CYS C 78 8.90 41.45 30.61
CA CYS C 78 8.47 41.39 29.22
C CYS C 78 7.85 42.70 28.77
N PHE C 79 7.16 43.38 29.66
CA PHE C 79 6.48 44.62 29.29
C PHE C 79 7.48 45.69 28.89
N ARG C 80 8.71 45.55 29.36
CA ARG C 80 9.80 46.43 28.93
C ARG C 80 10.48 45.84 27.72
N ALA C 81 10.82 44.56 27.79
CA ALA C 81 11.50 43.88 26.68
C ALA C 81 10.68 43.97 25.41
N LEU C 82 9.38 44.10 25.57
CA LEU C 82 8.44 44.12 24.46
C LEU C 82 8.20 45.55 24.03
N ALA C 83 8.40 46.49 24.96
CA ALA C 83 8.26 47.92 24.67
C ALA C 83 9.29 48.36 23.64
N ALA C 84 10.37 47.59 23.51
CA ALA C 84 11.35 47.83 22.47
C ALA C 84 10.84 47.29 21.12
N LEU C 85 10.07 48.12 20.42
CA LEU C 85 9.57 47.78 19.08
C LEU C 85 10.65 48.07 18.04
N VAL C 86 11.34 49.20 18.21
CA VAL C 86 12.48 49.55 17.37
C VAL C 86 12.10 49.56 15.88
N THR C 97 11.39 42.75 16.51
CA THR C 97 11.04 41.48 15.87
C THR C 97 9.53 41.39 15.68
N THR C 98 9.08 40.29 15.07
CA THR C 98 7.65 40.08 14.80
C THR C 98 6.90 39.81 16.10
N THR C 99 6.82 40.83 16.94
CA THR C 99 6.01 40.76 18.16
C THR C 99 4.73 41.54 17.94
N ALA C 100 3.61 40.81 17.90
CA ALA C 100 2.32 41.40 17.57
C ALA C 100 1.81 42.33 18.67
N PRO C 101 0.74 43.07 18.38
CA PRO C 101 0.05 43.81 19.43
C PRO C 101 -0.96 42.91 20.13
N GLU C 102 -0.53 41.68 20.44
CA GLU C 102 -1.41 40.70 21.02
C GLU C 102 -0.75 39.96 22.17
N ASP C 103 0.56 39.80 22.09
CA ASP C 103 1.29 39.24 23.22
C ASP C 103 1.50 40.34 24.27
N LEU C 104 1.41 41.59 23.83
CA LEU C 104 1.32 42.72 24.76
C LEU C 104 0.01 42.62 25.52
N ALA C 105 -1.05 42.28 24.79
CA ALA C 105 -2.35 42.05 25.41
C ALA C 105 -2.27 40.83 26.31
N LEU C 106 -1.49 39.85 25.90
CA LEU C 106 -1.32 38.65 26.69
C LEU C 106 -0.70 39.01 28.03
N ILE C 107 0.42 39.73 28.00
CA ILE C 107 1.06 40.20 29.23
C ILE C 107 0.11 41.05 30.06
N THR C 108 -0.61 41.96 29.41
CA THR C 108 -1.63 42.75 30.11
C THR C 108 -2.62 41.84 30.80
N ALA C 109 -3.00 40.77 30.12
CA ALA C 109 -3.96 39.81 30.66
C ALA C 109 -3.35 38.95 31.76
N ILE C 110 -2.05 38.68 31.68
CA ILE C 110 -1.36 37.98 32.75
C ILE C 110 -1.36 38.86 34.00
N LEU C 111 -1.03 40.13 33.83
CA LEU C 111 -1.11 41.10 34.94
C LEU C 111 -2.51 41.10 35.54
N GLN C 112 -3.50 41.31 34.68
CA GLN C 112 -4.90 41.24 35.10
C GLN C 112 -5.18 39.93 35.83
N ALA C 113 -4.60 38.84 35.34
CA ALA C 113 -4.77 37.54 35.98
C ALA C 113 -4.07 37.49 37.33
N CYS C 114 -2.95 38.19 37.45
CA CYS C 114 -2.21 38.25 38.70
C CYS C 114 -2.98 39.01 39.77
N LEU C 115 -3.28 40.28 39.48
CA LEU C 115 -3.86 41.19 40.49
C LEU C 115 -5.19 40.69 41.05
N SER C 116 -5.76 39.65 40.44
CA SER C 116 -7.03 39.11 40.89
C SER C 116 -6.83 37.99 41.91
N VAL C 117 -5.59 37.63 42.20
CA VAL C 117 -5.34 36.63 43.23
C VAL C 117 -5.83 37.20 44.57
N PRO C 118 -6.60 36.40 45.32
CA PRO C 118 -7.28 36.91 46.53
C PRO C 118 -6.38 37.52 47.60
N GLY C 119 -5.06 37.37 47.48
CA GLY C 119 -4.14 37.79 48.53
C GLY C 119 -3.07 38.79 48.16
N ILE C 120 -3.34 39.66 47.18
CA ILE C 120 -2.36 40.65 46.74
C ILE C 120 -2.68 42.03 47.27
N GLU C 121 -3.97 42.34 47.44
CA GLU C 121 -4.36 43.65 47.96
C GLU C 121 -3.77 43.87 49.34
N GLN C 122 -3.53 42.80 50.07
CA GLN C 122 -2.82 42.84 51.35
C GLN C 122 -1.37 43.27 51.12
N CYS C 123 -0.92 43.17 49.87
CA CYS C 123 0.46 43.43 49.50
C CYS C 123 0.58 44.43 48.36
N GLN C 124 -0.37 45.36 48.29
CA GLN C 124 -0.42 46.33 47.20
C GLN C 124 0.82 47.23 47.15
N VAL C 125 1.43 47.45 48.29
CA VAL C 125 2.58 48.35 48.38
C VAL C 125 3.77 47.72 47.67
N GLN C 126 3.84 46.39 47.67
CA GLN C 126 4.97 45.69 47.09
C GLN C 126 4.86 45.66 45.57
N VAL C 127 3.62 45.56 45.08
CA VAL C 127 3.37 45.58 43.64
C VAL C 127 3.97 46.85 43.05
N LEU C 128 3.74 47.98 43.71
CA LEU C 128 4.25 49.27 43.25
C LEU C 128 5.78 49.29 43.24
N ASN C 129 6.37 48.69 44.27
CA ASN C 129 7.83 48.58 44.33
C ASN C 129 8.35 47.76 43.16
N ILE C 130 7.69 46.63 42.91
CA ILE C 130 8.08 45.73 41.81
C ILE C 130 7.89 46.40 40.45
N ALA C 132 7.62 49.61 39.87
CA ALA C 132 8.44 50.82 39.79
C ALA C 132 9.93 50.48 39.73
N ALA C 133 10.29 49.32 40.25
CA ALA C 133 11.66 48.81 40.11
C ALA C 133 12.01 48.78 38.63
N HIS C 134 11.25 47.98 37.87
CA HIS C 134 11.28 48.11 36.43
C HIS C 134 10.68 49.45 36.11
N ASP C 135 11.03 50.04 34.97
CA ASP C 135 10.56 51.38 34.67
C ASP C 135 9.19 51.34 33.99
N VAL C 136 8.33 50.47 34.46
CA VAL C 136 7.04 50.20 33.81
C VAL C 136 6.22 51.46 33.56
N PHE C 137 5.96 52.21 34.61
CA PHE C 137 5.06 53.35 34.54
C PHE C 137 5.45 54.32 33.42
N GLN C 138 6.73 54.68 33.37
CA GLN C 138 7.23 55.57 32.32
C GLN C 138 7.16 54.89 30.96
N VAL C 139 7.56 53.62 30.92
CA VAL C 139 7.58 52.87 29.67
C VAL C 139 6.19 52.77 29.09
N ALA C 140 5.19 52.72 29.95
CA ALA C 140 3.80 52.70 29.50
C ALA C 140 3.45 54.01 28.79
N VAL C 141 3.87 55.13 29.38
CA VAL C 141 3.59 56.45 28.83
C VAL C 141 4.41 56.68 27.56
N ALA C 142 5.63 56.15 27.54
CA ALA C 142 6.47 56.20 26.35
C ALA C 142 5.76 55.46 25.25
N LEU C 143 5.51 54.18 25.51
CA LEU C 143 4.78 53.29 24.62
C LEU C 143 3.49 53.91 24.09
N PHE C 144 2.75 54.56 24.99
CA PHE C 144 1.50 55.20 24.66
C PHE C 144 1.62 56.24 23.55
N SER C 145 2.79 56.88 23.44
CA SER C 145 2.92 58.04 22.57
C SER C 145 2.92 57.76 21.07
N TRP C 146 3.73 56.81 20.61
CA TRP C 146 3.92 56.64 19.16
C TRP C 146 2.96 55.60 18.58
N ALA C 147 1.92 55.25 19.33
CA ALA C 147 0.90 54.35 18.84
C ALA C 147 0.38 54.84 17.50
N ASP C 148 0.23 56.16 17.37
CA ASP C 148 -0.22 56.78 16.13
C ASP C 148 0.96 57.34 15.34
N SER C 171 -2.18 53.00 10.66
CA SER C 171 -3.27 53.10 9.70
C SER C 171 -4.48 53.81 10.31
N GLY C 172 -4.21 54.85 11.10
CA GLY C 172 -5.26 55.68 11.67
C GLY C 172 -5.87 55.21 12.98
N ASP C 173 -5.42 54.06 13.49
CA ASP C 173 -5.96 53.51 14.73
C ASP C 173 -4.89 53.33 15.80
N PRO C 174 -5.21 53.65 17.07
CA PRO C 174 -4.25 53.55 18.17
C PRO C 174 -4.28 52.17 18.85
N VAL C 175 -3.80 51.15 18.13
CA VAL C 175 -3.82 49.79 18.65
C VAL C 175 -3.04 49.69 19.96
N TYR C 176 -1.77 50.11 19.91
CA TYR C 176 -0.90 50.05 21.09
C TYR C 176 -1.36 51.02 22.16
N GLY C 177 -2.00 52.11 21.76
CA GLY C 177 -2.47 53.10 22.70
C GLY C 177 -3.45 52.50 23.70
N GLU C 178 -4.54 51.93 23.18
CA GLU C 178 -5.54 51.31 24.02
C GLU C 178 -4.91 50.23 24.91
N LEU C 179 -3.88 49.57 24.38
CA LEU C 179 -3.19 48.53 25.15
C LEU C 179 -2.42 49.11 26.34
N ALA C 180 -1.53 50.06 26.07
CA ALA C 180 -0.76 50.69 27.14
C ALA C 180 -1.68 51.31 28.17
N LEU C 181 -2.78 51.92 27.71
CA LEU C 181 -3.76 52.48 28.61
C LEU C 181 -4.49 51.41 29.42
N LEU C 182 -4.87 50.30 28.79
CA LEU C 182 -5.51 49.19 29.49
C LEU C 182 -4.57 48.57 30.53
N PHE C 183 -3.29 48.50 30.19
CA PHE C 183 -2.25 48.05 31.11
C PHE C 183 -2.17 48.97 32.31
N LEU C 184 -1.91 50.25 32.06
CA LEU C 184 -1.85 51.25 33.12
C LEU C 184 -3.16 51.24 33.90
N LEU C 185 -4.25 50.96 33.21
CA LEU C 185 -5.55 50.85 33.87
C LEU C 185 -5.55 49.64 34.78
N GLU C 186 -4.96 48.54 34.33
CA GLU C 186 -4.89 47.33 35.16
C GLU C 186 -4.01 47.55 36.38
N LEU C 187 -2.91 48.30 36.22
CA LEU C 187 -2.10 48.69 37.38
C LEU C 187 -2.93 49.51 38.35
N SER C 188 -3.57 50.54 37.81
CA SER C 188 -4.34 51.49 38.62
C SER C 188 -5.59 50.88 39.23
N ALA C 189 -5.87 49.61 38.92
CA ALA C 189 -7.02 48.93 39.49
C ALA C 189 -7.01 49.03 41.01
N LEU C 190 -5.81 49.02 41.58
CA LEU C 190 -5.62 49.19 43.02
C LEU C 190 -5.00 50.58 43.30
N PRO C 191 -5.47 51.27 44.36
CA PRO C 191 -5.07 52.67 44.59
C PRO C 191 -3.57 52.94 44.73
N ALA C 192 -2.82 51.96 45.24
CA ALA C 192 -1.41 52.16 45.53
C ALA C 192 -0.61 52.58 44.30
N LEU C 193 -0.96 52.02 43.14
CA LEU C 193 -0.26 52.33 41.90
C LEU C 193 -0.88 53.53 41.20
N ALA C 194 -2.20 53.69 41.37
CA ALA C 194 -2.88 54.87 40.85
C ALA C 194 -2.26 56.11 41.48
N GLU C 195 -1.93 56.00 42.77
CA GLU C 195 -1.24 57.06 43.49
C GLU C 195 0.05 57.46 42.76
N HIS C 196 0.89 56.46 42.48
CA HIS C 196 2.16 56.72 41.80
C HIS C 196 1.92 57.24 40.39
N LEU C 197 0.84 56.79 39.76
CA LEU C 197 0.49 57.28 38.44
C LEU C 197 0.22 58.78 38.49
N ALA C 198 -0.78 59.15 39.29
CA ALA C 198 -1.15 60.56 39.40
C ALA C 198 0.03 61.41 39.87
N CYS C 199 0.79 60.88 40.81
CA CYS C 199 1.95 61.60 41.34
C CYS C 199 3.04 61.74 40.27
N ASP C 200 3.22 60.70 39.46
CA ASP C 200 4.18 60.73 38.38
C ASP C 200 3.67 61.63 37.25
N GLY C 201 2.37 61.89 37.25
CA GLY C 201 1.77 62.82 36.32
C GLY C 201 1.39 62.16 35.01
N LEU C 202 0.51 61.18 35.07
CA LEU C 202 0.03 60.51 33.87
C LEU C 202 -0.80 61.46 33.03
N LEU C 203 -1.77 62.11 33.68
CA LEU C 203 -2.71 62.99 33.00
C LEU C 203 -2.00 64.10 32.23
N GLY C 204 -0.88 64.58 32.76
CA GLY C 204 -0.07 65.58 32.09
C GLY C 204 0.56 65.04 30.81
N HIS C 205 1.14 63.85 30.91
CA HIS C 205 1.82 63.21 29.77
C HIS C 205 0.82 62.66 28.78
N LEU C 206 -0.39 62.40 29.26
CA LEU C 206 -1.46 61.84 28.43
C LEU C 206 -2.22 62.93 27.68
N ALA C 207 -2.61 63.97 28.39
CA ALA C 207 -3.42 65.04 27.79
C ALA C 207 -2.67 65.77 26.67
N ALA C 208 -1.35 65.76 26.75
CA ALA C 208 -0.52 66.44 25.76
C ALA C 208 -0.26 65.57 24.53
N ALA C 209 -0.63 64.29 24.62
CA ALA C 209 -0.35 63.34 23.54
C ALA C 209 -1.30 63.54 22.37
N ARG C 210 -0.82 63.20 21.18
CA ARG C 210 -1.60 63.37 19.96
C ARG C 210 -2.86 62.54 20.02
N LEU C 211 -2.81 61.46 20.79
CA LEU C 211 -3.95 60.59 21.02
C LEU C 211 -5.17 61.39 21.45
N ALA C 212 -4.93 62.47 22.18
CA ALA C 212 -6.00 63.35 22.62
C ALA C 212 -6.69 63.98 21.42
N GLY C 213 -5.93 64.17 20.34
CA GLY C 213 -6.43 64.83 19.14
C GLY C 213 -7.67 64.19 18.53
N TYR C 214 -7.54 62.93 18.12
CA TYR C 214 -8.65 62.22 17.47
C TYR C 214 -9.87 62.12 18.39
N ARG C 216 -10.71 64.38 20.45
CA ARG C 216 -11.29 65.72 20.49
C ARG C 216 -11.94 66.11 19.16
N ARG C 217 -11.90 65.21 18.18
CA ARG C 217 -12.45 65.49 16.85
C ARG C 217 -13.83 64.87 16.65
N THR C 218 -14.75 65.68 16.10
CA THR C 218 -16.13 65.25 15.89
C THR C 218 -16.23 64.17 14.83
N ASN C 219 -15.75 62.98 15.16
CA ASN C 219 -15.86 61.81 14.30
C ASN C 219 -15.70 60.54 15.12
N VAL C 220 -16.11 60.63 16.38
CA VAL C 220 -15.85 59.59 17.37
C VAL C 220 -17.13 59.10 18.02
N GLY C 221 -17.18 57.81 18.34
CA GLY C 221 -18.33 57.23 18.99
C GLY C 221 -18.25 55.71 19.04
N PRO C 222 -19.24 55.07 19.70
CA PRO C 222 -19.30 53.61 19.75
C PRO C 222 -19.44 53.02 18.35
N PHE C 223 -20.41 53.55 17.61
CA PHE C 223 -20.69 53.09 16.26
C PHE C 223 -20.15 54.09 15.24
N ALA C 224 -18.90 53.91 14.86
CA ALA C 224 -18.24 54.78 13.89
C ALA C 224 -17.98 54.06 12.57
N GLU C 225 -17.49 54.80 11.58
CA GLU C 225 -17.19 54.22 10.27
C GLU C 225 -15.87 53.43 10.31
N ASN C 226 -14.75 54.14 10.23
CA ASN C 226 -13.44 53.48 10.27
C ASN C 226 -13.15 52.96 11.68
N ALA C 227 -12.11 52.13 11.79
CA ALA C 227 -11.76 51.52 13.07
C ALA C 227 -11.25 52.54 14.08
N GLY C 228 -10.17 53.22 13.72
CA GLY C 228 -9.47 54.13 14.62
C GLY C 228 -10.36 55.02 15.45
N ALA C 229 -11.47 55.46 14.86
CA ALA C 229 -12.43 56.30 15.57
C ALA C 229 -13.17 55.49 16.62
N ALA C 230 -13.68 54.32 16.22
CA ALA C 230 -14.41 53.44 17.13
C ALA C 230 -13.49 53.04 18.29
N ARG C 231 -12.24 52.75 17.95
CA ARG C 231 -11.25 52.40 18.97
C ARG C 231 -10.92 53.63 19.80
N CYS C 232 -10.83 54.78 19.14
CA CYS C 232 -10.54 56.04 19.82
C CYS C 232 -11.62 56.34 20.87
N TYR C 233 -12.87 56.02 20.55
CA TYR C 233 -13.94 56.08 21.54
C TYR C 233 -13.78 55.00 22.59
N ALA C 234 -13.53 53.78 22.13
CA ALA C 234 -13.38 52.63 23.02
C ALA C 234 -12.35 52.93 24.10
N ILE C 235 -11.33 53.71 23.73
CA ILE C 235 -10.35 54.20 24.70
C ILE C 235 -11.03 55.10 25.72
N TRP C 236 -11.78 56.10 25.26
CA TRP C 236 -12.50 56.99 26.16
C TRP C 236 -13.42 56.22 27.10
N ALA C 237 -14.10 55.22 26.57
CA ALA C 237 -15.06 54.45 27.34
C ALA C 237 -14.39 53.47 28.30
N LYS C 238 -13.34 52.80 27.82
CA LYS C 238 -12.77 51.66 28.52
C LYS C 238 -11.50 51.98 29.30
N CYS C 239 -10.89 53.14 29.03
CA CYS C 239 -9.62 53.51 29.68
C CYS C 239 -9.75 54.72 30.61
N LEU C 240 -9.87 55.92 30.04
CA LEU C 240 -9.93 57.15 30.85
C LEU C 240 -10.97 57.08 31.94
N LEU C 241 -12.23 57.09 31.53
CA LEU C 241 -13.37 57.12 32.44
C LEU C 241 -13.21 56.15 33.62
N PRO C 242 -12.81 54.90 33.36
CA PRO C 242 -12.54 54.00 34.49
C PRO C 242 -11.18 54.25 35.15
N LEU C 243 -10.23 54.83 34.41
CA LEU C 243 -8.92 55.13 34.97
C LEU C 243 -9.00 56.35 35.89
N LEU C 244 -9.83 57.32 35.51
CA LEU C 244 -10.04 58.50 36.33
C LEU C 244 -10.55 58.07 37.70
N LEU C 245 -11.53 57.18 37.69
CA LEU C 245 -12.17 56.73 38.92
C LEU C 245 -11.21 55.97 39.83
N ASN C 246 -10.13 55.46 39.26
CA ASN C 246 -9.13 54.73 40.05
C ASN C 246 -8.16 55.68 40.73
N ILE C 247 -7.71 56.70 40.00
CA ILE C 247 -6.87 57.73 40.58
C ILE C 247 -7.70 58.67 41.47
N LEU C 248 -9.02 58.59 41.30
CA LEU C 248 -9.94 59.33 42.15
C LEU C 248 -10.01 58.69 43.53
N ALA C 249 -9.85 57.37 43.58
CA ALA C 249 -9.92 56.62 44.82
C ALA C 249 -8.66 56.79 45.66
N ALA C 250 -7.78 57.69 45.26
CA ALA C 250 -6.60 58.06 46.03
C ALA C 250 -6.63 59.54 46.33
N LEU C 251 -7.46 59.93 47.30
CA LEU C 251 -7.67 61.32 47.66
C LEU C 251 -8.03 62.13 46.42
N GLY C 252 -9.28 61.99 46.00
CA GLY C 252 -9.76 62.62 44.78
C GLY C 252 -9.60 64.13 44.75
N SER C 253 -9.81 64.77 45.90
CA SER C 253 -9.74 66.22 46.00
C SER C 253 -8.43 66.78 45.45
N THR C 254 -7.32 66.12 45.81
CA THR C 254 -6.00 66.55 45.35
C THR C 254 -5.90 66.47 43.82
N VAL C 255 -6.41 65.38 43.26
CA VAL C 255 -6.32 65.13 41.83
C VAL C 255 -7.62 65.54 41.13
N ALA C 256 -8.61 66.00 41.90
CA ALA C 256 -9.88 66.45 41.33
C ALA C 256 -9.65 67.47 40.21
N PRO C 257 -8.76 68.45 40.45
CA PRO C 257 -8.42 69.38 39.36
C PRO C 257 -8.00 68.66 38.08
N GLU C 258 -7.11 67.69 38.21
CA GLU C 258 -6.59 66.99 37.04
C GLU C 258 -7.70 66.24 36.30
N VAL C 259 -8.48 65.43 37.02
CA VAL C 259 -9.51 64.64 36.38
C VAL C 259 -10.55 65.54 35.73
N ALA C 260 -10.94 66.61 36.43
CA ALA C 260 -11.87 67.57 35.85
C ALA C 260 -11.24 68.25 34.65
N TRP C 261 -9.94 68.55 34.75
CA TRP C 261 -9.22 69.24 33.70
C TRP C 261 -9.20 68.40 32.42
N VAL C 262 -8.80 67.14 32.54
CA VAL C 262 -8.78 66.24 31.40
C VAL C 262 -10.19 66.00 30.90
N LEU C 263 -11.13 65.77 31.81
CA LEU C 263 -12.53 65.59 31.44
C LEU C 263 -13.04 66.76 30.62
N ASN C 264 -12.63 67.97 31.00
CA ASN C 264 -13.02 69.17 30.27
C ASN C 264 -12.27 69.36 28.95
N GLN C 265 -11.12 68.71 28.80
CA GLN C 265 -10.34 68.83 27.58
C GLN C 265 -10.91 67.96 26.46
N PHE C 266 -11.92 67.17 26.77
CA PHE C 266 -12.64 66.38 25.78
C PHE C 266 -14.13 66.72 25.82
N PRO C 267 -14.48 67.99 25.55
CA PRO C 267 -15.86 68.45 25.67
C PRO C 267 -16.81 67.77 24.68
N ASN C 268 -16.36 67.57 23.45
CA ASN C 268 -17.17 66.94 22.41
C ASN C 268 -17.75 65.61 22.88
N LEU C 269 -16.92 64.82 23.55
CA LEU C 269 -17.35 63.53 24.07
C LEU C 269 -18.41 63.69 25.14
N LEU C 270 -18.28 64.75 25.94
CA LEU C 270 -19.26 65.04 26.98
C LEU C 270 -20.58 65.45 26.34
N GLN C 271 -20.51 66.35 25.37
CA GLN C 271 -21.70 66.81 24.68
C GLN C 271 -22.34 65.65 23.91
N SER C 272 -21.49 64.73 23.45
CA SER C 272 -21.99 63.54 22.80
C SER C 272 -22.58 62.55 23.81
N SER C 273 -21.93 62.44 24.96
CA SER C 273 -22.26 61.41 25.94
C SER C 273 -23.72 61.47 26.39
N VAL C 274 -24.26 62.68 26.48
CA VAL C 274 -25.62 62.86 26.93
C VAL C 274 -26.60 62.76 25.76
N GLU C 275 -26.17 63.26 24.61
CA GLU C 275 -27.02 63.27 23.41
C GLU C 275 -26.83 62.01 22.56
N ARG C 276 -26.08 61.04 23.08
CA ARG C 276 -25.98 59.74 22.44
C ARG C 276 -27.27 58.97 22.67
N ILE C 277 -27.77 59.01 23.90
CA ILE C 277 -29.04 58.40 24.25
C ILE C 277 -30.14 59.46 24.31
N SER C 300 -25.48 50.50 22.85
CA SER C 300 -24.49 49.54 23.34
C SER C 300 -24.20 49.77 24.82
N LEU C 301 -23.35 48.91 25.38
CA LEU C 301 -23.06 48.90 26.81
C LEU C 301 -22.01 49.95 27.22
N LEU C 302 -21.02 50.16 26.36
CA LEU C 302 -19.99 51.16 26.61
C LEU C 302 -20.64 52.52 26.80
N GLU C 303 -21.71 52.75 26.04
CA GLU C 303 -22.47 53.99 26.14
C GLU C 303 -23.05 54.11 27.55
N ILE C 304 -23.42 52.98 28.14
CA ILE C 304 -23.98 52.97 29.47
C ILE C 304 -22.88 53.17 30.51
N SER C 305 -21.75 52.49 30.34
CA SER C 305 -20.62 52.68 31.23
C SER C 305 -20.04 54.09 31.07
N GLU C 306 -20.26 54.69 29.91
CA GLU C 306 -19.83 56.06 29.66
C GLU C 306 -20.70 57.02 30.48
N ILE C 307 -21.99 56.74 30.55
CA ILE C 307 -22.92 57.54 31.34
C ILE C 307 -23.13 56.87 32.69
N HIS C 308 -22.07 56.23 33.19
CA HIS C 308 -22.03 55.73 34.56
C HIS C 308 -20.76 56.24 35.23
N SER C 309 -19.70 56.35 34.44
CA SER C 309 -18.44 56.91 34.92
C SER C 309 -18.56 58.42 35.02
N LEU C 310 -19.00 59.05 33.94
CA LEU C 310 -19.26 60.48 33.92
C LEU C 310 -20.43 60.81 34.84
N ALA C 311 -21.28 59.83 35.08
CA ALA C 311 -22.42 59.99 35.98
C ALA C 311 -22.00 59.96 37.45
N LEU C 312 -20.71 59.74 37.69
CA LEU C 312 -20.16 59.75 39.04
C LEU C 312 -18.87 60.59 39.13
N LEU C 313 -18.31 60.95 37.98
CA LEU C 313 -17.08 61.74 37.96
C LEU C 313 -17.35 63.23 38.22
N THR C 314 -18.60 63.65 38.01
CA THR C 314 -18.98 65.04 38.25
C THR C 314 -19.83 65.17 39.51
N ARG C 315 -20.26 64.03 40.06
CA ARG C 315 -21.05 64.03 41.28
C ARG C 315 -20.16 64.18 42.50
N VAL C 316 -18.99 63.53 42.47
CA VAL C 316 -18.03 63.64 43.56
C VAL C 316 -17.51 65.08 43.65
N LEU C 317 -17.38 65.73 42.50
CA LEU C 317 -16.94 67.11 42.44
C LEU C 317 -18.01 68.05 43.01
N ALA C 318 -19.24 67.55 43.11
CA ALA C 318 -20.35 68.34 43.63
C ALA C 318 -20.49 68.20 45.15
N ALA C 319 -19.41 67.76 45.80
CA ALA C 319 -19.43 67.57 47.26
C ALA C 319 -18.05 67.80 47.89
N CYS C 320 -17.16 68.47 47.16
CA CYS C 320 -15.82 68.76 47.63
C CYS C 320 -15.52 70.25 47.50
N ASP C 327 -10.73 72.81 44.47
CA ASP C 327 -10.09 74.11 44.38
C ASP C 327 -9.92 74.53 42.92
N VAL C 328 -10.68 73.88 42.04
CA VAL C 328 -10.60 74.10 40.61
C VAL C 328 -12.00 73.90 40.03
N PRO C 329 -12.37 74.67 38.99
CA PRO C 329 -13.70 74.61 38.37
C PRO C 329 -14.16 73.20 37.99
N GLU C 330 -15.46 73.03 37.78
CA GLU C 330 -16.06 71.72 37.57
C GLU C 330 -16.16 71.38 36.09
N VAL C 331 -16.74 70.21 35.80
CA VAL C 331 -16.88 69.72 34.44
C VAL C 331 -18.11 70.33 33.79
N THR C 332 -18.06 70.50 32.56
CA THR C 332 -19.16 71.07 31.79
C THR C 332 -20.02 69.99 31.13
N TRP C 333 -20.30 68.92 31.86
CA TRP C 333 -21.13 67.82 31.37
C TRP C 333 -22.60 68.11 31.62
N ASP C 334 -23.44 67.86 30.62
CA ASP C 334 -24.86 68.12 30.74
C ASP C 334 -25.57 66.96 31.45
N GLY C 335 -25.38 66.88 32.76
CA GLY C 335 -25.95 65.80 33.55
C GLY C 335 -27.43 65.96 33.82
N ALA C 336 -28.01 67.05 33.32
CA ALA C 336 -29.42 67.34 33.54
C ALA C 336 -30.33 66.46 32.68
N LYS C 337 -30.01 66.37 31.39
CA LYS C 337 -30.81 65.56 30.47
C LYS C 337 -30.73 64.08 30.82
N VAL C 338 -29.69 63.71 31.56
CA VAL C 338 -29.41 62.31 31.86
C VAL C 338 -30.53 61.65 32.66
N LEU C 339 -30.91 62.29 33.77
CA LEU C 339 -31.94 61.73 34.65
C LEU C 339 -33.22 61.40 33.88
N GLU C 340 -33.61 62.31 32.99
CA GLU C 340 -34.79 62.10 32.15
C GLU C 340 -34.43 61.43 30.83
N CYS C 341 -33.22 60.87 30.77
CA CYS C 341 -32.77 60.10 29.61
C CYS C 341 -32.66 58.63 29.97
N VAL C 342 -32.56 58.34 31.26
CA VAL C 342 -32.53 56.96 31.74
C VAL C 342 -33.95 56.38 31.72
N GLU C 343 -34.91 57.12 32.24
CA GLU C 343 -36.29 56.65 32.30
C GLU C 343 -36.87 56.37 30.92
N TYR C 344 -36.40 57.12 29.92
CA TYR C 344 -36.83 56.91 28.54
C TYR C 344 -36.46 55.49 28.07
N TRP C 345 -35.20 55.13 28.29
CA TRP C 345 -34.67 53.84 27.84
C TRP C 345 -34.45 52.88 29.01
N LEU C 346 -35.50 52.65 29.80
CA LEU C 346 -35.44 51.70 30.90
C LEU C 346 -36.76 50.94 30.98
N ARG C 347 -37.77 51.59 31.57
CA ARG C 347 -39.07 50.96 31.76
C ARG C 347 -39.69 50.61 30.41
N GLY C 348 -40.15 49.38 30.29
CA GLY C 348 -40.69 48.87 29.05
C GLY C 348 -39.92 47.66 28.56
N ARG C 349 -38.60 47.71 28.72
CA ARG C 349 -37.69 46.62 28.34
C ARG C 349 -38.07 45.94 27.02
N LYS C 350 -38.64 46.73 26.10
CA LYS C 350 -39.06 46.24 24.80
C LYS C 350 -38.38 47.05 23.71
N VAL C 351 -38.37 48.36 23.88
CA VAL C 351 -37.68 49.26 22.96
C VAL C 351 -36.18 49.04 23.05
N LEU C 352 -35.74 48.47 24.17
CA LEU C 352 -34.32 48.23 24.41
C LEU C 352 -33.79 47.06 23.59
N ARG C 353 -34.67 46.39 22.84
CA ARG C 353 -34.30 45.20 22.08
C ARG C 353 -33.69 45.55 20.72
N GLU C 354 -32.99 46.67 20.64
CA GLU C 354 -32.33 47.08 19.40
C GLU C 354 -31.02 47.81 19.66
N ARG C 355 -30.56 47.78 20.92
CA ARG C 355 -29.30 48.40 21.31
C ARG C 355 -29.28 49.90 21.00
N ASN C 388 -32.00 38.33 27.80
CA ASN C 388 -30.77 38.02 27.08
C ASN C 388 -29.54 38.52 27.83
N ARG C 389 -28.38 38.45 27.18
CA ARG C 389 -27.13 38.91 27.77
C ARG C 389 -27.08 40.43 27.83
N LEU C 390 -27.52 41.07 26.75
CA LEU C 390 -27.39 42.52 26.61
C LEU C 390 -28.63 43.26 27.11
N GLU C 391 -29.19 42.77 28.22
CA GLU C 391 -30.30 43.45 28.87
C GLU C 391 -30.24 43.25 30.39
N GLU C 392 -30.18 41.99 30.82
CA GLU C 392 -30.13 41.67 32.25
C GLU C 392 -28.96 42.39 32.92
N LYS C 393 -27.77 42.22 32.36
CA LYS C 393 -26.58 42.89 32.87
C LYS C 393 -26.53 44.33 32.34
N ALA C 394 -27.02 44.53 31.12
CA ALA C 394 -26.97 45.82 30.46
C ALA C 394 -27.88 46.84 31.14
N VAL C 395 -29.17 46.54 31.20
CA VAL C 395 -30.15 47.42 31.83
C VAL C 395 -29.82 47.55 33.32
N GLY C 396 -29.05 46.61 33.86
CA GLY C 396 -28.69 46.62 35.26
C GLY C 396 -27.84 47.80 35.70
N LEU C 397 -26.96 48.26 34.81
CA LEU C 397 -26.08 49.38 35.14
C LEU C 397 -26.87 50.67 35.35
N LEU C 398 -27.69 51.02 34.37
CA LEU C 398 -28.44 52.27 34.41
C LEU C 398 -29.42 52.34 35.59
N VAL C 399 -29.57 51.24 36.31
CA VAL C 399 -30.33 51.24 37.55
C VAL C 399 -29.60 52.10 38.58
N GLY C 400 -28.27 52.08 38.53
CA GLY C 400 -27.46 52.80 39.49
C GLY C 400 -27.29 54.27 39.15
N VAL C 401 -27.27 54.57 37.85
CA VAL C 401 -27.10 55.94 37.37
C VAL C 401 -28.17 56.87 37.94
N ARG C 402 -29.43 56.46 37.75
CA ARG C 402 -30.58 57.26 38.16
C ARG C 402 -30.99 56.96 39.60
N GLU C 403 -30.02 57.02 40.51
CA GLU C 403 -30.30 56.89 41.93
C GLU C 403 -29.44 57.86 42.74
N VAL C 404 -28.18 57.99 42.34
CA VAL C 404 -27.24 58.81 43.07
C VAL C 404 -27.23 60.23 42.51
N LEU C 405 -27.65 60.37 41.25
CA LEU C 405 -27.66 61.67 40.58
C LEU C 405 -28.99 62.40 40.70
N GLU C 406 -29.96 61.81 41.40
CA GLU C 406 -31.27 62.42 41.55
C GLU C 406 -31.15 63.77 42.27
N PRO D 6 -35.17 -1.16 -42.44
CA PRO D 6 -33.90 -1.77 -42.08
C PRO D 6 -32.76 -1.29 -42.98
N ARG D 7 -32.06 -0.25 -42.55
CA ARG D 7 -31.02 0.35 -43.39
C ARG D 7 -29.88 0.94 -42.57
N ASP D 8 -30.20 1.55 -41.44
CA ASP D 8 -29.19 2.23 -40.62
C ASP D 8 -28.85 1.40 -39.38
N VAL D 9 -27.78 1.78 -38.70
CA VAL D 9 -27.36 1.10 -37.46
C VAL D 9 -28.43 1.23 -36.38
N THR D 10 -29.00 2.43 -36.22
CA THR D 10 -29.93 2.70 -35.14
C THR D 10 -31.38 2.44 -35.53
N HIS D 11 -31.71 2.65 -36.81
CA HIS D 11 -33.07 2.42 -37.28
C HIS D 11 -33.38 0.93 -37.36
N LEU D 12 -32.37 0.14 -37.70
CA LEU D 12 -32.53 -1.31 -37.81
C LEU D 12 -32.78 -1.92 -36.43
N LEU D 13 -32.29 -1.25 -35.40
CA LEU D 13 -32.37 -1.77 -34.04
C LEU D 13 -33.73 -1.51 -33.42
N ALA D 14 -34.39 -0.44 -33.85
CA ALA D 14 -35.67 -0.02 -33.28
C ALA D 14 -36.82 -0.89 -33.79
N LEU D 15 -36.74 -1.32 -35.04
CA LEU D 15 -37.84 -2.05 -35.65
C LEU D 15 -37.90 -3.50 -35.17
N VAL D 16 -36.75 -4.08 -34.87
CA VAL D 16 -36.71 -5.42 -34.29
C VAL D 16 -37.38 -5.38 -32.93
N SER D 17 -37.20 -4.27 -32.22
CA SER D 17 -37.87 -4.05 -30.95
C SER D 17 -39.33 -3.69 -31.19
N SER D 18 -39.61 -3.01 -32.31
CA SER D 18 -40.99 -2.75 -32.69
C SER D 18 -41.69 -4.08 -32.90
N ALA D 19 -40.94 -5.06 -33.39
CA ALA D 19 -41.42 -6.43 -33.50
C ALA D 19 -41.47 -7.09 -32.11
N ILE D 20 -40.44 -6.83 -31.29
CA ILE D 20 -40.38 -7.41 -29.96
C ILE D 20 -41.44 -6.80 -29.04
N HIS D 21 -41.98 -5.67 -29.44
CA HIS D 21 -43.08 -5.03 -28.71
C HIS D 21 -44.42 -5.59 -29.19
N ALA D 22 -44.49 -5.91 -30.47
CA ALA D 22 -45.70 -6.44 -31.07
C ALA D 22 -45.98 -7.88 -30.62
N VAL D 23 -45.08 -8.43 -29.81
CA VAL D 23 -45.24 -9.77 -29.30
C VAL D 23 -46.54 -9.90 -28.51
N GLU D 24 -47.11 -11.10 -28.54
CA GLU D 24 -48.39 -11.36 -27.88
C GLU D 24 -48.17 -11.92 -26.49
N ASN D 25 -47.43 -13.04 -26.42
CA ASN D 25 -47.11 -13.67 -25.15
C ASN D 25 -45.82 -14.47 -25.27
N PRO D 26 -44.68 -13.76 -25.24
CA PRO D 26 -43.34 -14.37 -25.33
C PRO D 26 -43.19 -15.59 -24.41
N PHE D 27 -42.32 -16.53 -24.81
CA PHE D 27 -42.11 -17.77 -24.09
C PHE D 27 -43.40 -18.61 -24.02
N GLY D 28 -44.36 -18.26 -24.87
CA GLY D 28 -45.54 -19.08 -25.07
C GLY D 28 -45.20 -20.16 -26.08
N ALA D 29 -45.49 -21.41 -25.71
CA ALA D 29 -45.07 -22.58 -26.49
C ALA D 29 -45.35 -22.46 -28.00
N ASN D 30 -46.32 -21.63 -28.37
CA ASN D 30 -46.69 -21.45 -29.77
C ASN D 30 -45.83 -20.40 -30.46
N ASP D 31 -45.78 -19.20 -29.88
CA ASP D 31 -45.03 -18.08 -30.49
C ASP D 31 -43.66 -17.91 -29.86
N LEU D 32 -43.16 -18.95 -29.20
CA LEU D 32 -41.83 -18.93 -28.60
C LEU D 32 -40.70 -18.97 -29.65
N PRO D 33 -40.70 -20.00 -30.51
CA PRO D 33 -39.58 -20.15 -31.45
C PRO D 33 -39.40 -18.95 -32.36
N TYR D 34 -40.47 -18.21 -32.60
CA TYR D 34 -40.38 -16.96 -33.36
C TYR D 34 -39.77 -15.85 -32.50
N PHE D 35 -40.16 -15.82 -31.23
CA PHE D 35 -39.60 -14.86 -30.27
C PHE D 35 -38.10 -15.07 -30.13
N ARG D 36 -37.68 -16.33 -30.11
CA ARG D 36 -36.25 -16.67 -30.09
C ARG D 36 -35.52 -16.03 -31.27
N THR D 37 -36.03 -16.28 -32.48
CA THR D 37 -35.43 -15.70 -33.68
C THR D 37 -35.36 -14.19 -33.56
N LEU D 38 -36.46 -13.57 -33.15
CA LEU D 38 -36.46 -12.14 -32.92
C LEU D 38 -35.31 -11.73 -32.00
N LEU D 39 -35.20 -12.42 -30.85
CA LEU D 39 -34.13 -12.12 -29.90
C LEU D 39 -32.76 -12.26 -30.53
N LYS D 40 -32.57 -13.32 -31.31
CA LYS D 40 -31.29 -13.54 -31.96
C LYS D 40 -30.99 -12.45 -32.98
N ILE D 41 -32.00 -12.00 -33.71
CA ILE D 41 -31.84 -10.88 -34.62
C ILE D 41 -31.43 -9.64 -33.83
N LEU D 42 -32.14 -9.39 -32.74
CA LEU D 42 -31.84 -8.27 -31.87
C LEU D 42 -30.38 -8.32 -31.42
N PHE D 43 -29.93 -9.51 -31.03
CA PHE D 43 -28.55 -9.70 -30.62
C PHE D 43 -27.56 -9.39 -31.75
N VAL D 44 -27.78 -10.00 -32.91
CA VAL D 44 -26.91 -9.76 -34.07
C VAL D 44 -26.81 -8.27 -34.35
N VAL D 45 -27.95 -7.58 -34.37
CA VAL D 45 -27.93 -6.14 -34.58
C VAL D 45 -27.09 -5.45 -33.51
N LEU D 46 -27.45 -5.68 -32.24
CA LEU D 46 -26.77 -5.02 -31.12
C LEU D 46 -25.26 -5.23 -31.10
N ARG D 47 -24.81 -6.45 -31.37
CA ARG D 47 -23.38 -6.73 -31.38
C ARG D 47 -22.65 -5.88 -32.41
N ALA D 48 -23.31 -5.66 -33.54
CA ALA D 48 -22.74 -4.86 -34.62
C ALA D 48 -23.29 -3.45 -34.61
N ALA D 49 -24.04 -3.12 -33.56
CA ALA D 49 -24.55 -1.78 -33.35
C ALA D 49 -23.60 -0.98 -32.47
N LYS D 50 -22.35 -1.41 -32.43
CA LYS D 50 -21.32 -0.73 -31.65
C LYS D 50 -20.62 0.30 -32.54
N GLN D 51 -21.42 1.03 -33.32
CA GLN D 51 -20.93 2.06 -34.23
C GLN D 51 -19.94 1.47 -35.24
N ILE D 63 -29.95 8.17 -29.44
CA ILE D 63 -29.39 6.94 -29.99
C ILE D 63 -29.21 5.90 -28.90
N THR D 64 -28.58 6.31 -27.80
CA THR D 64 -28.43 5.46 -26.63
C THR D 64 -29.79 5.20 -25.99
N GLN D 65 -30.72 6.13 -26.22
CA GLN D 65 -32.07 5.97 -25.70
C GLN D 65 -32.83 4.87 -26.44
N GLN D 66 -32.17 4.24 -27.41
CA GLN D 66 -32.73 3.10 -28.11
C GLN D 66 -32.35 1.78 -27.42
N VAL D 67 -31.06 1.63 -27.11
CA VAL D 67 -30.56 0.41 -26.47
C VAL D 67 -31.05 0.30 -25.02
N LEU D 68 -31.56 1.40 -24.48
CA LEU D 68 -32.09 1.41 -23.11
C LEU D 68 -33.53 0.89 -23.06
N THR D 69 -34.29 1.09 -24.13
CA THR D 69 -35.69 0.64 -24.15
C THR D 69 -35.76 -0.88 -24.15
N ILE D 70 -34.78 -1.52 -24.80
CA ILE D 70 -34.71 -2.98 -24.83
C ILE D 70 -34.15 -3.51 -23.50
N LEU D 71 -33.32 -2.70 -22.85
CA LEU D 71 -32.87 -3.00 -21.48
C LEU D 71 -34.07 -2.97 -20.52
N ASP D 72 -35.19 -2.43 -21.00
CA ASP D 72 -36.40 -2.34 -20.20
C ASP D 72 -37.47 -3.34 -20.64
N ARG D 73 -37.81 -3.33 -21.93
CA ARG D 73 -38.94 -4.12 -22.41
C ARG D 73 -38.53 -5.46 -23.01
N VAL D 74 -37.23 -5.74 -23.01
CA VAL D 74 -36.73 -7.02 -23.50
C VAL D 74 -35.98 -7.75 -22.39
N VAL D 75 -34.81 -7.23 -22.02
CA VAL D 75 -33.95 -7.88 -21.05
C VAL D 75 -34.66 -8.05 -19.71
N ALA D 76 -34.95 -6.92 -19.05
CA ALA D 76 -35.48 -6.93 -17.69
C ALA D 76 -36.91 -7.46 -17.62
N ARG D 77 -37.60 -7.48 -18.75
CA ARG D 77 -38.95 -8.04 -18.79
C ARG D 77 -38.85 -9.55 -18.91
N CYS D 78 -38.12 -10.02 -19.92
CA CYS D 78 -38.01 -11.45 -20.17
C CYS D 78 -37.27 -12.15 -19.04
N PHE D 79 -36.27 -11.47 -18.46
CA PHE D 79 -35.47 -12.07 -17.42
C PHE D 79 -36.32 -12.36 -16.18
N ARG D 80 -37.44 -11.66 -16.05
CA ARG D 80 -38.39 -11.95 -14.98
C ARG D 80 -39.40 -12.98 -15.47
N ALA D 81 -39.94 -12.75 -16.66
CA ALA D 81 -40.94 -13.65 -17.24
C ALA D 81 -40.38 -15.06 -17.41
N LEU D 82 -39.07 -15.14 -17.55
CA LEU D 82 -38.38 -16.39 -17.79
C LEU D 82 -37.95 -17.00 -16.47
N ALA D 83 -37.77 -16.15 -15.46
CA ALA D 83 -37.42 -16.62 -14.12
C ALA D 83 -38.54 -17.47 -13.54
N ALA D 84 -39.74 -17.31 -14.08
CA ALA D 84 -40.86 -18.16 -13.71
C ALA D 84 -40.75 -19.50 -14.43
N LEU D 85 -39.98 -20.41 -13.84
CA LEU D 85 -39.86 -21.77 -14.37
C LEU D 85 -41.02 -22.61 -13.90
N VAL D 86 -41.41 -22.46 -12.63
CA VAL D 86 -42.59 -23.12 -12.08
C VAL D 86 -42.56 -24.64 -12.27
N THR D 97 -42.95 -23.75 -18.99
CA THR D 97 -43.01 -24.25 -20.36
C THR D 97 -41.61 -24.66 -20.84
N THR D 98 -41.53 -25.18 -22.05
CA THR D 98 -40.25 -25.64 -22.59
C THR D 98 -39.34 -24.45 -22.90
N THR D 99 -38.91 -23.77 -21.84
CA THR D 99 -37.92 -22.72 -21.94
C THR D 99 -36.58 -23.24 -21.46
N ALA D 100 -35.63 -23.38 -22.39
CA ALA D 100 -34.36 -23.99 -22.08
C ALA D 100 -33.50 -23.11 -21.18
N PRO D 101 -32.40 -23.67 -20.65
CA PRO D 101 -31.40 -22.84 -19.99
C PRO D 101 -30.44 -22.27 -21.02
N GLU D 102 -30.97 -21.77 -22.13
CA GLU D 102 -30.15 -21.28 -23.24
C GLU D 102 -30.68 -19.97 -23.77
N ASP D 103 -31.99 -19.78 -23.70
CA ASP D 103 -32.57 -18.48 -24.04
C ASP D 103 -32.37 -17.53 -22.85
N LEU D 104 -32.15 -18.09 -21.67
CA LEU D 104 -31.71 -17.30 -20.52
C LEU D 104 -30.32 -16.76 -20.82
N ALA D 105 -29.48 -17.62 -21.42
CA ALA D 105 -28.17 -17.21 -21.87
C ALA D 105 -28.31 -16.20 -23.00
N LEU D 106 -29.34 -16.37 -23.81
CA LEU D 106 -29.57 -15.44 -24.91
C LEU D 106 -29.84 -14.06 -24.35
N ILE D 107 -30.77 -13.97 -23.41
CA ILE D 107 -31.07 -12.69 -22.75
C ILE D 107 -29.83 -12.13 -22.05
N THR D 108 -29.09 -12.97 -21.35
CA THR D 108 -27.83 -12.56 -20.74
C THR D 108 -26.90 -11.96 -21.78
N ALA D 109 -26.86 -12.59 -22.95
CA ALA D 109 -25.99 -12.15 -24.04
C ALA D 109 -26.52 -10.88 -24.70
N ILE D 110 -27.84 -10.71 -24.73
CA ILE D 110 -28.41 -9.48 -25.24
C ILE D 110 -28.02 -8.34 -24.31
N LEU D 111 -28.15 -8.57 -23.01
CA LEU D 111 -27.69 -7.61 -22.00
C LEU D 111 -26.22 -7.27 -22.23
N GLN D 112 -25.38 -8.30 -22.28
CA GLN D 112 -23.97 -8.13 -22.58
C GLN D 112 -23.78 -7.31 -23.86
N ALA D 113 -24.62 -7.57 -24.86
CA ALA D 113 -24.56 -6.86 -26.12
C ALA D 113 -24.97 -5.41 -25.97
N CYS D 114 -25.93 -5.17 -25.06
CA CYS D 114 -26.39 -3.82 -24.77
C CYS D 114 -25.31 -3.00 -24.09
N LEU D 115 -24.86 -3.47 -22.93
CA LEU D 115 -23.93 -2.71 -22.09
C LEU D 115 -22.63 -2.35 -22.79
N SER D 116 -22.39 -2.95 -23.95
CA SER D 116 -21.17 -2.68 -24.72
C SER D 116 -21.35 -1.52 -25.70
N VAL D 117 -22.54 -0.96 -25.79
CA VAL D 117 -22.75 0.20 -26.65
C VAL D 117 -21.92 1.35 -26.11
N PRO D 118 -21.17 2.05 -26.98
CA PRO D 118 -20.19 3.05 -26.52
C PRO D 118 -20.77 4.21 -25.70
N GLY D 119 -22.09 4.32 -25.60
CA GLY D 119 -22.69 5.48 -24.95
C GLY D 119 -23.61 5.21 -23.77
N ILE D 120 -23.38 4.11 -23.05
CA ILE D 120 -24.23 3.77 -21.90
C ILE D 120 -23.55 4.09 -20.58
N GLU D 121 -22.23 3.98 -20.53
CA GLU D 121 -21.50 4.29 -19.30
C GLU D 121 -21.76 5.74 -18.88
N GLN D 122 -22.04 6.60 -19.86
CA GLN D 122 -22.45 7.97 -19.58
C GLN D 122 -23.80 7.98 -18.86
N CYS D 123 -24.52 6.87 -18.95
CA CYS D 123 -25.87 6.75 -18.41
C CYS D 123 -26.01 5.53 -17.49
N GLN D 124 -24.93 5.18 -16.82
CA GLN D 124 -24.90 3.99 -15.97
C GLN D 124 -25.91 4.06 -14.82
N VAL D 125 -26.20 5.27 -14.37
CA VAL D 125 -27.10 5.47 -13.25
C VAL D 125 -28.52 5.09 -13.66
N GLN D 126 -28.82 5.24 -14.95
CA GLN D 126 -30.17 5.01 -15.45
C GLN D 126 -30.42 3.52 -15.63
N VAL D 127 -29.37 2.80 -16.01
CA VAL D 127 -29.44 1.34 -16.14
C VAL D 127 -29.91 0.74 -14.82
N LEU D 128 -29.33 1.21 -13.71
CA LEU D 128 -29.67 0.73 -12.38
C LEU D 128 -31.13 1.00 -12.05
N ASN D 129 -31.61 2.19 -12.42
CA ASN D 129 -33.00 2.53 -12.22
C ASN D 129 -33.90 1.58 -13.01
N ILE D 130 -33.53 1.34 -14.26
CA ILE D 130 -34.29 0.45 -15.15
C ILE D 130 -34.24 -1.00 -14.66
N ALA D 132 -33.52 -1.98 -11.60
CA ALA D 132 -34.09 -2.06 -10.27
C ALA D 132 -35.60 -1.81 -10.32
N ALA D 133 -36.05 -1.11 -11.36
CA ALA D 133 -37.48 -0.95 -11.59
C ALA D 133 -38.13 -2.33 -11.65
N HIS D 134 -37.71 -3.14 -12.61
CA HIS D 134 -38.00 -4.56 -12.55
C HIS D 134 -37.22 -5.12 -11.37
N ASP D 135 -37.68 -6.21 -10.78
CA ASP D 135 -37.01 -6.70 -9.58
C ASP D 135 -35.85 -7.62 -9.94
N VAL D 136 -35.10 -7.23 -10.97
CA VAL D 136 -34.06 -8.08 -11.54
C VAL D 136 -33.07 -8.61 -10.51
N PHE D 137 -32.48 -7.69 -9.75
CA PHE D 137 -31.42 -8.04 -8.81
C PHE D 137 -31.84 -9.16 -7.86
N GLN D 138 -33.01 -9.01 -7.26
CA GLN D 138 -33.53 -10.03 -6.36
C GLN D 138 -33.90 -11.29 -7.11
N VAL D 139 -34.52 -11.13 -8.28
CA VAL D 139 -34.94 -12.27 -9.08
C VAL D 139 -33.74 -13.10 -9.48
N ALA D 140 -32.61 -12.45 -9.68
CA ALA D 140 -31.38 -13.15 -10.00
C ALA D 140 -30.95 -14.04 -8.83
N VAL D 141 -31.04 -13.50 -7.63
CA VAL D 141 -30.65 -14.23 -6.43
C VAL D 141 -31.67 -15.33 -6.11
N ALA D 142 -32.94 -15.06 -6.38
CA ALA D 142 -33.98 -16.06 -6.24
C ALA D 142 -33.66 -17.21 -7.18
N LEU D 143 -33.59 -16.89 -8.47
CA LEU D 143 -33.22 -17.82 -9.52
C LEU D 143 -31.97 -18.62 -9.19
N PHE D 144 -30.97 -17.93 -8.66
CA PHE D 144 -29.69 -18.55 -8.33
C PHE D 144 -29.77 -19.73 -7.35
N SER D 145 -30.76 -19.72 -6.46
CA SER D 145 -30.76 -20.66 -5.35
C SER D 145 -31.03 -22.11 -5.72
N TRP D 146 -32.11 -22.35 -6.47
CA TRP D 146 -32.58 -23.70 -6.71
C TRP D 146 -32.05 -24.32 -8.00
N ALA D 147 -30.99 -23.73 -8.53
CA ALA D 147 -30.31 -24.29 -9.69
C ALA D 147 -29.96 -25.76 -9.39
N ASP D 148 -29.58 -26.02 -8.15
CA ASP D 148 -29.26 -27.38 -7.70
C ASP D 148 -30.45 -28.01 -6.97
N SER D 171 -29.14 -32.92 -12.14
CA SER D 171 -28.22 -34.04 -12.30
C SER D 171 -26.82 -33.68 -11.79
N GLY D 172 -26.77 -32.95 -10.68
CA GLY D 172 -25.51 -32.62 -10.03
C GLY D 172 -24.78 -31.38 -10.52
N ASP D 173 -25.33 -30.68 -11.51
CA ASP D 173 -24.68 -29.49 -12.06
C ASP D 173 -25.55 -28.23 -11.94
N PRO D 174 -24.94 -27.08 -11.60
CA PRO D 174 -25.67 -25.82 -11.45
C PRO D 174 -25.75 -25.02 -12.74
N VAL D 175 -26.51 -25.51 -13.70
CA VAL D 175 -26.63 -24.88 -15.01
C VAL D 175 -27.17 -23.45 -14.86
N TYR D 176 -28.33 -23.32 -14.22
CA TYR D 176 -28.96 -22.01 -14.04
C TYR D 176 -28.14 -21.13 -13.11
N GLY D 177 -27.40 -21.76 -12.20
CA GLY D 177 -26.58 -21.01 -11.27
C GLY D 177 -25.55 -20.15 -11.97
N GLU D 178 -24.72 -20.81 -12.78
CA GLU D 178 -23.69 -20.12 -13.54
C GLU D 178 -24.31 -19.03 -14.41
N LEU D 179 -25.53 -19.28 -14.89
CA LEU D 179 -26.22 -18.30 -15.72
C LEU D 179 -26.63 -17.07 -14.94
N ALA D 180 -27.37 -17.25 -13.86
CA ALA D 180 -27.79 -16.12 -13.03
C ALA D 180 -26.57 -15.34 -12.56
N LEU D 181 -25.51 -16.06 -12.21
CA LEU D 181 -24.26 -15.41 -11.81
C LEU D 181 -23.62 -14.62 -12.95
N LEU D 182 -23.59 -15.21 -14.15
CA LEU D 182 -23.04 -14.52 -15.32
C LEU D 182 -23.86 -13.27 -15.67
N PHE D 183 -25.17 -13.38 -15.51
CA PHE D 183 -26.08 -12.26 -15.69
C PHE D 183 -25.76 -11.14 -14.69
N LEU D 184 -25.81 -11.49 -13.41
CA LEU D 184 -25.46 -10.53 -12.36
C LEU D 184 -24.06 -10.01 -12.57
N LEU D 185 -23.19 -10.84 -13.11
CA LEU D 185 -21.83 -10.44 -13.41
C LEU D 185 -21.84 -9.41 -14.54
N GLU D 186 -22.69 -9.64 -15.54
CA GLU D 186 -22.79 -8.68 -16.64
C GLU D 186 -23.37 -7.36 -16.18
N LEU D 187 -24.32 -7.40 -15.24
CA LEU D 187 -24.82 -6.16 -14.62
C LEU D 187 -23.69 -5.44 -13.90
N SER D 188 -23.00 -6.17 -13.04
CA SER D 188 -21.95 -5.61 -12.20
C SER D 188 -20.72 -5.19 -13.00
N ALA D 189 -20.73 -5.45 -14.30
CA ALA D 189 -19.63 -5.06 -15.17
C ALA D 189 -19.31 -3.58 -14.98
N LEU D 190 -20.35 -2.79 -14.74
CA LEU D 190 -20.22 -1.37 -14.46
C LEU D 190 -20.51 -1.10 -12.98
N PRO D 191 -19.71 -0.22 -12.33
CA PRO D 191 -19.78 -0.05 -10.87
C PRO D 191 -21.15 0.34 -10.32
N ALA D 192 -21.95 1.08 -11.10
CA ALA D 192 -23.22 1.62 -10.60
C ALA D 192 -24.17 0.52 -10.11
N LEU D 193 -24.16 -0.62 -10.79
CA LEU D 193 -25.03 -1.74 -10.41
C LEU D 193 -24.34 -2.66 -9.41
N ALA D 194 -23.02 -2.77 -9.52
CA ALA D 194 -22.25 -3.52 -8.53
C ALA D 194 -22.49 -2.91 -7.15
N GLU D 195 -22.54 -1.59 -7.11
CA GLU D 195 -22.84 -0.86 -5.89
C GLU D 195 -24.17 -1.35 -5.29
N HIS D 196 -25.21 -1.36 -6.11
CA HIS D 196 -26.53 -1.80 -5.66
C HIS D 196 -26.52 -3.28 -5.29
N LEU D 197 -25.70 -4.06 -5.98
CA LEU D 197 -25.58 -5.47 -5.63
C LEU D 197 -25.01 -5.63 -4.23
N ALA D 198 -23.81 -5.10 -4.02
CA ALA D 198 -23.16 -5.22 -2.72
C ALA D 198 -24.01 -4.59 -1.62
N CYS D 199 -24.63 -3.45 -1.94
CA CYS D 199 -25.49 -2.77 -0.97
C CYS D 199 -26.73 -3.60 -0.67
N ASP D 200 -27.28 -4.25 -1.69
CA ASP D 200 -28.44 -5.12 -1.52
C ASP D 200 -28.02 -6.39 -0.80
N GLY D 201 -26.72 -6.68 -0.83
CA GLY D 201 -26.17 -7.80 -0.10
C GLY D 201 -26.21 -9.09 -0.89
N LEU D 202 -25.53 -9.11 -2.03
CA LEU D 202 -25.46 -10.31 -2.86
C LEU D 202 -24.66 -11.38 -2.13
N LEU D 203 -23.47 -11.00 -1.66
CA LEU D 203 -22.54 -11.93 -1.03
C LEU D 203 -23.17 -12.65 0.16
N GLY D 204 -24.06 -11.95 0.87
CA GLY D 204 -24.78 -12.55 1.98
C GLY D 204 -25.75 -13.62 1.51
N HIS D 205 -26.51 -13.31 0.45
CA HIS D 205 -27.50 -14.23 -0.09
C HIS D 205 -26.84 -15.35 -0.88
N LEU D 206 -25.63 -15.08 -1.35
CA LEU D 206 -24.89 -16.03 -2.17
C LEU D 206 -24.09 -17.01 -1.32
N ALA D 207 -23.36 -16.50 -0.34
CA ALA D 207 -22.50 -17.32 0.49
C ALA D 207 -23.28 -18.35 1.30
N ALA D 208 -24.55 -18.05 1.56
CA ALA D 208 -25.41 -18.94 2.32
C ALA D 208 -26.07 -20.00 1.43
N ALA D 209 -25.95 -19.84 0.12
CA ALA D 209 -26.60 -20.75 -0.82
C ALA D 209 -25.87 -22.07 -0.91
N ARG D 210 -26.63 -23.13 -1.22
CA ARG D 210 -26.07 -24.47 -1.28
C ARG D 210 -25.00 -24.56 -2.36
N LEU D 211 -25.11 -23.70 -3.37
CA LEU D 211 -24.14 -23.61 -4.45
C LEU D 211 -22.72 -23.47 -3.88
N ALA D 212 -22.62 -22.79 -2.74
CA ALA D 212 -21.33 -22.63 -2.08
C ALA D 212 -20.80 -23.99 -1.63
N GLY D 213 -21.70 -24.92 -1.35
CA GLY D 213 -21.34 -26.23 -0.86
C GLY D 213 -20.38 -27.00 -1.74
N TYR D 214 -20.80 -27.28 -2.97
CA TYR D 214 -19.98 -28.04 -3.91
C TYR D 214 -18.65 -27.36 -4.18
N ARG D 216 -17.04 -25.75 -2.00
CA ARG D 216 -16.23 -25.95 -0.80
C ARG D 216 -15.81 -27.40 -0.62
N ARG D 217 -16.20 -28.26 -1.56
CA ARG D 217 -15.90 -29.69 -1.47
C ARG D 217 -14.70 -30.06 -2.35
N THR D 218 -13.79 -30.84 -1.77
CA THR D 218 -12.57 -31.26 -2.46
C THR D 218 -12.89 -32.22 -3.60
N ASN D 219 -13.51 -31.71 -4.65
CA ASN D 219 -13.80 -32.47 -5.85
C ASN D 219 -14.02 -31.53 -7.02
N VAL D 220 -13.36 -30.38 -6.97
CA VAL D 220 -13.60 -29.28 -7.89
C VAL D 220 -12.31 -28.84 -8.57
N GLY D 221 -12.43 -28.42 -9.84
CA GLY D 221 -11.28 -27.94 -10.58
C GLY D 221 -11.61 -27.73 -12.04
N PRO D 222 -10.64 -27.22 -12.82
CA PRO D 222 -10.83 -27.04 -14.26
C PRO D 222 -11.08 -28.37 -14.95
N PHE D 223 -10.20 -29.34 -14.68
CA PHE D 223 -10.28 -30.66 -15.27
C PHE D 223 -10.81 -31.66 -14.24
N ALA D 224 -12.13 -31.79 -14.17
CA ALA D 224 -12.79 -32.68 -13.23
C ALA D 224 -13.44 -33.86 -13.97
N GLU D 225 -13.97 -34.81 -13.20
CA GLU D 225 -14.63 -35.97 -13.77
C GLU D 225 -16.02 -35.62 -14.29
N ASN D 226 -17.00 -35.56 -13.39
CA ASN D 226 -18.37 -35.21 -13.76
C ASN D 226 -18.47 -33.74 -14.14
N ALA D 227 -19.60 -33.36 -14.74
CA ALA D 227 -19.81 -32.00 -15.20
C ALA D 227 -19.91 -31.00 -14.05
N GLY D 228 -20.90 -31.21 -13.19
CA GLY D 228 -21.23 -30.29 -12.11
C GLY D 228 -20.03 -29.72 -11.37
N ALA D 229 -19.01 -30.54 -11.21
CA ALA D 229 -17.78 -30.10 -10.55
C ALA D 229 -17.01 -29.13 -11.44
N ALA D 230 -16.84 -29.51 -12.70
CA ALA D 230 -16.14 -28.66 -13.65
C ALA D 230 -16.85 -27.33 -13.81
N ARG D 231 -18.18 -27.39 -13.85
CA ARG D 231 -18.98 -26.18 -13.94
C ARG D 231 -18.89 -25.42 -12.63
N CYS D 232 -18.89 -26.16 -11.52
CA CYS D 232 -18.78 -25.57 -10.19
C CYS D 232 -17.49 -24.77 -10.05
N TYR D 233 -16.41 -25.30 -10.63
CA TYR D 233 -15.16 -24.54 -10.72
C TYR D 233 -15.29 -23.37 -11.68
N ALA D 234 -15.85 -23.65 -12.86
CA ALA D 234 -16.02 -22.64 -13.88
C ALA D 234 -16.75 -21.43 -13.32
N ILE D 235 -17.66 -21.68 -12.39
CA ILE D 235 -18.34 -20.62 -11.66
C ILE D 235 -17.32 -19.81 -10.84
N TRP D 236 -16.52 -20.50 -10.04
CA TRP D 236 -15.48 -19.84 -9.25
C TRP D 236 -14.56 -19.00 -10.12
N ALA D 237 -14.20 -19.55 -11.28
CA ALA D 237 -13.26 -18.88 -12.16
C ALA D 237 -13.91 -17.73 -12.92
N LYS D 238 -15.14 -17.94 -13.38
CA LYS D 238 -15.77 -17.02 -14.33
C LYS D 238 -16.79 -16.06 -13.70
N CYS D 239 -17.20 -16.33 -12.46
CA CYS D 239 -18.22 -15.50 -11.80
C CYS D 239 -17.69 -14.73 -10.60
N LEU D 240 -17.45 -15.41 -9.47
CA LEU D 240 -16.99 -14.75 -8.24
C LEU D 240 -15.80 -13.86 -8.48
N LEU D 241 -14.67 -14.49 -8.78
CA LEU D 241 -13.40 -13.80 -8.95
C LEU D 241 -13.51 -12.53 -9.80
N PRO D 242 -14.20 -12.61 -10.95
CA PRO D 242 -14.44 -11.37 -11.71
C PRO D 242 -15.56 -10.51 -11.14
N LEU D 243 -16.50 -11.11 -10.41
CA LEU D 243 -17.58 -10.36 -9.79
C LEU D 243 -17.09 -9.60 -8.57
N LEU D 244 -16.17 -10.21 -7.82
CA LEU D 244 -15.59 -9.56 -6.66
C LEU D 244 -14.90 -8.27 -7.06
N LEU D 245 -14.12 -8.34 -8.14
CA LEU D 245 -13.35 -7.20 -8.61
C LEU D 245 -14.25 -6.06 -9.11
N ASN D 246 -15.49 -6.38 -9.43
CA ASN D 246 -16.44 -5.38 -9.91
C ASN D 246 -17.08 -4.63 -8.75
N ILE D 247 -17.45 -5.36 -7.70
CA ILE D 247 -17.97 -4.73 -6.49
C ILE D 247 -16.82 -4.11 -5.69
N LEU D 248 -15.60 -4.51 -6.03
CA LEU D 248 -14.40 -3.93 -5.42
C LEU D 248 -14.17 -2.53 -5.99
N ALA D 249 -14.55 -2.34 -7.25
CA ALA D 249 -14.35 -1.06 -7.92
C ALA D 249 -15.39 -0.03 -7.47
N ALA D 250 -16.16 -0.37 -6.44
CA ALA D 250 -17.10 0.56 -5.81
C ALA D 250 -16.74 0.71 -4.35
N LEU D 251 -15.68 1.46 -4.08
CA LEU D 251 -15.17 1.64 -2.73
C LEU D 251 -14.90 0.28 -2.09
N GLY D 252 -13.81 -0.35 -2.50
CA GLY D 252 -13.48 -1.69 -2.05
C GLY D 252 -13.35 -1.82 -0.55
N SER D 253 -12.79 -0.80 0.09
CA SER D 253 -12.57 -0.82 1.54
C SER D 253 -13.85 -1.18 2.31
N THR D 254 -14.97 -0.57 1.92
CA THR D 254 -16.25 -0.82 2.56
C THR D 254 -16.65 -2.28 2.43
N VAL D 255 -16.47 -2.83 1.23
CA VAL D 255 -16.88 -4.18 0.92
C VAL D 255 -15.70 -5.15 1.04
N ALA D 256 -14.51 -4.62 1.35
CA ALA D 256 -13.32 -5.44 1.53
C ALA D 256 -13.58 -6.59 2.51
N PRO D 257 -14.24 -6.29 3.65
CA PRO D 257 -14.63 -7.37 4.56
C PRO D 257 -15.39 -8.48 3.86
N GLU D 258 -16.41 -8.12 3.07
CA GLU D 258 -17.24 -9.11 2.41
C GLU D 258 -16.43 -9.94 1.42
N VAL D 259 -15.69 -9.30 0.54
CA VAL D 259 -14.94 -10.02 -0.48
C VAL D 259 -13.92 -10.94 0.17
N ALA D 260 -13.23 -10.43 1.20
CA ALA D 260 -12.27 -11.26 1.92
C ALA D 260 -13.00 -12.40 2.62
N TRP D 261 -14.18 -12.09 3.16
CA TRP D 261 -14.97 -13.06 3.91
C TRP D 261 -15.38 -14.22 3.01
N VAL D 262 -15.97 -13.91 1.85
CA VAL D 262 -16.37 -14.93 0.90
C VAL D 262 -15.14 -15.66 0.34
N LEU D 263 -14.11 -14.90 0.00
CA LEU D 263 -12.87 -15.49 -0.50
C LEU D 263 -12.33 -16.50 0.50
N ASN D 264 -12.43 -16.18 1.79
CA ASN D 264 -11.97 -17.10 2.84
C ASN D 264 -12.93 -18.27 3.08
N GLN D 265 -14.18 -18.13 2.66
CA GLN D 265 -15.17 -19.19 2.84
C GLN D 265 -15.02 -20.31 1.82
N PHE D 266 -14.11 -20.11 0.87
CA PHE D 266 -13.77 -21.14 -0.11
C PHE D 266 -12.27 -21.43 -0.07
N PRO D 267 -11.78 -21.90 1.09
CA PRO D 267 -10.34 -22.09 1.29
C PRO D 267 -9.74 -23.15 0.37
N ASN D 268 -10.46 -24.24 0.16
CA ASN D 268 -10.01 -25.33 -0.70
C ASN D 268 -9.58 -24.82 -2.08
N LEU D 269 -10.39 -23.92 -2.63
CA LEU D 269 -10.10 -23.35 -3.94
C LEU D 269 -8.83 -22.49 -3.91
N LEU D 270 -8.61 -21.80 -2.80
CA LEU D 270 -7.41 -20.98 -2.65
C LEU D 270 -6.19 -21.87 -2.53
N GLN D 271 -6.28 -22.89 -1.68
CA GLN D 271 -5.18 -23.82 -1.48
C GLN D 271 -4.92 -24.60 -2.77
N SER D 272 -5.99 -24.82 -3.54
CA SER D 272 -5.86 -25.47 -4.83
C SER D 272 -5.27 -24.51 -5.85
N SER D 273 -5.68 -23.25 -5.80
CA SER D 273 -5.35 -22.26 -6.83
C SER D 273 -3.85 -22.09 -7.04
N VAL D 274 -3.09 -22.22 -5.95
CA VAL D 274 -1.65 -22.05 -6.00
C VAL D 274 -0.98 -23.37 -6.36
N GLU D 275 -1.54 -24.46 -5.85
CA GLU D 275 -0.97 -25.79 -6.07
C GLU D 275 -1.56 -26.46 -7.31
N ARG D 276 -2.36 -25.72 -8.08
CA ARG D 276 -2.83 -26.20 -9.37
C ARG D 276 -1.68 -26.15 -10.37
N ILE D 277 -0.94 -25.05 -10.36
CA ILE D 277 0.24 -24.90 -11.20
C ILE D 277 1.50 -25.15 -10.36
N SER D 300 -4.76 -24.74 -18.19
CA SER D 300 -5.80 -24.04 -18.92
C SER D 300 -5.79 -22.55 -18.59
N LEU D 301 -6.67 -21.79 -19.25
CA LEU D 301 -6.69 -20.34 -19.13
C LEU D 301 -7.44 -19.85 -17.89
N LEU D 302 -8.52 -20.55 -17.53
CA LEU D 302 -9.29 -20.20 -16.34
C LEU D 302 -8.37 -20.24 -15.13
N GLU D 303 -7.44 -21.20 -15.16
CA GLU D 303 -6.45 -21.32 -14.10
C GLU D 303 -5.59 -20.06 -14.02
N ILE D 304 -5.34 -19.45 -15.18
CA ILE D 304 -4.55 -18.24 -15.23
C ILE D 304 -5.36 -17.05 -14.75
N SER D 305 -6.61 -16.96 -15.20
CA SER D 305 -7.50 -15.90 -14.74
C SER D 305 -7.83 -16.10 -13.26
N GLU D 306 -7.71 -17.33 -12.79
CA GLU D 306 -7.94 -17.64 -11.38
C GLU D 306 -6.78 -17.11 -10.55
N ILE D 307 -5.57 -17.23 -11.08
CA ILE D 307 -4.37 -16.71 -10.42
C ILE D 307 -4.02 -15.35 -11.03
N HIS D 308 -5.05 -14.60 -11.42
CA HIS D 308 -4.91 -13.21 -11.81
C HIS D 308 -5.90 -12.37 -11.03
N SER D 309 -7.06 -12.96 -10.77
CA SER D 309 -8.08 -12.31 -9.94
C SER D 309 -7.67 -12.38 -8.48
N LEU D 310 -7.35 -13.59 -8.03
CA LEU D 310 -6.83 -13.79 -6.68
C LEU D 310 -5.48 -13.11 -6.53
N ALA D 311 -4.79 -12.93 -7.65
CA ALA D 311 -3.48 -12.27 -7.66
C ALA D 311 -3.63 -10.75 -7.51
N LEU D 312 -4.86 -10.27 -7.47
CA LEU D 312 -5.14 -8.85 -7.29
C LEU D 312 -6.20 -8.60 -6.22
N LEU D 313 -6.90 -9.67 -5.82
CA LEU D 313 -7.95 -9.55 -4.81
C LEU D 313 -7.37 -9.48 -3.40
N THR D 314 -6.14 -9.94 -3.23
CA THR D 314 -5.47 -9.92 -1.93
C THR D 314 -4.36 -8.85 -1.89
N ARG D 315 -4.03 -8.28 -3.05
CA ARG D 315 -3.02 -7.25 -3.11
C ARG D 315 -3.61 -5.90 -2.71
N VAL D 316 -4.84 -5.64 -3.13
CA VAL D 316 -5.53 -4.41 -2.75
C VAL D 316 -5.76 -4.40 -1.23
N LEU D 317 -6.03 -5.57 -0.68
CA LEU D 317 -6.23 -5.72 0.76
C LEU D 317 -4.92 -5.47 1.52
N ALA D 318 -3.80 -5.57 0.82
CA ALA D 318 -2.49 -5.38 1.43
C ALA D 318 -2.06 -3.91 1.38
N ALA D 319 -3.02 -3.01 1.20
CA ALA D 319 -2.73 -1.57 1.15
C ALA D 319 -3.88 -0.73 1.68
N CYS D 320 -4.78 -1.35 2.44
CA CYS D 320 -5.93 -0.64 3.01
C CYS D 320 -6.00 -0.89 4.52
N ASP D 327 -10.60 -3.01 7.43
CA ASP D 327 -11.00 -3.01 8.83
C ASP D 327 -11.36 -4.43 9.28
N VAL D 328 -10.94 -5.40 8.48
CA VAL D 328 -11.25 -6.80 8.71
C VAL D 328 -10.06 -7.62 8.17
N PRO D 329 -9.71 -8.74 8.84
CA PRO D 329 -8.58 -9.57 8.39
C PRO D 329 -8.65 -9.97 6.91
N GLU D 330 -7.50 -10.36 6.34
CA GLU D 330 -7.39 -10.64 4.91
C GLU D 330 -7.59 -12.11 4.58
N VAL D 331 -7.38 -12.42 3.30
CA VAL D 331 -7.54 -13.76 2.78
C VAL D 331 -6.31 -14.60 3.10
N THR D 332 -6.39 -15.85 3.28
CA THR D 332 -5.35 -16.83 3.58
C THR D 332 -4.84 -17.52 2.32
N TRP D 333 -4.67 -16.74 1.25
CA TRP D 333 -4.16 -17.28 -0.01
C TRP D 333 -2.64 -17.32 -0.02
N ASP D 334 -2.09 -18.42 -0.50
CA ASP D 334 -0.63 -18.59 -0.53
C ASP D 334 -0.05 -17.92 -1.77
N GLY D 335 0.01 -16.59 -1.75
CA GLY D 335 0.52 -15.84 -2.87
C GLY D 335 2.03 -15.86 -2.99
N ALA D 336 2.69 -16.56 -2.06
CA ALA D 336 4.14 -16.63 -2.03
C ALA D 336 4.68 -17.57 -3.11
N LYS D 337 4.11 -18.77 -3.19
CA LYS D 337 4.52 -19.75 -4.17
C LYS D 337 4.24 -19.29 -5.60
N VAL D 338 3.32 -18.36 -5.73
CA VAL D 338 2.85 -17.90 -7.05
C VAL D 338 3.98 -17.25 -7.84
N LEU D 339 4.67 -16.30 -7.23
CA LEU D 339 5.74 -15.56 -7.90
C LEU D 339 6.77 -16.51 -8.51
N GLU D 340 7.15 -17.54 -7.76
CA GLU D 340 8.09 -18.54 -8.24
C GLU D 340 7.37 -19.70 -8.92
N CYS D 341 6.09 -19.50 -9.24
CA CYS D 341 5.30 -20.48 -9.97
C CYS D 341 4.99 -19.96 -11.37
N VAL D 342 5.09 -18.65 -11.55
CA VAL D 342 4.91 -18.03 -12.86
C VAL D 342 6.15 -18.25 -13.72
N GLU D 343 7.32 -17.98 -13.16
CA GLU D 343 8.57 -18.12 -13.90
C GLU D 343 8.82 -19.55 -14.37
N TYR D 344 8.31 -20.51 -13.60
CA TYR D 344 8.41 -21.92 -13.99
C TYR D 344 7.70 -22.18 -15.32
N TRP D 345 6.47 -21.71 -15.40
CA TRP D 345 5.62 -21.94 -16.57
C TRP D 345 5.46 -20.66 -17.38
N LEU D 346 6.57 -20.05 -17.77
CA LEU D 346 6.55 -18.87 -18.63
C LEU D 346 7.70 -18.95 -19.62
N ARG D 347 8.90 -18.62 -19.15
CA ARG D 347 10.08 -18.60 -19.99
C ARG D 347 10.36 -19.99 -20.53
N GLY D 348 10.55 -20.08 -21.84
CA GLY D 348 10.75 -21.35 -22.52
C GLY D 348 9.69 -21.55 -23.58
N ARG D 349 8.45 -21.16 -23.24
CA ARG D 349 7.30 -21.24 -24.15
C ARG D 349 7.28 -22.54 -24.97
N LYS D 350 7.80 -23.60 -24.38
CA LYS D 350 7.87 -24.91 -25.03
C LYS D 350 7.15 -25.94 -24.17
N VAL D 351 7.41 -25.89 -22.87
CA VAL D 351 6.74 -26.76 -21.91
C VAL D 351 5.26 -26.39 -21.84
N LEU D 352 4.95 -25.16 -22.23
CA LEU D 352 3.58 -24.66 -22.19
C LEU D 352 2.68 -25.24 -23.28
N ARG D 353 3.27 -26.07 -24.14
CA ARG D 353 2.54 -26.64 -25.28
C ARG D 353 1.75 -27.89 -24.89
N GLU D 354 1.27 -27.94 -23.65
CA GLU D 354 0.46 -29.07 -23.19
C GLU D 354 -0.61 -28.64 -22.19
N ARG D 355 -0.81 -27.33 -22.05
CA ARG D 355 -1.83 -26.79 -21.16
C ARG D 355 -1.62 -27.22 -19.71
N ASN D 388 0.17 -19.93 -31.16
CA ASN D 388 -1.20 -20.41 -31.26
C ASN D 388 -2.16 -19.49 -30.51
N ARG D 389 -3.42 -19.92 -30.39
CA ARG D 389 -4.44 -19.16 -29.68
C ARG D 389 -4.20 -19.22 -28.17
N LEU D 390 -3.87 -20.41 -27.69
CA LEU D 390 -3.76 -20.65 -26.25
C LEU D 390 -2.31 -20.45 -25.77
N GLU D 391 -1.65 -19.43 -26.29
CA GLU D 391 -0.33 -19.06 -25.83
C GLU D 391 -0.10 -17.56 -25.91
N GLU D 392 -0.32 -16.97 -27.09
CA GLU D 392 -0.12 -15.54 -27.28
C GLU D 392 -0.95 -14.74 -26.29
N LYS D 393 -2.26 -15.03 -26.26
CA LYS D 393 -3.16 -14.39 -25.31
C LYS D 393 -3.05 -15.06 -23.94
N ALA D 394 -2.81 -16.36 -23.94
CA ALA D 394 -2.76 -17.14 -22.71
C ALA D 394 -1.55 -16.77 -21.85
N VAL D 395 -0.36 -16.93 -22.42
CA VAL D 395 0.87 -16.59 -21.71
C VAL D 395 0.90 -15.09 -21.42
N GLY D 396 0.11 -14.33 -22.17
CA GLY D 396 0.05 -12.88 -22.02
C GLY D 396 -0.48 -12.41 -20.68
N LEU D 397 -1.43 -13.13 -20.12
CA LEU D 397 -2.03 -12.75 -18.84
C LEU D 397 -1.00 -12.82 -17.71
N LEU D 398 -0.36 -13.98 -17.57
CA LEU D 398 0.59 -14.20 -16.49
C LEU D 398 1.79 -13.25 -16.55
N VAL D 399 1.88 -12.46 -17.62
CA VAL D 399 2.87 -11.40 -17.70
C VAL D 399 2.55 -10.32 -16.67
N GLY D 400 1.26 -10.12 -16.43
CA GLY D 400 0.81 -9.09 -15.50
C GLY D 400 0.83 -9.51 -14.05
N VAL D 401 0.59 -10.80 -13.82
CA VAL D 401 0.55 -11.35 -12.47
C VAL D 401 1.88 -11.11 -11.74
N ARG D 402 2.97 -11.49 -12.39
CA ARG D 402 4.31 -11.40 -11.81
C ARG D 402 4.94 -10.05 -12.10
N GLU D 403 4.21 -8.98 -11.79
CA GLU D 403 4.75 -7.62 -11.90
C GLU D 403 4.27 -6.77 -10.74
N VAL D 404 3.00 -6.93 -10.38
CA VAL D 404 2.38 -6.12 -9.35
C VAL D 404 2.52 -6.79 -7.98
N LEU D 405 2.70 -8.11 -7.99
CA LEU D 405 2.79 -8.88 -6.74
C LEU D 405 4.23 -9.07 -6.26
N GLU D 406 5.20 -8.52 -6.98
CA GLU D 406 6.60 -8.67 -6.59
C GLU D 406 6.85 -8.05 -5.22
N PRO E 6 28.61 40.91 -46.35
CA PRO E 6 27.35 40.45 -45.74
C PRO E 6 26.17 41.34 -46.14
N ARG E 7 25.47 40.98 -47.21
CA ARG E 7 24.38 41.83 -47.71
C ARG E 7 23.26 41.03 -48.38
N ASP E 8 23.60 39.97 -49.08
CA ASP E 8 22.60 39.17 -49.81
C ASP E 8 22.29 37.87 -49.09
N VAL E 9 21.23 37.20 -49.52
CA VAL E 9 20.85 35.91 -48.96
C VAL E 9 21.92 34.86 -49.20
N THR E 10 22.49 34.83 -50.40
CA THR E 10 23.44 33.80 -50.78
C THR E 10 24.89 34.23 -50.47
N HIS E 11 25.17 35.53 -50.57
CA HIS E 11 26.51 36.04 -50.29
C HIS E 11 26.83 35.97 -48.80
N LEU E 12 25.83 36.21 -47.96
CA LEU E 12 26.02 36.17 -46.53
C LEU E 12 26.31 34.77 -46.05
N LEU E 13 25.84 33.78 -46.81
CA LEU E 13 25.96 32.38 -46.41
C LEU E 13 27.34 31.81 -46.75
N ALA E 14 27.96 32.35 -47.79
CA ALA E 14 29.25 31.85 -48.26
C ALA E 14 30.41 32.30 -47.37
N LEU E 15 30.32 33.52 -46.84
CA LEU E 15 31.42 34.10 -46.09
C LEU E 15 31.53 33.51 -44.68
N VAL E 16 30.40 33.14 -44.09
CA VAL E 16 30.42 32.47 -42.80
C VAL E 16 31.11 31.12 -42.97
N SER E 17 30.90 30.50 -44.11
CA SER E 17 31.58 29.26 -44.44
C SER E 17 33.03 29.55 -44.83
N SER E 18 33.26 30.72 -45.44
CA SER E 18 34.63 31.14 -45.73
C SER E 18 35.38 31.27 -44.40
N ALA E 19 34.65 31.66 -43.36
CA ALA E 19 35.19 31.65 -42.00
C ALA E 19 35.27 30.23 -41.47
N ILE E 20 34.24 29.42 -41.75
CA ILE E 20 34.20 28.03 -41.28
C ILE E 20 35.24 27.17 -41.98
N HIS E 21 35.76 27.66 -43.10
CA HIS E 21 36.84 26.97 -43.82
C HIS E 21 38.19 27.40 -43.25
N ALA E 22 38.27 28.66 -42.83
CA ALA E 22 39.50 29.21 -42.29
C ALA E 22 39.81 28.65 -40.91
N VAL E 23 38.93 27.79 -40.40
CA VAL E 23 39.12 27.18 -39.08
C VAL E 23 40.44 26.40 -39.05
N GLU E 24 41.04 26.35 -37.87
CA GLU E 24 42.32 25.69 -37.67
C GLU E 24 42.12 24.26 -37.18
N ASN E 25 41.42 24.11 -36.06
CA ASN E 25 41.12 22.79 -35.51
C ASN E 25 39.85 22.84 -34.67
N PRO E 26 38.69 22.85 -35.35
CA PRO E 26 37.38 22.86 -34.70
C PRO E 26 37.27 21.84 -33.57
N PHE E 27 36.43 22.13 -32.58
CA PHE E 27 36.27 21.28 -31.40
C PHE E 27 37.58 21.18 -30.61
N GLY E 28 38.51 22.09 -30.91
CA GLY E 28 39.69 22.25 -30.09
C GLY E 28 39.36 23.16 -28.93
N ALA E 29 39.66 22.70 -27.72
CA ALA E 29 39.25 23.39 -26.49
C ALA E 29 39.51 24.90 -26.50
N ASN E 30 40.47 25.33 -27.31
CA ASN E 30 40.82 26.75 -27.40
C ASN E 30 39.92 27.49 -28.39
N ASP E 31 39.86 27.00 -29.63
CA ASP E 31 39.09 27.66 -30.68
C ASP E 31 37.71 27.02 -30.88
N LEU E 32 37.25 26.28 -29.89
CA LEU E 32 35.91 25.67 -29.94
C LEU E 32 34.78 26.69 -29.77
N PRO E 33 34.80 27.47 -28.68
CA PRO E 33 33.67 28.37 -28.42
C PRO E 33 33.42 29.35 -29.54
N TYR E 34 34.47 29.67 -30.29
CA TYR E 34 34.34 30.53 -31.46
C TYR E 34 33.73 29.75 -32.63
N PHE E 35 34.13 28.50 -32.78
CA PHE E 35 33.58 27.62 -33.80
C PHE E 35 32.08 27.45 -33.58
N ARG E 36 31.70 27.32 -32.32
CA ARG E 36 30.28 27.26 -31.95
C ARG E 36 29.52 28.48 -32.47
N THR E 37 30.02 29.66 -32.14
CA THR E 37 29.39 30.90 -32.58
C THR E 37 29.27 30.91 -34.09
N LEU E 38 30.36 30.57 -34.76
CA LEU E 38 30.32 30.49 -36.22
C LEU E 38 29.19 29.58 -36.68
N LEU E 39 29.12 28.38 -36.11
CA LEU E 39 28.08 27.42 -36.47
C LEU E 39 26.69 28.02 -36.26
N LYS E 40 26.50 28.69 -35.12
CA LYS E 40 25.21 29.28 -34.81
C LYS E 40 24.86 30.39 -35.80
N ILE E 41 25.86 31.18 -36.19
CA ILE E 41 25.65 32.18 -37.23
C ILE E 41 25.23 31.49 -38.52
N LEU E 42 25.96 30.44 -38.89
CA LEU E 42 25.63 29.66 -40.08
C LEU E 42 24.20 29.18 -40.02
N PHE E 43 23.79 28.70 -38.86
CA PHE E 43 22.42 28.23 -38.65
C PHE E 43 21.42 29.37 -38.86
N VAL E 44 21.63 30.49 -38.17
CA VAL E 44 20.74 31.64 -38.30
C VAL E 44 20.58 32.03 -39.76
N VAL E 45 21.70 32.12 -40.47
CA VAL E 45 21.67 32.44 -41.89
C VAL E 45 20.84 31.42 -42.65
N LEU E 46 21.22 30.14 -42.54
CA LEU E 46 20.56 29.07 -43.28
C LEU E 46 19.05 29.01 -43.03
N ARG E 47 18.62 29.18 -41.79
CA ARG E 47 17.20 29.14 -41.47
C ARG E 47 16.45 30.24 -42.22
N ALA E 48 17.09 31.39 -42.36
CA ALA E 48 16.50 32.53 -43.05
C ALA E 48 17.01 32.63 -44.47
N ALA E 49 17.76 31.61 -44.89
CA ALA E 49 18.25 31.51 -46.27
C ALA E 49 17.30 30.66 -47.10
N LYS E 50 16.06 30.54 -46.64
CA LYS E 50 15.04 29.79 -47.35
C LYS E 50 14.28 30.71 -48.31
N GLN E 51 15.05 31.57 -48.99
CA GLN E 51 14.51 32.53 -49.96
C GLN E 51 13.49 33.47 -49.31
N ILE E 63 23.31 28.47 -56.66
CA ILE E 63 22.83 28.94 -55.37
C ILE E 63 22.73 27.78 -54.39
N THR E 64 22.10 26.69 -54.84
CA THR E 64 22.03 25.45 -54.05
C THR E 64 23.42 24.85 -53.92
N GLN E 65 24.30 25.18 -54.86
CA GLN E 65 25.68 24.69 -54.81
C GLN E 65 26.46 25.36 -53.68
N GLN E 66 25.79 26.25 -52.95
CA GLN E 66 26.37 26.87 -51.77
C GLN E 66 26.06 26.07 -50.51
N VAL E 67 24.78 25.71 -50.33
CA VAL E 67 24.35 24.96 -49.15
C VAL E 67 24.89 23.53 -49.17
N LEU E 68 25.38 23.08 -50.32
CA LEU E 68 25.91 21.72 -50.42
C LEU E 68 27.36 21.66 -49.94
N THR E 69 28.10 22.76 -50.08
CA THR E 69 29.50 22.78 -49.66
C THR E 69 29.60 22.66 -48.14
N ILE E 70 28.64 23.25 -47.43
CA ILE E 70 28.60 23.16 -45.98
C ILE E 70 28.07 21.79 -45.54
N LEU E 71 27.24 21.18 -46.40
CA LEU E 71 26.83 19.79 -46.20
C LEU E 71 28.03 18.85 -46.34
N ASP E 72 29.13 19.39 -46.88
CA ASP E 72 30.36 18.62 -47.05
C ASP E 72 31.45 19.00 -46.05
N ARG E 73 31.77 20.29 -45.95
CA ARG E 73 32.91 20.73 -45.14
C ARG E 73 32.52 21.20 -43.74
N VAL E 74 31.23 21.17 -43.43
CA VAL E 74 30.75 21.54 -42.10
C VAL E 74 30.05 20.35 -41.46
N VAL E 75 28.85 20.02 -41.96
CA VAL E 75 28.03 18.99 -41.35
C VAL E 75 28.75 17.65 -41.33
N ALA E 76 29.02 17.11 -42.52
CA ALA E 76 29.57 15.76 -42.66
C ALA E 76 31.01 15.68 -42.15
N ARG E 77 31.67 16.82 -42.03
CA ARG E 77 33.02 16.85 -41.47
C ARG E 77 32.96 16.79 -39.95
N CYS E 78 32.21 17.74 -39.37
CA CYS E 78 32.12 17.84 -37.92
C CYS E 78 31.40 16.64 -37.32
N PHE E 79 30.42 16.10 -38.03
CA PHE E 79 29.64 14.97 -37.53
C PHE E 79 30.52 13.73 -37.38
N ARG E 80 31.64 13.70 -38.10
CA ARG E 80 32.62 12.64 -37.93
C ARG E 80 33.65 13.06 -36.89
N ALA E 81 34.16 14.29 -37.03
CA ALA E 81 35.17 14.80 -36.11
C ALA E 81 34.65 14.82 -34.67
N LEU E 82 33.34 14.92 -34.54
CA LEU E 82 32.68 15.02 -33.25
C LEU E 82 32.29 13.64 -32.78
N ALA E 83 32.13 12.72 -33.73
CA ALA E 83 31.80 11.34 -33.41
C ALA E 83 32.94 10.71 -32.60
N ALA E 84 34.12 11.32 -32.68
CA ALA E 84 35.24 10.92 -31.85
C ALA E 84 35.08 11.52 -30.45
N LEU E 85 34.30 10.84 -29.60
CA LEU E 85 34.14 11.24 -28.21
C LEU E 85 35.31 10.70 -27.40
N VAL E 86 35.71 9.46 -27.71
CA VAL E 86 36.90 8.85 -27.12
C VAL E 86 36.84 8.84 -25.59
N THR E 97 37.38 15.81 -26.05
CA THR E 97 37.40 17.09 -25.35
C THR E 97 36.00 17.44 -24.85
N THR E 98 35.88 18.56 -24.15
CA THR E 98 34.59 18.98 -23.61
C THR E 98 33.65 19.46 -24.72
N THR E 99 33.24 18.51 -25.56
CA THR E 99 32.24 18.76 -26.58
C THR E 99 30.92 18.18 -26.11
N ALA E 100 29.98 19.06 -25.81
CA ALA E 100 28.72 18.64 -25.21
C ALA E 100 27.87 17.85 -26.20
N PRO E 101 26.78 17.23 -25.71
CA PRO E 101 25.79 16.65 -26.60
C PRO E 101 24.81 17.71 -27.05
N GLU E 102 25.34 18.85 -27.48
CA GLU E 102 24.50 19.98 -27.86
C GLU E 102 25.00 20.62 -29.15
N ASP E 103 26.30 20.59 -29.37
CA ASP E 103 26.83 21.04 -30.64
C ASP E 103 26.63 19.95 -31.69
N LEU E 104 26.45 18.72 -31.23
CA LEU E 104 25.99 17.62 -32.09
C LEU E 104 24.57 17.92 -32.56
N ALA E 105 23.75 18.41 -31.62
CA ALA E 105 22.39 18.84 -31.93
C ALA E 105 22.45 20.05 -32.85
N LEU E 106 23.45 20.90 -32.64
CA LEU E 106 23.62 22.08 -33.47
C LEU E 106 23.86 21.64 -34.91
N ILE E 107 24.84 20.75 -35.09
CA ILE E 107 25.12 20.20 -36.42
C ILE E 107 23.88 19.52 -37.01
N THR E 108 23.18 18.74 -36.19
CA THR E 108 21.92 18.14 -36.62
C THR E 108 20.95 19.20 -37.11
N ALA E 109 20.90 20.31 -36.40
CA ALA E 109 20.01 21.41 -36.74
C ALA E 109 20.49 22.18 -37.96
N ILE E 110 21.80 22.25 -38.17
CA ILE E 110 22.36 22.85 -39.37
C ILE E 110 21.97 21.99 -40.57
N LEU E 111 22.12 20.68 -40.43
CA LEU E 111 21.67 19.73 -41.45
C LEU E 111 20.19 19.96 -41.76
N GLN E 112 19.37 19.89 -40.73
CA GLN E 112 17.95 20.18 -40.85
C GLN E 112 17.72 21.53 -41.54
N ALA E 113 18.54 22.51 -41.20
CA ALA E 113 18.45 23.84 -41.79
C ALA E 113 18.85 23.83 -43.26
N CYS E 114 19.81 22.98 -43.60
CA CYS E 114 20.26 22.84 -44.98
C CYS E 114 19.19 22.19 -45.84
N LEU E 115 18.77 20.99 -45.47
CA LEU E 115 17.85 20.19 -46.29
C LEU E 115 16.53 20.89 -46.58
N SER E 116 16.27 22.00 -45.88
CA SER E 116 15.03 22.75 -46.05
C SER E 116 15.15 23.84 -47.13
N VAL E 117 16.33 24.00 -47.72
CA VAL E 117 16.50 24.97 -48.81
C VAL E 117 15.63 24.52 -49.99
N PRO E 118 14.85 25.44 -50.57
CA PRO E 118 13.86 25.09 -51.59
C PRO E 118 14.39 24.35 -52.82
N GLY E 119 15.71 24.26 -52.99
CA GLY E 119 16.29 23.72 -54.20
C GLY E 119 17.22 22.52 -54.04
N ILE E 120 17.00 21.71 -53.02
CA ILE E 120 17.86 20.55 -52.77
C ILE E 120 17.22 19.23 -53.19
N GLU E 121 15.89 19.15 -53.09
CA GLU E 121 15.19 17.93 -53.51
C GLU E 121 15.45 17.62 -54.98
N GLN E 122 15.71 18.68 -55.76
CA GLN E 122 16.12 18.54 -57.15
C GLN E 122 17.49 17.87 -57.23
N CYS E 123 18.20 17.87 -56.10
CA CYS E 123 19.57 17.37 -56.02
C CYS E 123 19.74 16.34 -54.91
N GLN E 124 18.68 15.58 -54.64
CA GLN E 124 18.69 14.59 -53.56
C GLN E 124 19.75 13.52 -53.76
N VAL E 125 20.06 13.23 -55.03
CA VAL E 125 21.01 12.19 -55.35
C VAL E 125 22.43 12.60 -54.94
N GLN E 126 22.68 13.90 -54.94
CA GLN E 126 24.01 14.41 -54.64
C GLN E 126 24.25 14.43 -53.14
N VAL E 127 23.18 14.71 -52.38
CA VAL E 127 23.25 14.71 -50.93
C VAL E 127 23.77 13.36 -50.44
N LEU E 128 23.23 12.28 -51.00
CA LEU E 128 23.61 10.92 -50.62
C LEU E 128 25.08 10.64 -50.95
N ASN E 129 25.52 11.11 -52.11
CA ASN E 129 26.92 10.96 -52.50
C ASN E 129 27.82 11.70 -51.52
N ILE E 130 27.44 12.93 -51.19
CA ILE E 130 28.20 13.76 -50.26
C ILE E 130 28.19 13.17 -48.85
N ALA E 132 27.57 10.04 -48.07
CA ALA E 132 28.18 8.71 -48.10
C ALA E 132 29.67 8.79 -48.38
N ALA E 133 30.10 9.88 -49.02
CA ALA E 133 31.52 10.12 -49.21
C ALA E 133 32.20 10.09 -47.86
N HIS E 134 31.79 10.99 -46.97
CA HIS E 134 32.11 10.87 -45.56
C HIS E 134 31.35 9.64 -45.07
N ASP E 135 31.84 8.99 -44.03
CA ASP E 135 31.22 7.74 -43.60
C ASP E 135 30.07 7.99 -42.63
N VAL E 136 29.27 9.02 -42.92
CA VAL E 136 28.24 9.48 -42.01
C VAL E 136 27.30 8.37 -41.56
N PHE E 137 26.70 7.68 -42.52
CA PHE E 137 25.66 6.69 -42.24
C PHE E 137 26.10 5.65 -41.21
N GLN E 138 27.27 5.06 -41.44
CA GLN E 138 27.81 4.08 -40.50
C GLN E 138 28.19 4.73 -39.18
N VAL E 139 28.81 5.90 -39.26
CA VAL E 139 29.25 6.61 -38.07
C VAL E 139 28.07 6.93 -37.18
N ALA E 140 26.92 7.18 -37.80
CA ALA E 140 25.70 7.43 -37.05
C ALA E 140 25.30 6.19 -36.26
N VAL E 141 25.39 5.03 -36.90
CA VAL E 141 25.02 3.76 -36.27
C VAL E 141 26.05 3.36 -35.21
N ALA E 142 27.31 3.68 -35.47
CA ALA E 142 28.37 3.47 -34.50
C ALA E 142 28.06 4.30 -33.27
N LEU E 143 27.97 5.60 -33.49
CA LEU E 143 27.60 6.57 -32.46
C LEU E 143 26.37 6.14 -31.69
N PHE E 144 25.36 5.66 -32.41
CA PHE E 144 24.10 5.25 -31.82
C PHE E 144 24.22 4.17 -30.74
N SER E 145 25.23 3.32 -30.84
CA SER E 145 25.28 2.12 -30.01
C SER E 145 25.60 2.38 -28.53
N TRP E 146 26.67 3.13 -28.27
CA TRP E 146 27.17 3.27 -26.90
C TRP E 146 26.61 4.50 -26.19
N ALA E 147 25.52 5.04 -26.72
CA ALA E 147 24.81 6.14 -26.06
C ALA E 147 24.52 5.75 -24.61
N ASP E 148 24.18 4.47 -24.41
CA ASP E 148 23.92 3.93 -23.07
C ASP E 148 25.16 3.22 -22.51
N SER E 171 23.99 7.73 -17.35
CA SER E 171 23.13 7.81 -16.17
C SER E 171 21.72 7.32 -16.47
N GLY E 172 21.63 6.24 -17.26
CA GLY E 172 20.36 5.60 -17.54
C GLY E 172 19.56 6.19 -18.70
N ASP E 173 20.08 7.26 -19.31
CA ASP E 173 19.38 7.92 -20.42
C ASP E 173 20.23 7.96 -21.70
N PRO E 174 19.59 7.72 -22.87
CA PRO E 174 20.31 7.71 -24.16
C PRO E 174 20.35 9.07 -24.83
N VAL E 175 21.11 10.00 -24.26
CA VAL E 175 21.19 11.37 -24.79
C VAL E 175 21.67 11.39 -26.24
N TYR E 176 22.84 10.80 -26.48
CA TYR E 176 23.43 10.77 -27.81
C TYR E 176 22.62 9.89 -28.75
N GLY E 177 21.94 8.89 -28.20
CA GLY E 177 21.14 7.99 -29.00
C GLY E 177 20.07 8.73 -29.77
N GLU E 178 19.24 9.46 -29.03
CA GLU E 178 18.17 10.24 -29.64
C GLU E 178 18.75 11.21 -30.67
N LEU E 179 19.96 11.70 -30.41
CA LEU E 179 20.62 12.60 -31.35
C LEU E 179 21.02 11.94 -32.65
N ALA E 180 21.78 10.85 -32.58
CA ALA E 180 22.18 10.12 -33.78
C ALA E 180 20.96 9.68 -34.57
N LEU E 181 19.92 9.24 -33.85
CA LEU E 181 18.68 8.85 -34.51
C LEU E 181 17.98 10.03 -35.18
N LEU E 182 17.91 11.17 -34.49
CA LEU E 182 17.32 12.39 -35.06
C LEU E 182 18.09 12.87 -36.28
N PHE E 183 19.41 12.74 -36.22
CA PHE E 183 20.28 13.06 -37.33
C PHE E 183 19.96 12.17 -38.52
N LEU E 184 20.04 10.85 -38.31
CA LEU E 184 19.70 9.89 -39.35
C LEU E 184 18.27 10.12 -39.83
N LEU E 185 17.41 10.55 -38.93
CA LEU E 185 16.03 10.87 -39.30
C LEU E 185 16.00 12.09 -40.20
N GLU E 186 16.84 13.08 -39.89
CA GLU E 186 16.91 14.27 -40.71
C GLU E 186 17.47 13.94 -42.10
N LEU E 187 18.44 13.03 -42.16
CA LEU E 187 18.93 12.54 -43.45
C LEU E 187 17.81 11.86 -44.22
N SER E 188 17.15 10.92 -43.57
CA SER E 188 16.12 10.10 -44.19
C SER E 188 14.86 10.89 -44.54
N ALA E 189 14.84 12.17 -44.18
CA ALA E 189 13.71 13.05 -44.49
C ALA E 189 13.39 12.98 -45.96
N LEU E 190 14.42 12.83 -46.78
CA LEU E 190 14.27 12.67 -48.21
C LEU E 190 14.58 11.21 -48.61
N PRO E 191 13.78 10.62 -49.53
CA PRO E 191 13.89 9.18 -49.83
C PRO E 191 15.26 8.69 -50.29
N ALA E 192 16.03 9.54 -50.96
CA ALA E 192 17.30 9.13 -51.55
C ALA E 192 18.26 8.57 -50.51
N LEU E 193 18.26 9.15 -49.31
CA LEU E 193 19.15 8.70 -48.25
C LEU E 193 18.49 7.59 -47.41
N ALA E 194 17.17 7.66 -47.28
CA ALA E 194 16.44 6.59 -46.61
C ALA E 194 16.69 5.27 -47.34
N GLU E 195 16.74 5.35 -48.67
CA GLU E 195 17.07 4.21 -49.50
C GLU E 195 18.41 3.59 -49.08
N HIS E 196 19.44 4.42 -49.00
CA HIS E 196 20.77 3.94 -48.61
C HIS E 196 20.77 3.45 -47.18
N LEU E 197 19.96 4.07 -46.33
CA LEU E 197 19.84 3.61 -44.95
C LEU E 197 19.30 2.19 -44.90
N ALA E 198 18.09 2.01 -45.43
CA ALA E 198 17.46 0.70 -45.42
C ALA E 198 18.33 -0.33 -46.15
N CYS E 199 18.94 0.09 -47.25
CA CYS E 199 19.81 -0.78 -48.03
C CYS E 199 21.05 -1.16 -47.24
N ASP E 200 21.61 -0.21 -46.50
CA ASP E 200 22.78 -0.46 -45.67
C ASP E 200 22.39 -1.31 -44.47
N GLY E 201 21.09 -1.32 -44.16
CA GLY E 201 20.56 -2.15 -43.10
C GLY E 201 20.61 -1.47 -41.76
N LEU E 202 19.92 -0.34 -41.63
CA LEU E 202 19.87 0.39 -40.38
C LEU E 202 19.10 -0.43 -39.34
N LEU E 203 17.91 -0.87 -39.73
CA LEU E 203 17.01 -1.58 -38.83
C LEU E 203 17.67 -2.82 -38.24
N GLY E 204 18.54 -3.46 -39.02
CA GLY E 204 19.30 -4.61 -38.55
C GLY E 204 20.29 -4.22 -37.47
N HIS E 205 21.02 -3.14 -37.69
CA HIS E 205 22.04 -2.66 -36.76
C HIS E 205 21.39 -1.98 -35.57
N LEU E 206 20.16 -1.50 -35.76
CA LEU E 206 19.43 -0.78 -34.74
C LEU E 206 18.67 -1.70 -33.80
N ALA E 207 17.93 -2.65 -34.38
CA ALA E 207 17.09 -3.55 -33.59
C ALA E 207 17.91 -4.42 -32.64
N ALA E 208 19.17 -4.66 -33.00
CA ALA E 208 20.05 -5.49 -32.18
C ALA E 208 20.71 -4.68 -31.06
N ALA E 209 20.57 -3.36 -31.11
CA ALA E 209 21.25 -2.49 -30.14
C ALA E 209 20.54 -2.51 -28.79
N ARG E 210 21.33 -2.29 -27.74
CA ARG E 210 20.80 -2.34 -26.38
C ARG E 210 19.72 -1.29 -26.19
N LEU E 211 19.80 -0.22 -26.97
CA LEU E 211 18.80 0.84 -26.95
C LEU E 211 17.40 0.27 -27.12
N ALA E 212 17.30 -0.81 -27.88
CA ALA E 212 16.02 -1.49 -28.07
C ALA E 212 15.52 -2.04 -26.74
N GLY E 213 16.46 -2.38 -25.86
CA GLY E 213 16.14 -3.00 -24.59
C GLY E 213 15.18 -2.21 -23.71
N TYR E 214 15.58 -1.00 -23.34
CA TYR E 214 14.77 -0.15 -22.46
C TYR E 214 13.41 0.14 -23.06
N ARG E 216 11.76 -1.98 -24.85
CA ARG E 216 10.99 -3.22 -24.74
C ARG E 216 10.59 -3.52 -23.30
N ARG E 217 10.98 -2.65 -22.37
CA ARG E 217 10.69 -2.85 -20.96
C ARG E 217 9.50 -2.02 -20.49
N THR E 218 8.60 -2.67 -19.75
CA THR E 218 7.38 -2.01 -19.26
C THR E 218 7.71 -0.96 -18.22
N ASN E 219 8.31 0.14 -18.67
CA ASN E 219 8.61 1.27 -17.81
C ASN E 219 8.81 2.52 -18.67
N VAL E 220 8.12 2.55 -19.81
CA VAL E 220 8.33 3.56 -20.84
C VAL E 220 7.03 4.27 -21.19
N GLY E 221 7.13 5.56 -21.50
CA GLY E 221 5.97 6.34 -21.89
C GLY E 221 6.28 7.83 -21.96
N PRO E 222 5.28 8.62 -22.37
CA PRO E 222 5.43 10.08 -22.43
C PRO E 222 5.68 10.67 -21.06
N PHE E 223 4.84 10.31 -20.10
CA PHE E 223 4.95 10.80 -18.73
C PHE E 223 5.53 9.72 -17.83
N ALA E 224 6.86 9.69 -17.76
CA ALA E 224 7.57 8.70 -16.94
C ALA E 224 8.23 9.36 -15.73
N GLU E 225 8.79 8.55 -14.86
CA GLU E 225 9.47 9.03 -13.66
C GLU E 225 10.85 9.60 -14.00
N ASN E 226 11.84 8.72 -14.14
CA ASN E 226 13.19 9.14 -14.48
C ASN E 226 13.27 9.63 -15.92
N ALA E 227 14.38 10.26 -16.27
CA ALA E 227 14.55 10.83 -17.61
C ALA E 227 14.63 9.75 -18.67
N GLY E 228 15.63 8.87 -18.54
CA GLY E 228 15.94 7.86 -19.54
C GLY E 228 14.74 7.15 -20.13
N ALA E 229 13.73 6.92 -19.31
CA ALA E 229 12.50 6.28 -19.77
C ALA E 229 11.70 7.22 -20.67
N ALA E 230 11.51 8.45 -20.20
CA ALA E 230 10.77 9.45 -20.96
C ALA E 230 11.47 9.71 -22.28
N ARG E 231 12.80 9.78 -22.24
CA ARG E 231 13.58 9.95 -23.45
C ARG E 231 13.50 8.69 -24.31
N CYS E 232 13.53 7.54 -23.64
CA CYS E 232 13.44 6.26 -24.33
C CYS E 232 12.13 6.15 -25.13
N TYR E 233 11.05 6.66 -24.56
CA TYR E 233 9.80 6.79 -25.30
C TYR E 233 9.92 7.84 -26.39
N ALA E 234 10.46 9.00 -26.00
CA ALA E 234 10.61 10.12 -26.92
C ALA E 234 11.33 9.68 -28.19
N ILE E 235 12.24 8.72 -28.04
CA ILE E 235 12.89 8.10 -29.18
C ILE E 235 11.85 7.39 -30.04
N TRP E 236 11.06 6.52 -29.42
CA TRP E 236 10.00 5.79 -30.13
C TRP E 236 9.07 6.75 -30.84
N ALA E 237 8.71 7.84 -30.18
CA ALA E 237 7.76 8.79 -30.72
C ALA E 237 8.37 9.66 -31.81
N LYS E 238 9.60 10.11 -31.59
CA LYS E 238 10.20 11.16 -32.40
C LYS E 238 11.21 10.64 -33.43
N CYS E 239 11.66 9.39 -33.30
CA CYS E 239 12.67 8.83 -34.20
C CYS E 239 12.14 7.68 -35.07
N LEU E 240 11.93 6.51 -34.48
CA LEU E 240 11.48 5.33 -35.23
C LEU E 240 10.25 5.63 -36.08
N LEU E 241 9.13 5.81 -35.40
CA LEU E 241 7.84 6.00 -36.06
C LEU E 241 7.90 6.97 -37.25
N PRO E 242 8.56 8.12 -37.07
CA PRO E 242 8.74 9.00 -38.24
C PRO E 242 9.86 8.54 -39.17
N LEU E 243 10.82 7.78 -38.66
CA LEU E 243 11.91 7.27 -39.52
C LEU E 243 11.40 6.11 -40.38
N LEU E 244 10.53 5.29 -39.83
CA LEU E 244 9.94 4.17 -40.58
C LEU E 244 9.22 4.70 -41.81
N LEU E 245 8.43 5.75 -41.62
CA LEU E 245 7.62 6.30 -42.69
C LEU E 245 8.49 6.88 -43.82
N ASN E 246 9.73 7.21 -43.50
CA ASN E 246 10.64 7.76 -44.49
C ASN E 246 11.29 6.67 -45.32
N ILE E 247 11.70 5.59 -44.68
CA ILE E 247 12.24 4.43 -45.37
C ILE E 247 11.12 3.62 -46.05
N LEU E 248 9.88 3.88 -45.65
CA LEU E 248 8.72 3.28 -46.29
C LEU E 248 8.46 3.91 -47.65
N ALA E 249 8.78 5.20 -47.76
CA ALA E 249 8.55 5.97 -48.99
C ALA E 249 9.57 5.64 -50.06
N ALA E 250 10.37 4.60 -49.83
CA ALA E 250 11.30 4.08 -50.83
C ALA E 250 10.96 2.61 -51.08
N LEU E 251 9.89 2.40 -51.84
CA LEU E 251 9.37 1.06 -52.13
C LEU E 251 9.13 0.31 -50.83
N GLY E 252 8.04 0.65 -50.15
CA GLY E 252 7.74 0.10 -48.84
C GLY E 252 7.63 -1.40 -48.79
N SER E 253 7.06 -1.99 -49.84
CA SER E 253 6.86 -3.43 -49.90
C SER E 253 8.15 -4.20 -49.62
N THR E 254 9.24 -3.74 -50.22
CA THR E 254 10.55 -4.39 -50.05
C THR E 254 10.99 -4.36 -48.59
N VAL E 255 10.81 -3.22 -47.94
CA VAL E 255 11.26 -3.02 -46.57
C VAL E 255 10.09 -3.24 -45.59
N ALA E 256 8.91 -3.51 -46.12
CA ALA E 256 7.73 -3.78 -45.29
C ALA E 256 8.02 -4.85 -44.23
N PRO E 257 8.69 -5.96 -44.64
CA PRO E 257 9.10 -6.95 -43.64
C PRO E 257 9.89 -6.32 -42.50
N GLU E 258 10.89 -5.51 -42.82
CA GLU E 258 11.75 -4.91 -41.80
C GLU E 258 10.97 -4.00 -40.87
N VAL E 259 10.19 -3.08 -41.43
CA VAL E 259 9.46 -2.12 -40.60
C VAL E 259 8.46 -2.85 -39.72
N ALA E 260 7.76 -3.83 -40.29
CA ALA E 260 6.83 -4.63 -39.49
C ALA E 260 7.59 -5.41 -38.43
N TRP E 261 8.76 -5.92 -38.81
CA TRP E 261 9.58 -6.73 -37.93
C TRP E 261 10.01 -5.92 -36.71
N VAL E 262 10.57 -4.74 -36.94
CA VAL E 262 10.99 -3.86 -35.84
C VAL E 262 9.78 -3.38 -35.05
N LEU E 263 8.71 -3.00 -35.76
CA LEU E 263 7.49 -2.57 -35.10
C LEU E 263 6.99 -3.66 -34.15
N ASN E 264 7.10 -4.91 -34.57
CA ASN E 264 6.69 -6.04 -33.75
C ASN E 264 7.66 -6.37 -32.62
N GLN E 265 8.92 -5.92 -32.76
CA GLN E 265 9.92 -6.19 -31.72
C GLN E 265 9.76 -5.28 -30.52
N PHE E 266 8.84 -4.33 -30.63
CA PHE E 266 8.48 -3.45 -29.52
C PHE E 266 6.99 -3.57 -29.23
N PRO E 267 6.53 -4.77 -28.88
CA PRO E 267 5.10 -5.03 -28.70
C PRO E 267 4.49 -4.21 -27.57
N ASN E 268 5.23 -4.09 -26.46
CA ASN E 268 4.77 -3.32 -25.31
C ASN E 268 4.32 -1.92 -25.70
N LEU E 269 5.10 -1.28 -26.55
CA LEU E 269 4.77 0.07 -27.00
C LEU E 269 3.49 0.08 -27.82
N LEU E 270 3.29 -0.97 -28.62
CA LEU E 270 2.07 -1.08 -29.42
C LEU E 270 0.87 -1.29 -28.52
N GLN E 271 1.00 -2.23 -27.59
CA GLN E 271 -0.08 -2.51 -26.64
C GLN E 271 -0.35 -1.30 -25.76
N SER E 272 0.69 -0.52 -25.49
CA SER E 272 0.56 0.72 -24.72
C SER E 272 -0.07 1.82 -25.57
N SER E 273 0.32 1.88 -26.84
CA SER E 273 -0.06 2.99 -27.71
C SER E 273 -1.58 3.14 -27.82
N VAL E 274 -2.28 2.01 -27.81
CA VAL E 274 -3.74 2.03 -27.95
C VAL E 274 -4.38 2.23 -26.58
N GLU E 275 -3.77 1.63 -25.57
CA GLU E 275 -4.28 1.70 -24.21
C GLU E 275 -3.69 2.90 -23.47
N ARG E 276 -2.95 3.74 -24.20
CA ARG E 276 -2.49 5.01 -23.65
C ARG E 276 -3.64 6.00 -23.57
N ILE E 277 -4.44 6.07 -24.63
CA ILE E 277 -5.63 6.91 -24.65
C ILE E 277 -6.87 6.05 -24.41
N SER E 300 -0.89 14.07 -24.31
CA SER E 300 0.14 14.88 -24.96
C SER E 300 0.11 14.68 -26.48
N LEU E 301 0.96 15.42 -27.19
CA LEU E 301 0.98 15.43 -28.64
C LEU E 301 1.75 14.25 -29.25
N LEU E 302 2.85 13.87 -28.60
CA LEU E 302 3.65 12.74 -29.04
C LEU E 302 2.78 11.49 -29.08
N GLU E 303 1.86 11.41 -28.12
CA GLU E 303 0.90 10.31 -28.05
C GLU E 303 0.02 10.30 -29.30
N ILE E 304 -0.28 11.48 -29.81
CA ILE E 304 -1.11 11.61 -31.00
C ILE E 304 -0.30 11.25 -32.24
N SER E 305 0.93 11.76 -32.30
CA SER E 305 1.82 11.41 -33.41
C SER E 305 2.19 9.93 -33.36
N GLU E 306 2.12 9.34 -32.16
CA GLU E 306 2.37 7.91 -32.01
C GLU E 306 1.22 7.11 -32.61
N ILE E 307 0.00 7.60 -32.40
CA ILE E 307 -1.18 6.96 -32.96
C ILE E 307 -1.56 7.69 -34.26
N HIS E 308 -0.54 8.15 -34.97
CA HIS E 308 -0.71 8.67 -36.32
C HIS E 308 0.29 7.98 -37.24
N SER E 309 1.45 7.63 -36.68
CA SER E 309 2.45 6.87 -37.42
C SER E 309 2.04 5.41 -37.48
N LEU E 310 1.74 4.84 -36.32
CA LEU E 310 1.22 3.48 -36.24
C LEU E 310 -0.14 3.38 -36.91
N ALA E 311 -0.85 4.52 -36.97
CA ALA E 311 -2.15 4.58 -37.60
C ALA E 311 -2.03 4.57 -39.13
N LEU E 312 -0.80 4.58 -39.63
CA LEU E 312 -0.55 4.51 -41.07
C LEU E 312 0.53 3.48 -41.40
N LEU E 313 1.26 3.02 -40.40
CA LEU E 313 2.32 2.03 -40.62
C LEU E 313 1.76 0.62 -40.80
N THR E 314 0.54 0.40 -40.32
CA THR E 314 -0.11 -0.91 -40.46
C THR E 314 -1.23 -0.87 -41.50
N ARG E 315 -1.58 0.34 -41.94
CA ARG E 315 -2.62 0.49 -42.96
C ARG E 315 -2.05 0.21 -44.35
N VAL E 316 -0.83 0.68 -44.58
CA VAL E 316 -0.16 0.44 -45.85
C VAL E 316 0.10 -1.05 -46.02
N LEU E 317 0.41 -1.73 -44.91
CA LEU E 317 0.66 -3.16 -44.93
C LEU E 317 -0.64 -3.93 -45.23
N ALA E 318 -1.78 -3.27 -45.05
CA ALA E 318 -3.08 -3.88 -45.30
C ALA E 318 -3.51 -3.68 -46.76
N ALA E 319 -2.56 -3.40 -47.63
CA ALA E 319 -2.86 -3.19 -49.05
C ALA E 319 -1.70 -3.60 -49.96
N CYS E 320 -0.78 -4.40 -49.43
CA CYS E 320 0.37 -4.87 -50.19
C CYS E 320 0.48 -6.39 -50.13
N ASP E 327 5.17 -9.58 -48.23
CA ASP E 327 5.67 -10.95 -48.31
C ASP E 327 6.09 -11.45 -46.93
N VAL E 328 5.61 -10.76 -45.90
CA VAL E 328 5.96 -11.06 -44.52
C VAL E 328 4.78 -10.69 -43.62
N PRO E 329 4.57 -11.44 -42.52
CA PRO E 329 3.46 -11.20 -41.59
C PRO E 329 3.31 -9.75 -41.12
N GLU E 330 2.12 -9.46 -40.61
CA GLU E 330 1.73 -8.09 -40.28
C GLU E 330 2.04 -7.73 -38.82
N VAL E 331 1.72 -6.51 -38.42
CA VAL E 331 1.98 -6.03 -37.07
C VAL E 331 0.83 -6.44 -36.14
N THR E 332 1.10 -6.58 -34.93
CA THR E 332 0.12 -6.99 -33.94
C THR E 332 -0.40 -5.79 -33.14
N TRP E 333 -0.65 -4.68 -33.84
CA TRP E 333 -1.16 -3.48 -33.19
C TRP E 333 -2.68 -3.52 -33.13
N ASP E 334 -3.24 -3.14 -32.00
CA ASP E 334 -4.68 -3.17 -31.79
C ASP E 334 -5.33 -1.91 -32.37
N GLY E 335 -5.41 -1.84 -33.69
CA GLY E 335 -5.95 -0.67 -34.37
C GLY E 335 -7.46 -0.58 -34.31
N ALA E 336 -8.09 -1.56 -33.67
CA ALA E 336 -9.54 -1.61 -33.58
C ALA E 336 -10.08 -0.61 -32.56
N LYS E 337 -9.49 -0.61 -31.36
CA LYS E 337 -9.92 0.28 -30.29
C LYS E 337 -9.67 1.75 -30.65
N VAL E 338 -8.77 1.99 -31.59
CA VAL E 338 -8.34 3.34 -31.94
C VAL E 338 -9.49 4.18 -32.49
N LEU E 339 -10.20 3.65 -33.47
CA LEU E 339 -11.28 4.39 -34.13
C LEU E 339 -12.31 4.90 -33.12
N GLU E 340 -12.67 4.06 -32.15
CA GLU E 340 -13.61 4.45 -31.11
C GLU E 340 -12.86 5.03 -29.90
N CYS E 341 -11.60 5.38 -30.10
CA CYS E 341 -10.80 6.03 -29.06
C CYS E 341 -10.51 7.48 -29.48
N VAL E 342 -10.64 7.75 -30.77
CA VAL E 342 -10.49 9.11 -31.28
C VAL E 342 -11.74 9.92 -30.96
N GLU E 343 -12.90 9.35 -31.25
CA GLU E 343 -14.17 10.05 -31.01
C GLU E 343 -14.37 10.38 -29.53
N TYR E 344 -13.82 9.54 -28.65
CA TYR E 344 -13.88 9.79 -27.22
C TYR E 344 -13.19 11.11 -26.86
N TRP E 345 -11.97 11.26 -27.35
CA TRP E 345 -11.15 12.43 -27.04
C TRP E 345 -11.03 13.36 -28.25
N LEU E 346 -12.17 13.77 -28.80
CA LEU E 346 -12.20 14.72 -29.91
C LEU E 346 -13.37 15.67 -29.72
N ARG E 347 -14.57 15.21 -30.05
CA ARG E 347 -15.77 16.02 -29.96
C ARG E 347 -16.02 16.43 -28.52
N GLY E 348 -16.23 17.73 -28.32
CA GLY E 348 -16.40 18.29 -26.99
C GLY E 348 -15.37 19.36 -26.71
N ARG E 349 -14.13 19.10 -27.15
CA ARG E 349 -13.00 20.01 -26.99
C ARG E 349 -12.98 20.71 -25.64
N LYS E 350 -13.47 20.02 -24.62
CA LYS E 350 -13.53 20.56 -23.26
C LYS E 350 -12.77 19.63 -22.31
N VAL E 351 -13.02 18.33 -22.47
CA VAL E 351 -12.31 17.32 -21.70
C VAL E 351 -10.84 17.30 -22.11
N LEU E 352 -10.56 17.80 -23.32
CA LEU E 352 -9.20 17.82 -23.85
C LEU E 352 -8.33 18.89 -23.20
N ARG E 353 -8.91 19.66 -22.28
CA ARG E 353 -8.19 20.75 -21.63
C ARG E 353 -7.36 20.27 -20.44
N GLU E 354 -6.86 19.04 -20.51
CA GLU E 354 -6.02 18.50 -19.45
C GLU E 354 -4.92 17.57 -20.00
N ARG E 355 -4.73 17.59 -21.32
CA ARG E 355 -3.70 16.78 -21.97
C ARG E 355 -3.84 15.29 -21.66
N ASN E 388 -6.09 27.34 -27.87
CA ASN E 388 -4.70 27.43 -27.44
C ASN E 388 -3.76 26.76 -28.43
N ARG E 389 -2.49 26.62 -28.03
CA ARG E 389 -1.48 25.99 -28.87
C ARG E 389 -1.68 24.47 -28.90
N LEU E 390 -1.99 23.90 -27.75
CA LEU E 390 -2.06 22.44 -27.61
C LEU E 390 -3.49 21.93 -27.82
N GLU E 391 -4.18 22.51 -28.80
CA GLU E 391 -5.50 22.04 -29.19
C GLU E 391 -5.75 22.24 -30.68
N GLU E 392 -5.57 23.46 -31.15
CA GLU E 392 -5.80 23.79 -32.56
C GLU E 392 -4.96 22.89 -33.46
N LYS E 393 -3.65 22.84 -33.21
CA LYS E 393 -2.76 21.98 -33.95
C LYS E 393 -2.84 20.54 -33.41
N ALA E 394 -3.04 20.42 -32.11
CA ALA E 394 -3.06 19.13 -31.45
C ALA E 394 -4.26 18.29 -31.87
N VAL E 395 -5.47 18.82 -31.63
CA VAL E 395 -6.69 18.12 -32.01
C VAL E 395 -6.73 17.95 -33.53
N GLY E 396 -5.97 18.77 -34.25
CA GLY E 396 -5.94 18.73 -35.70
C GLY E 396 -5.41 17.44 -36.29
N LEU E 397 -4.43 16.84 -35.62
CA LEU E 397 -3.82 15.60 -36.10
C LEU E 397 -4.83 14.45 -36.11
N LEU E 398 -5.46 14.21 -34.97
CA LEU E 398 -6.40 13.09 -34.82
C LEU E 398 -7.61 13.21 -35.75
N VAL E 399 -7.73 14.35 -36.43
CA VAL E 399 -8.74 14.49 -37.47
C VAL E 399 -8.40 13.56 -38.62
N GLY E 400 -7.10 13.37 -38.86
CA GLY E 400 -6.63 12.56 -39.97
C GLY E 400 -6.62 11.07 -39.65
N VAL E 401 -6.36 10.75 -38.38
CA VAL E 401 -6.28 9.36 -37.94
C VAL E 401 -7.59 8.62 -38.23
N ARG E 402 -8.70 9.20 -37.78
CA ARG E 402 -10.00 8.58 -37.91
C ARG E 402 -10.67 8.99 -39.23
N GLU E 403 -9.95 8.82 -40.33
CA GLU E 403 -10.49 9.05 -41.67
C GLU E 403 -10.00 7.99 -42.64
N VAL E 404 -8.71 7.65 -42.52
CA VAL E 404 -8.08 6.72 -43.43
C VAL E 404 -8.19 5.29 -42.88
N LEU E 405 -8.35 5.18 -41.56
CA LEU E 405 -8.43 3.88 -40.89
C LEU E 405 -9.85 3.38 -40.73
N GLU E 406 -10.82 4.14 -41.23
CA GLU E 406 -12.23 3.75 -41.11
C GLU E 406 -12.47 2.44 -41.84
N PRO F 6 -13.52 -78.47 -28.54
CA PRO F 6 -12.81 -77.58 -29.46
C PRO F 6 -13.76 -76.73 -30.29
N ARG F 7 -14.10 -75.54 -29.82
CA ARG F 7 -15.07 -74.70 -30.51
C ARG F 7 -14.82 -73.20 -30.34
N ASP F 8 -14.37 -72.80 -29.16
CA ASP F 8 -14.16 -71.38 -28.88
C ASP F 8 -12.67 -71.02 -28.91
N VAL F 9 -12.37 -69.72 -28.91
CA VAL F 9 -10.99 -69.25 -28.91
C VAL F 9 -10.25 -69.68 -27.64
N THR F 10 -10.91 -69.56 -26.49
CA THR F 10 -10.27 -69.84 -25.20
C THR F 10 -10.43 -71.30 -24.78
N HIS F 11 -11.55 -71.91 -25.16
CA HIS F 11 -11.81 -73.31 -24.80
C HIS F 11 -10.91 -74.26 -25.58
N LEU F 12 -10.64 -73.90 -26.84
CA LEU F 12 -9.79 -74.72 -27.70
C LEU F 12 -8.35 -74.72 -27.20
N LEU F 13 -7.98 -73.66 -26.50
CA LEU F 13 -6.59 -73.49 -26.06
C LEU F 13 -6.31 -74.27 -24.79
N ALA F 14 -7.34 -74.47 -23.98
CA ALA F 14 -7.19 -75.14 -22.69
C ALA F 14 -7.06 -76.65 -22.83
N LEU F 15 -7.76 -77.22 -23.81
CA LEU F 15 -7.80 -78.68 -23.97
C LEU F 15 -6.51 -79.22 -24.59
N VAL F 16 -5.88 -78.44 -25.47
CA VAL F 16 -4.59 -78.82 -26.03
C VAL F 16 -3.56 -78.85 -24.90
N SER F 17 -3.73 -77.94 -23.95
CA SER F 17 -2.89 -77.92 -22.76
C SER F 17 -3.32 -79.03 -21.80
N SER F 18 -4.61 -79.34 -21.80
CA SER F 18 -5.10 -80.47 -21.02
C SER F 18 -4.44 -81.74 -21.55
N ALA F 19 -4.18 -81.74 -22.86
CA ALA F 19 -3.39 -82.81 -23.46
C ALA F 19 -1.91 -82.64 -23.14
N ILE F 20 -1.44 -81.39 -23.16
CA ILE F 20 -0.02 -81.11 -22.85
C ILE F 20 0.30 -81.35 -21.38
N HIS F 21 -0.74 -81.42 -20.54
CA HIS F 21 -0.58 -81.74 -19.13
C HIS F 21 -0.58 -83.25 -18.93
N ALA F 22 -1.37 -83.93 -19.75
CA ALA F 22 -1.49 -85.38 -19.66
C ALA F 22 -0.23 -86.09 -20.17
N VAL F 23 0.74 -85.31 -20.62
CA VAL F 23 1.99 -85.88 -21.10
C VAL F 23 2.68 -86.71 -20.03
N GLU F 24 3.39 -87.74 -20.47
CA GLU F 24 4.05 -88.67 -19.57
C GLU F 24 5.50 -88.28 -19.34
N ASN F 25 6.26 -88.17 -20.43
CA ASN F 25 7.66 -87.78 -20.37
C ASN F 25 8.09 -87.12 -21.68
N PRO F 26 7.72 -85.85 -21.88
CA PRO F 26 8.06 -85.07 -23.07
C PRO F 26 9.53 -85.19 -23.44
N PHE F 27 9.83 -85.05 -24.73
CA PHE F 27 11.18 -85.20 -25.25
C PHE F 27 11.73 -86.61 -24.99
N GLY F 28 10.83 -87.54 -24.67
CA GLY F 28 11.18 -88.95 -24.60
C GLY F 28 11.12 -89.52 -26.00
N ALA F 29 12.19 -90.18 -26.43
CA ALA F 29 12.34 -90.63 -27.81
C ALA F 29 11.10 -91.34 -28.37
N ASN F 30 10.27 -91.90 -27.50
CA ASN F 30 9.07 -92.61 -27.92
C ASN F 30 7.87 -91.67 -28.12
N ASP F 31 7.55 -90.90 -27.09
CA ASP F 31 6.39 -90.01 -27.11
C ASP F 31 6.77 -88.56 -27.45
N LEU F 32 7.94 -88.38 -28.05
CA LEU F 32 8.39 -87.06 -28.49
C LEU F 32 7.62 -86.53 -29.70
N PRO F 33 7.60 -87.29 -30.81
CA PRO F 33 6.99 -86.77 -32.04
C PRO F 33 5.52 -86.39 -31.87
N TYR F 34 4.86 -87.02 -30.92
CA TYR F 34 3.48 -86.67 -30.60
C TYR F 34 3.44 -85.36 -29.81
N PHE F 35 4.39 -85.21 -28.89
CA PHE F 35 4.52 -83.98 -28.11
C PHE F 35 4.79 -82.79 -29.02
N ARG F 36 5.61 -83.01 -30.05
CA ARG F 36 5.85 -81.98 -31.06
C ARG F 36 4.54 -81.54 -31.71
N THR F 37 3.76 -82.49 -32.20
CA THR F 37 2.49 -82.18 -32.82
C THR F 37 1.61 -81.40 -31.87
N LEU F 38 1.53 -81.86 -30.62
CA LEU F 38 0.78 -81.13 -29.60
C LEU F 38 1.26 -79.67 -29.52
N LEU F 39 2.58 -79.49 -29.42
CA LEU F 39 3.14 -78.15 -29.33
C LEU F 39 2.76 -77.30 -30.55
N LYS F 40 2.84 -77.90 -31.73
CA LYS F 40 2.50 -77.17 -32.95
C LYS F 40 1.02 -76.80 -32.97
N ILE F 41 0.16 -77.70 -32.50
CA ILE F 41 -1.27 -77.39 -32.36
C ILE F 41 -1.44 -76.21 -31.42
N LEU F 42 -0.77 -76.30 -30.27
CA LEU F 42 -0.81 -75.22 -29.28
C LEU F 42 -0.39 -73.91 -29.92
N PHE F 43 0.66 -73.95 -30.72
CA PHE F 43 1.15 -72.78 -31.43
C PHE F 43 0.10 -72.21 -32.38
N VAL F 44 -0.42 -73.07 -33.25
CA VAL F 44 -1.45 -72.65 -34.21
C VAL F 44 -2.60 -71.97 -33.49
N VAL F 45 -3.08 -72.59 -32.42
CA VAL F 45 -4.15 -71.99 -31.63
C VAL F 45 -3.73 -70.61 -31.11
N LEU F 46 -2.62 -70.57 -30.38
CA LEU F 46 -2.14 -69.34 -29.76
C LEU F 46 -1.95 -68.19 -30.75
N ARG F 47 -1.37 -68.48 -31.91
CA ARG F 47 -1.16 -67.44 -32.92
C ARG F 47 -2.48 -66.84 -33.38
N ALA F 48 -3.51 -67.69 -33.43
CA ALA F 48 -4.84 -67.26 -33.86
C ALA F 48 -5.74 -67.04 -32.65
N ALA F 49 -5.16 -67.09 -31.46
CA ALA F 49 -5.89 -66.80 -30.23
C ALA F 49 -5.74 -65.34 -29.82
N LYS F 50 -5.37 -64.50 -30.78
CA LYS F 50 -5.23 -63.08 -30.56
C LYS F 50 -6.54 -62.37 -30.95
N GLN F 51 -7.67 -62.98 -30.59
CA GLN F 51 -9.00 -62.45 -30.91
C GLN F 51 -9.17 -62.21 -32.41
N ILE F 63 -9.33 -65.25 -18.83
CA ILE F 63 -9.02 -65.64 -20.20
C ILE F 63 -7.51 -65.64 -20.42
N THR F 64 -6.86 -64.54 -20.02
CA THR F 64 -5.41 -64.44 -20.05
C THR F 64 -4.81 -65.41 -19.04
N GLN F 65 -5.61 -65.77 -18.04
CA GLN F 65 -5.18 -66.73 -17.03
C GLN F 65 -5.06 -68.13 -17.63
N GLN F 66 -5.37 -68.25 -18.92
CA GLN F 66 -5.20 -69.49 -19.66
C GLN F 66 -3.81 -69.53 -20.30
N VAL F 67 -3.45 -68.45 -21.00
CA VAL F 67 -2.17 -68.37 -21.71
C VAL F 67 -1.00 -68.30 -20.72
N LEU F 68 -1.29 -68.02 -19.45
CA LEU F 68 -0.24 -67.96 -18.43
C LEU F 68 0.11 -69.35 -17.91
N THR F 69 -0.86 -70.26 -17.92
CA THR F 69 -0.62 -71.62 -17.42
C THR F 69 0.35 -72.36 -18.34
N ILE F 70 0.27 -72.08 -19.63
CA ILE F 70 1.17 -72.68 -20.60
C ILE F 70 2.54 -71.99 -20.57
N LEU F 71 2.56 -70.72 -20.18
CA LEU F 71 3.82 -70.02 -19.93
C LEU F 71 4.52 -70.64 -18.73
N ASP F 72 3.80 -71.48 -17.99
CA ASP F 72 4.34 -72.15 -16.81
C ASP F 72 4.60 -73.65 -17.06
N ARG F 73 3.60 -74.38 -17.54
CA ARG F 73 3.70 -75.83 -17.65
C ARG F 73 4.10 -76.32 -19.05
N VAL F 74 4.31 -75.38 -19.97
CA VAL F 74 4.76 -75.72 -21.31
C VAL F 74 6.10 -75.07 -21.62
N VAL F 75 6.07 -73.74 -21.77
CA VAL F 75 7.26 -73.00 -22.17
C VAL F 75 8.38 -73.18 -21.14
N ALA F 76 8.15 -72.66 -19.93
CA ALA F 76 9.20 -72.62 -18.91
C ALA F 76 9.57 -74.00 -18.38
N ARG F 77 8.69 -74.98 -18.59
CA ARG F 77 8.99 -76.35 -18.20
C ARG F 77 9.89 -76.99 -19.26
N CYS F 78 9.43 -76.96 -20.51
CA CYS F 78 10.16 -77.59 -21.59
C CYS F 78 11.49 -76.89 -21.85
N PHE F 79 11.52 -75.57 -21.66
CA PHE F 79 12.73 -74.80 -21.92
C PHE F 79 13.86 -75.21 -20.96
N ARG F 80 13.48 -75.78 -19.82
CA ARG F 80 14.47 -76.32 -18.90
C ARG F 80 14.70 -77.79 -19.22
N ALA F 81 13.61 -78.53 -19.39
CA ALA F 81 13.71 -79.96 -19.70
C ALA F 81 14.49 -80.20 -20.98
N LEU F 82 14.48 -79.20 -21.85
CA LEU F 82 15.13 -79.28 -23.16
C LEU F 82 16.55 -78.76 -23.05
N ALA F 83 16.78 -77.89 -22.06
CA ALA F 83 18.13 -77.36 -21.82
C ALA F 83 19.08 -78.46 -21.40
N ALA F 84 18.53 -79.57 -20.93
CA ALA F 84 19.35 -80.74 -20.62
C ALA F 84 19.67 -81.49 -21.90
N LEU F 85 20.72 -81.05 -22.59
CA LEU F 85 21.20 -81.71 -23.80
C LEU F 85 22.10 -82.88 -23.42
N VAL F 86 22.97 -82.66 -22.43
CA VAL F 86 23.79 -83.73 -21.87
C VAL F 86 24.62 -84.44 -22.95
N THR F 97 18.71 -86.78 -25.80
CA THR F 97 17.95 -87.53 -26.80
C THR F 97 17.89 -86.75 -28.11
N THR F 98 17.25 -87.34 -29.12
CA THR F 98 17.16 -86.70 -30.43
C THR F 98 16.21 -85.52 -30.39
N THR F 99 16.62 -84.49 -29.66
CA THR F 99 15.91 -83.21 -29.63
C THR F 99 16.66 -82.19 -30.46
N ALA F 100 16.07 -81.81 -31.58
CA ALA F 100 16.73 -80.91 -32.53
C ALA F 100 16.85 -79.50 -31.96
N PRO F 101 17.64 -78.65 -32.64
CA PRO F 101 17.62 -77.22 -32.34
C PRO F 101 16.49 -76.54 -33.08
N GLU F 102 15.30 -77.15 -33.06
CA GLU F 102 14.16 -76.64 -33.81
C GLU F 102 12.90 -76.67 -32.97
N ASP F 103 12.80 -77.63 -32.06
CA ASP F 103 11.71 -77.65 -31.11
C ASP F 103 12.02 -76.64 -29.99
N LEU F 104 13.30 -76.32 -29.84
CA LEU F 104 13.70 -75.18 -29.00
C LEU F 104 13.16 -73.91 -29.62
N ALA F 105 13.26 -73.82 -30.93
CA ALA F 105 12.70 -72.71 -31.68
C ALA F 105 11.18 -72.74 -31.58
N LEU F 106 10.62 -73.94 -31.53
CA LEU F 106 9.19 -74.10 -31.40
C LEU F 106 8.75 -73.49 -30.08
N ILE F 107 9.39 -73.90 -28.99
CA ILE F 107 9.10 -73.33 -27.67
C ILE F 107 9.31 -71.81 -27.68
N THR F 108 10.40 -71.36 -28.27
CA THR F 108 10.64 -69.93 -28.42
C THR F 108 9.46 -69.27 -29.14
N ALA F 109 8.95 -69.94 -30.16
CA ALA F 109 7.85 -69.43 -30.95
C ALA F 109 6.52 -69.51 -30.21
N ILE F 110 6.37 -70.50 -29.35
CA ILE F 110 5.19 -70.59 -28.51
C ILE F 110 5.19 -69.43 -27.52
N LEU F 111 6.34 -69.17 -26.90
CA LEU F 111 6.51 -67.99 -26.04
C LEU F 111 6.14 -66.72 -26.81
N GLN F 112 6.79 -66.54 -27.95
CA GLN F 112 6.49 -65.43 -28.84
C GLN F 112 5.00 -65.35 -29.14
N ALA F 113 4.37 -66.50 -29.35
CA ALA F 113 2.94 -66.56 -29.62
C ALA F 113 2.13 -66.18 -28.40
N CYS F 114 2.64 -66.53 -27.22
CA CYS F 114 1.98 -66.21 -25.96
C CYS F 114 1.99 -64.72 -25.68
N LEU F 115 3.19 -64.13 -25.60
CA LEU F 115 3.35 -62.74 -25.19
C LEU F 115 2.58 -61.76 -26.09
N SER F 116 2.09 -62.25 -27.22
CA SER F 116 1.35 -61.40 -28.15
C SER F 116 -0.15 -61.37 -27.86
N VAL F 117 -0.60 -62.14 -26.86
CA VAL F 117 -2.01 -62.10 -26.47
C VAL F 117 -2.31 -60.69 -25.94
N PRO F 118 -3.42 -60.08 -26.41
CA PRO F 118 -3.69 -58.67 -26.10
C PRO F 118 -3.78 -58.32 -24.62
N GLY F 119 -3.80 -59.30 -23.72
CA GLY F 119 -4.04 -59.04 -22.31
C GLY F 119 -2.98 -59.50 -21.33
N ILE F 120 -1.72 -59.56 -21.76
CA ILE F 120 -0.64 -60.02 -20.87
C ILE F 120 0.19 -58.85 -20.37
N GLU F 121 0.32 -57.80 -21.16
CA GLU F 121 1.08 -56.62 -20.76
C GLU F 121 0.50 -56.02 -19.49
N GLN F 122 -0.80 -56.19 -19.29
CA GLN F 122 -1.47 -55.81 -18.06
C GLN F 122 -0.96 -56.65 -16.88
N CYS F 123 -0.34 -57.77 -17.21
CA CYS F 123 0.11 -58.73 -16.20
C CYS F 123 1.59 -59.09 -16.38
N GLN F 124 2.37 -58.14 -16.85
CA GLN F 124 3.79 -58.38 -17.14
C GLN F 124 4.56 -58.80 -15.90
N VAL F 125 4.10 -58.36 -14.74
CA VAL F 125 4.79 -58.63 -13.49
C VAL F 125 4.70 -60.12 -13.14
N GLN F 126 3.62 -60.75 -13.57
CA GLN F 126 3.38 -62.15 -13.22
C GLN F 126 4.22 -63.06 -14.12
N VAL F 127 4.40 -62.64 -15.36
CA VAL F 127 5.23 -63.37 -16.32
C VAL F 127 6.62 -63.57 -15.73
N LEU F 128 7.18 -62.50 -15.15
CA LEU F 128 8.51 -62.53 -14.56
C LEU F 128 8.56 -63.51 -13.39
N ASN F 129 7.51 -63.52 -12.58
CA ASN F 129 7.42 -64.45 -11.47
C ASN F 129 7.41 -65.88 -12.00
N ILE F 130 6.61 -66.12 -13.03
CA ILE F 130 6.50 -67.45 -13.64
C ILE F 130 7.81 -67.87 -14.29
N ALA F 132 10.79 -66.66 -13.65
CA ALA F 132 11.86 -66.72 -12.67
C ALA F 132 11.64 -67.85 -11.67
N ALA F 133 10.39 -68.28 -11.51
CA ALA F 133 10.09 -69.46 -10.71
C ALA F 133 10.89 -70.63 -11.25
N HIS F 134 10.65 -70.98 -12.50
CA HIS F 134 11.57 -71.85 -13.23
C HIS F 134 12.85 -71.05 -13.39
N ASP F 135 13.98 -71.71 -13.52
CA ASP F 135 15.24 -70.98 -13.56
C ASP F 135 15.57 -70.53 -14.99
N VAL F 136 14.56 -70.06 -15.70
CA VAL F 136 14.68 -69.77 -17.13
C VAL F 136 15.84 -68.83 -17.46
N PHE F 137 15.86 -67.67 -16.82
CA PHE F 137 16.82 -66.62 -17.15
C PHE F 137 18.25 -67.13 -17.13
N GLN F 138 18.61 -67.82 -16.05
CA GLN F 138 19.94 -68.40 -15.91
C GLN F 138 20.17 -69.53 -16.91
N VAL F 139 19.16 -70.38 -17.08
CA VAL F 139 19.26 -71.51 -17.99
C VAL F 139 19.50 -71.03 -19.40
N ALA F 140 18.93 -69.86 -19.72
CA ALA F 140 19.14 -69.27 -21.02
C ALA F 140 20.61 -68.87 -21.20
N VAL F 141 21.19 -68.28 -20.17
CA VAL F 141 22.59 -67.85 -20.21
C VAL F 141 23.53 -69.05 -20.20
N ALA F 142 23.15 -70.09 -19.46
CA ALA F 142 23.91 -71.32 -19.46
C ALA F 142 23.90 -71.88 -20.87
N LEU F 143 22.70 -72.14 -21.37
CA LEU F 143 22.50 -72.62 -22.73
C LEU F 143 23.28 -71.79 -23.75
N PHE F 144 23.23 -70.48 -23.60
CA PHE F 144 23.93 -69.59 -24.52
C PHE F 144 25.43 -69.86 -24.62
N SER F 145 26.00 -70.37 -23.53
CA SER F 145 27.44 -70.54 -23.43
C SER F 145 27.84 -71.69 -24.34
N TRP F 146 27.01 -72.73 -24.34
CA TRP F 146 27.32 -74.01 -24.95
C TRP F 146 26.94 -74.07 -26.44
N ALA F 147 26.60 -72.94 -27.03
CA ALA F 147 26.30 -72.88 -28.45
C ALA F 147 27.48 -73.37 -29.31
N ASP F 148 28.68 -72.94 -28.96
CA ASP F 148 29.90 -73.33 -29.68
C ASP F 148 30.65 -74.43 -28.94
N SER F 171 30.13 -77.16 -35.48
CA SER F 171 30.72 -77.05 -36.81
C SER F 171 30.95 -75.59 -37.19
N GLY F 172 31.39 -74.79 -36.23
CA GLY F 172 31.73 -73.41 -36.48
C GLY F 172 30.59 -72.40 -36.43
N ASP F 173 29.37 -72.87 -36.19
CA ASP F 173 28.19 -71.99 -36.14
C ASP F 173 27.47 -72.08 -34.80
N PRO F 174 27.00 -70.92 -34.27
CA PRO F 174 26.31 -70.88 -32.97
C PRO F 174 24.79 -71.04 -33.10
N VAL F 175 24.35 -72.23 -33.48
CA VAL F 175 22.92 -72.51 -33.69
C VAL F 175 22.11 -72.24 -32.42
N TYR F 176 22.48 -72.91 -31.34
CA TYR F 176 21.76 -72.77 -30.08
C TYR F 176 21.92 -71.38 -29.48
N GLY F 177 23.05 -70.74 -29.79
CA GLY F 177 23.33 -69.41 -29.28
C GLY F 177 22.27 -68.41 -29.73
N GLU F 178 22.09 -68.32 -31.05
CA GLU F 178 21.10 -67.43 -31.62
C GLU F 178 19.72 -67.73 -31.04
N LEU F 179 19.46 -69.01 -30.76
CA LEU F 179 18.18 -69.41 -30.18
C LEU F 179 17.98 -68.91 -28.76
N ALA F 180 18.92 -69.23 -27.87
CA ALA F 180 18.82 -68.77 -26.48
C ALA F 180 18.72 -67.26 -26.46
N LEU F 181 19.47 -66.59 -27.33
CA LEU F 181 19.40 -65.13 -27.43
C LEU F 181 18.04 -64.65 -27.92
N LEU F 182 17.48 -65.30 -28.95
CA LEU F 182 16.15 -64.94 -29.45
C LEU F 182 15.08 -65.17 -28.40
N PHE F 183 15.25 -66.23 -27.62
CA PHE F 183 14.37 -66.53 -26.49
C PHE F 183 14.44 -65.40 -25.45
N LEU F 184 15.64 -65.15 -24.95
CA LEU F 184 15.85 -64.06 -23.99
C LEU F 184 15.38 -62.75 -24.58
N LEU F 185 15.51 -62.62 -25.90
CA LEU F 185 15.05 -61.43 -26.59
C LEU F 185 13.53 -61.39 -26.54
N GLU F 186 12.89 -62.54 -26.70
CA GLU F 186 11.44 -62.60 -26.64
C GLU F 186 10.92 -62.32 -25.22
N LEU F 187 11.65 -62.78 -24.20
CA LEU F 187 11.31 -62.40 -22.82
C LEU F 187 11.40 -60.90 -22.65
N SER F 188 12.53 -60.35 -23.07
CA SER F 188 12.84 -58.94 -22.91
C SER F 188 11.96 -58.05 -23.77
N ALA F 189 11.10 -58.65 -24.58
CA ALA F 189 10.17 -57.88 -25.41
C ALA F 189 9.38 -56.90 -24.54
N LEU F 190 9.07 -57.34 -23.32
CA LEU F 190 8.39 -56.51 -22.34
C LEU F 190 9.37 -56.07 -21.22
N PRO F 191 9.29 -54.81 -20.77
CA PRO F 191 10.30 -54.26 -19.86
C PRO F 191 10.48 -55.02 -18.53
N ALA F 192 9.41 -55.64 -18.04
CA ALA F 192 9.44 -56.27 -16.72
C ALA F 192 10.52 -57.35 -16.61
N LEU F 193 10.72 -58.10 -17.70
CA LEU F 193 11.72 -59.16 -17.71
C LEU F 193 13.08 -58.65 -18.16
N ALA F 194 13.08 -57.65 -19.03
CA ALA F 194 14.32 -57.01 -19.44
C ALA F 194 15.00 -56.44 -18.20
N GLU F 195 14.19 -55.87 -17.30
CA GLU F 195 14.66 -55.37 -16.01
C GLU F 195 15.42 -56.46 -15.25
N HIS F 196 14.78 -57.63 -15.11
CA HIS F 196 15.39 -58.74 -14.39
C HIS F 196 16.63 -59.24 -15.12
N LEU F 197 16.62 -59.16 -16.44
CA LEU F 197 17.78 -59.55 -17.22
C LEU F 197 18.96 -58.67 -16.88
N ALA F 198 18.79 -57.37 -17.10
CA ALA F 198 19.86 -56.41 -16.85
C ALA F 198 20.29 -56.45 -15.38
N CYS F 199 19.33 -56.58 -14.48
CA CYS F 199 19.62 -56.64 -13.06
C CYS F 199 20.38 -57.91 -12.72
N ASP F 200 20.00 -59.02 -13.35
CA ASP F 200 20.68 -60.29 -13.17
C ASP F 200 22.05 -60.26 -13.85
N GLY F 201 22.21 -59.32 -14.78
CA GLY F 201 23.49 -59.11 -15.43
C GLY F 201 23.69 -59.99 -16.65
N LEU F 202 22.83 -59.84 -17.65
CA LEU F 202 22.97 -60.61 -18.88
C LEU F 202 24.23 -60.18 -19.61
N LEU F 203 24.39 -58.87 -19.79
CA LEU F 203 25.50 -58.31 -20.55
C LEU F 203 26.85 -58.75 -19.99
N GLY F 204 26.92 -58.91 -18.67
CA GLY F 204 28.13 -59.39 -18.03
C GLY F 204 28.43 -60.84 -18.39
N HIS F 205 27.40 -61.69 -18.34
CA HIS F 205 27.55 -63.11 -18.62
C HIS F 205 27.67 -63.36 -20.13
N LEU F 206 27.15 -62.41 -20.91
CA LEU F 206 27.15 -62.52 -22.36
C LEU F 206 28.44 -62.00 -22.99
N ALA F 207 28.88 -60.83 -22.56
CA ALA F 207 30.06 -60.19 -23.14
C ALA F 207 31.32 -61.02 -22.90
N ALA F 208 31.30 -61.82 -21.83
CA ALA F 208 32.44 -62.64 -21.48
C ALA F 208 32.43 -63.97 -22.23
N ALA F 209 31.32 -64.26 -22.91
CA ALA F 209 31.16 -65.54 -23.60
C ALA F 209 31.98 -65.59 -24.89
N ARG F 210 32.38 -66.79 -25.26
CA ARG F 210 33.20 -66.99 -26.46
C ARG F 210 32.46 -66.55 -27.72
N LEU F 211 31.14 -66.58 -27.66
CA LEU F 211 30.29 -66.13 -28.76
C LEU F 211 30.68 -64.73 -29.19
N ALA F 212 31.11 -63.92 -28.23
CA ALA F 212 31.55 -62.56 -28.50
C ALA F 212 32.77 -62.58 -29.41
N GLY F 213 33.57 -63.64 -29.29
CA GLY F 213 34.81 -63.76 -30.04
C GLY F 213 34.66 -63.65 -31.55
N TYR F 214 33.90 -64.55 -32.15
CA TYR F 214 33.71 -64.56 -33.59
C TYR F 214 33.08 -63.26 -34.09
N ARG F 216 33.71 -60.41 -32.87
CA ARG F 216 34.77 -59.41 -32.81
C ARG F 216 35.84 -59.63 -33.88
N ARG F 217 35.68 -60.67 -34.69
CA ARG F 217 36.66 -61.02 -35.70
C ARG F 217 36.24 -60.53 -37.09
N THR F 218 37.19 -59.91 -37.80
CA THR F 218 36.92 -59.35 -39.13
C THR F 218 36.66 -60.46 -40.15
N ASN F 219 35.51 -61.10 -40.01
CA ASN F 219 35.07 -62.11 -40.96
C ASN F 219 33.57 -62.29 -40.86
N VAL F 220 32.89 -61.21 -40.48
CA VAL F 220 31.48 -61.25 -40.12
C VAL F 220 30.68 -60.24 -40.94
N GLY F 221 29.45 -60.60 -41.26
CA GLY F 221 28.57 -59.73 -42.02
C GLY F 221 27.30 -60.42 -42.47
N PRO F 222 26.39 -59.67 -43.13
CA PRO F 222 25.17 -60.25 -43.66
C PRO F 222 25.46 -61.30 -44.72
N PHE F 223 26.29 -60.93 -45.69
CA PHE F 223 26.66 -61.82 -46.78
C PHE F 223 28.08 -62.35 -46.57
N ALA F 224 28.19 -63.46 -45.85
CA ALA F 224 29.48 -64.08 -45.55
C ALA F 224 29.64 -65.40 -46.31
N GLU F 225 30.83 -65.99 -46.20
CA GLU F 225 31.13 -67.26 -46.85
C GLU F 225 30.49 -68.42 -46.10
N ASN F 226 31.13 -68.88 -45.02
CA ASN F 226 30.61 -69.97 -44.22
C ASN F 226 29.36 -69.55 -43.45
N ALA F 227 28.66 -70.52 -42.89
CA ALA F 227 27.42 -70.24 -42.17
C ALA F 227 27.69 -69.47 -40.88
N GLY F 228 28.49 -70.07 -39.99
CA GLY F 228 28.73 -69.55 -38.66
C GLY F 228 28.96 -68.05 -38.59
N ALA F 229 29.63 -67.51 -39.61
CA ALA F 229 29.88 -66.08 -39.67
C ALA F 229 28.61 -65.30 -39.98
N ALA F 230 27.88 -65.76 -40.99
CA ALA F 230 26.63 -65.12 -41.37
C ALA F 230 25.65 -65.17 -40.20
N ARG F 231 25.62 -66.31 -39.52
CA ARG F 231 24.77 -66.46 -38.35
C ARG F 231 25.31 -65.60 -37.21
N CYS F 232 26.63 -65.56 -37.09
CA CYS F 232 27.28 -64.75 -36.07
C CYS F 232 26.91 -63.28 -36.21
N TYR F 233 26.81 -62.81 -37.46
CA TYR F 233 26.29 -61.47 -37.72
C TYR F 233 24.80 -61.41 -37.43
N ALA F 234 24.07 -62.40 -37.93
CA ALA F 234 22.62 -62.44 -37.76
C ALA F 234 22.27 -62.31 -36.29
N ILE F 235 23.13 -62.84 -35.42
CA ILE F 235 22.98 -62.66 -33.99
C ILE F 235 23.10 -61.17 -33.65
N TRP F 236 24.17 -60.52 -34.11
CA TRP F 236 24.37 -59.09 -33.88
C TRP F 236 23.17 -58.28 -34.36
N ALA F 237 22.66 -58.64 -35.53
CA ALA F 237 21.57 -57.89 -36.14
C ALA F 237 20.23 -58.17 -35.45
N LYS F 238 19.99 -59.43 -35.11
CA LYS F 238 18.67 -59.87 -34.70
C LYS F 238 18.52 -60.04 -33.17
N CYS F 239 19.63 -60.04 -32.44
CA CYS F 239 19.60 -60.27 -30.99
C CYS F 239 20.04 -59.05 -30.18
N LEU F 240 21.34 -58.75 -30.14
CA LEU F 240 21.86 -57.65 -29.34
C LEU F 240 21.13 -56.35 -29.60
N LEU F 241 21.34 -55.81 -30.80
CA LEU F 241 20.80 -54.52 -31.20
C LEU F 241 19.33 -54.34 -30.80
N PRO F 242 18.49 -55.35 -31.07
CA PRO F 242 17.11 -55.25 -30.56
C PRO F 242 16.98 -55.60 -29.08
N LEU F 243 17.90 -56.39 -28.53
CA LEU F 243 17.85 -56.72 -27.10
C LEU F 243 18.31 -55.55 -26.25
N LEU F 244 19.30 -54.81 -26.73
CA LEU F 244 19.79 -53.63 -26.02
C LEU F 244 18.65 -52.63 -25.84
N LEU F 245 17.91 -52.39 -26.93
CA LEU F 245 16.85 -51.41 -26.92
C LEU F 245 15.69 -51.79 -25.99
N ASN F 246 15.60 -53.08 -25.66
CA ASN F 246 14.56 -53.55 -24.76
C ASN F 246 14.95 -53.34 -23.31
N ILE F 247 16.21 -53.63 -22.99
CA ILE F 247 16.73 -53.37 -21.65
C ILE F 247 17.00 -51.87 -21.47
N LEU F 248 17.03 -51.14 -22.58
CA LEU F 248 17.17 -49.68 -22.55
C LEU F 248 15.86 -49.04 -22.10
N ALA F 249 14.74 -49.68 -22.44
CA ALA F 249 13.42 -49.16 -22.11
C ALA F 249 13.08 -49.37 -20.64
N ALA F 250 14.06 -49.80 -19.85
CA ALA F 250 13.92 -49.89 -18.40
C ALA F 250 14.98 -49.03 -17.75
N LEU F 251 14.74 -47.72 -17.76
CA LEU F 251 15.67 -46.73 -17.24
C LEU F 251 17.04 -46.91 -17.89
N GLY F 252 17.15 -46.45 -19.13
CA GLY F 252 18.35 -46.63 -19.92
C GLY F 252 19.61 -46.07 -19.28
N SER F 253 19.47 -44.93 -18.61
CA SER F 253 20.60 -44.26 -17.97
C SER F 253 21.40 -45.20 -17.07
N THR F 254 20.68 -45.99 -16.27
CA THR F 254 21.31 -46.93 -15.35
C THR F 254 22.14 -47.97 -16.10
N VAL F 255 21.58 -48.49 -17.19
CA VAL F 255 22.20 -49.55 -17.96
C VAL F 255 22.93 -48.98 -19.19
N ALA F 256 22.84 -47.66 -19.37
CA ALA F 256 23.52 -46.99 -20.47
C ALA F 256 25.01 -47.35 -20.52
N PRO F 257 25.68 -47.34 -19.35
CA PRO F 257 27.06 -47.82 -19.32
C PRO F 257 27.22 -49.20 -19.93
N GLU F 258 26.38 -50.14 -19.52
CA GLU F 258 26.49 -51.51 -19.99
C GLU F 258 26.28 -51.62 -21.50
N VAL F 259 25.19 -51.04 -21.99
CA VAL F 259 24.87 -51.14 -23.40
C VAL F 259 25.96 -50.47 -24.23
N ALA F 260 26.43 -49.31 -23.80
CA ALA F 260 27.51 -48.64 -24.49
C ALA F 260 28.79 -49.49 -24.40
N TRP F 261 28.99 -50.11 -23.25
CA TRP F 261 30.18 -50.92 -23.00
C TRP F 261 30.23 -52.10 -23.97
N VAL F 262 29.13 -52.85 -24.03
CA VAL F 262 29.05 -54.00 -24.93
C VAL F 262 29.10 -53.52 -26.38
N LEU F 263 28.36 -52.46 -26.69
CA LEU F 263 28.38 -51.89 -28.04
C LEU F 263 29.81 -51.55 -28.45
N ASN F 264 30.58 -51.03 -27.51
CA ASN F 264 31.97 -50.68 -27.79
C ASN F 264 32.91 -51.89 -27.84
N GLN F 265 32.46 -53.01 -27.26
CA GLN F 265 33.28 -54.23 -27.27
C GLN F 265 33.19 -54.96 -28.60
N PHE F 266 32.34 -54.46 -29.50
CA PHE F 266 32.25 -54.98 -30.85
C PHE F 266 32.48 -53.87 -31.86
N PRO F 267 33.68 -53.25 -31.82
CA PRO F 267 33.97 -52.09 -32.66
C PRO F 267 33.95 -52.40 -34.15
N ASN F 268 34.51 -53.55 -34.53
CA ASN F 268 34.55 -53.97 -35.93
C ASN F 268 33.17 -53.90 -36.59
N LEU F 269 32.16 -54.36 -35.87
CA LEU F 269 30.79 -54.36 -36.37
C LEU F 269 30.30 -52.93 -36.55
N LEU F 270 30.70 -52.04 -35.65
CA LEU F 270 30.32 -50.63 -35.75
C LEU F 270 30.99 -50.00 -36.96
N GLN F 271 32.28 -50.22 -37.10
CA GLN F 271 33.04 -49.68 -38.21
C GLN F 271 32.53 -50.28 -39.52
N SER F 272 32.06 -51.52 -39.44
CA SER F 272 31.46 -52.17 -40.59
C SER F 272 30.07 -51.60 -40.86
N SER F 273 29.31 -51.34 -39.79
CA SER F 273 27.90 -50.98 -39.91
C SER F 273 27.68 -49.75 -40.78
N VAL F 274 28.63 -48.82 -40.73
CA VAL F 274 28.51 -47.58 -41.49
C VAL F 274 29.07 -47.76 -42.90
N GLU F 275 30.15 -48.54 -43.00
CA GLU F 275 30.82 -48.77 -44.27
C GLU F 275 30.25 -49.99 -45.01
N ARG F 276 29.17 -50.56 -44.48
CA ARG F 276 28.46 -51.61 -45.19
C ARG F 276 27.66 -50.99 -46.33
N ILE F 277 27.00 -49.88 -46.05
CA ILE F 277 26.28 -49.13 -47.08
C ILE F 277 27.10 -47.93 -47.52
N SER F 300 20.75 -55.64 -47.86
CA SER F 300 19.71 -56.43 -47.20
C SER F 300 19.02 -55.62 -46.12
N LEU F 301 18.01 -56.22 -45.49
CA LEU F 301 17.17 -55.53 -44.51
C LEU F 301 17.81 -55.48 -43.12
N LEU F 302 18.50 -56.56 -42.75
CA LEU F 302 19.19 -56.62 -41.48
C LEU F 302 20.19 -55.47 -41.38
N GLU F 303 20.81 -55.14 -42.51
CA GLU F 303 21.73 -54.02 -42.58
C GLU F 303 21.01 -52.71 -42.25
N ILE F 304 19.75 -52.63 -42.62
CA ILE F 304 18.96 -51.44 -42.36
C ILE F 304 18.55 -51.41 -40.89
N SER F 305 18.11 -52.56 -40.37
CA SER F 305 17.77 -52.65 -38.95
C SER F 305 19.02 -52.47 -38.09
N GLU F 306 20.18 -52.78 -38.66
CA GLU F 306 21.46 -52.58 -37.96
C GLU F 306 21.76 -51.09 -37.85
N ILE F 307 21.46 -50.35 -38.92
CA ILE F 307 21.65 -48.90 -38.94
C ILE F 307 20.31 -48.23 -38.63
N HIS F 308 19.52 -48.89 -37.77
CA HIS F 308 18.33 -48.29 -37.19
C HIS F 308 18.38 -48.45 -35.68
N SER F 309 18.96 -49.58 -35.24
CA SER F 309 19.18 -49.83 -33.83
C SER F 309 20.35 -49.00 -33.33
N LEU F 310 21.48 -49.11 -34.02
CA LEU F 310 22.65 -48.29 -33.71
C LEU F 310 22.36 -46.83 -34.00
N ALA F 311 21.39 -46.59 -34.88
CA ALA F 311 20.98 -45.24 -35.23
C ALA F 311 20.12 -44.61 -34.12
N LEU F 312 19.84 -45.39 -33.08
CA LEU F 312 19.08 -44.91 -31.92
C LEU F 312 19.76 -45.29 -30.60
N LEU F 313 20.74 -46.19 -30.66
CA LEU F 313 21.43 -46.64 -29.46
C LEU F 313 22.47 -45.63 -29.00
N THR F 314 22.91 -44.75 -29.91
CA THR F 314 23.88 -43.72 -29.59
C THR F 314 23.24 -42.34 -29.53
N ARG F 315 21.99 -42.25 -29.99
CA ARG F 315 21.27 -40.99 -29.96
C ARG F 315 20.70 -40.72 -28.57
N VAL F 316 20.20 -41.77 -27.93
CA VAL F 316 19.67 -41.65 -26.57
C VAL F 316 20.81 -41.30 -25.61
N LEU F 317 21.99 -41.84 -25.88
CA LEU F 317 23.18 -41.55 -25.08
C LEU F 317 23.62 -40.10 -25.23
N ALA F 318 23.16 -39.46 -26.31
CA ALA F 318 23.51 -38.07 -26.59
C ALA F 318 22.52 -37.10 -25.92
N ALA F 319 21.79 -37.59 -24.92
CA ALA F 319 20.82 -36.78 -24.20
C ALA F 319 20.66 -37.21 -22.75
N CYS F 320 21.64 -37.94 -22.24
CA CYS F 320 21.64 -38.41 -20.86
C CYS F 320 22.93 -38.05 -20.16
N ASP F 327 26.47 -41.87 -16.99
CA ASP F 327 27.59 -41.63 -16.09
C ASP F 327 28.84 -42.35 -16.59
N VAL F 328 28.83 -42.73 -17.86
CA VAL F 328 29.92 -43.47 -18.48
C VAL F 328 29.99 -43.05 -19.94
N PRO F 329 31.21 -42.97 -20.51
CA PRO F 329 31.40 -42.55 -21.91
C PRO F 329 30.56 -43.33 -22.91
N GLU F 330 30.34 -42.74 -24.09
CA GLU F 330 29.46 -43.30 -25.10
C GLU F 330 30.18 -44.13 -26.15
N VAL F 331 29.42 -44.54 -27.17
CA VAL F 331 29.91 -45.43 -28.22
C VAL F 331 30.72 -44.71 -29.30
N THR F 332 31.64 -45.40 -29.96
CA THR F 332 32.53 -44.93 -31.01
C THR F 332 32.00 -45.28 -32.42
N TRP F 333 30.70 -45.13 -32.61
CA TRP F 333 30.07 -45.40 -33.90
C TRP F 333 30.14 -44.16 -34.80
N ASP F 334 30.47 -44.39 -36.07
CA ASP F 334 30.60 -43.29 -37.02
C ASP F 334 29.23 -42.92 -37.59
N GLY F 335 28.43 -42.25 -36.77
CA GLY F 335 27.08 -41.87 -37.16
C GLY F 335 27.03 -40.68 -38.09
N ALA F 336 28.20 -40.13 -38.44
CA ALA F 336 28.27 -38.96 -39.31
C ALA F 336 28.02 -39.33 -40.77
N LYS F 337 28.70 -40.37 -41.24
CA LYS F 337 28.56 -40.82 -42.63
C LYS F 337 27.15 -41.33 -42.91
N VAL F 338 26.44 -41.71 -41.85
CA VAL F 338 25.13 -42.34 -41.98
C VAL F 338 24.11 -41.42 -42.64
N LEU F 339 23.99 -40.19 -42.13
CA LEU F 339 23.00 -39.24 -42.65
C LEU F 339 23.14 -39.05 -44.15
N GLU F 340 24.37 -38.93 -44.63
CA GLU F 340 24.64 -38.80 -46.06
C GLU F 340 24.84 -40.17 -46.72
N CYS F 341 24.46 -41.23 -46.02
CA CYS F 341 24.51 -42.58 -46.56
C CYS F 341 23.09 -43.10 -46.80
N VAL F 342 22.12 -42.48 -46.13
CA VAL F 342 20.72 -42.81 -46.34
C VAL F 342 20.21 -42.19 -47.63
N GLU F 343 20.50 -40.90 -47.83
CA GLU F 343 20.05 -40.20 -49.03
C GLU F 343 20.62 -40.81 -50.30
N TYR F 344 21.81 -41.39 -50.21
CA TYR F 344 22.43 -42.06 -51.35
C TYR F 344 21.57 -43.22 -51.82
N TRP F 345 21.17 -44.06 -50.86
CA TRP F 345 20.40 -45.27 -51.16
C TRP F 345 18.95 -45.11 -50.70
N LEU F 346 18.29 -44.06 -51.17
CA LEU F 346 16.87 -43.85 -50.88
C LEU F 346 16.17 -43.29 -52.10
N ARG F 347 16.34 -42.00 -52.34
CA ARG F 347 15.68 -41.32 -53.45
C ARG F 347 16.14 -41.90 -54.77
N GLY F 348 15.18 -42.26 -55.62
CA GLY F 348 15.45 -42.91 -56.89
C GLY F 348 14.77 -44.25 -56.97
N ARG F 349 14.80 -44.98 -55.86
CA ARG F 349 14.18 -46.31 -55.74
C ARG F 349 14.39 -47.19 -56.97
N LYS F 350 15.55 -47.02 -57.62
CA LYS F 350 15.89 -47.79 -58.82
C LYS F 350 17.21 -48.52 -58.59
N VAL F 351 18.18 -47.82 -58.03
CA VAL F 351 19.46 -48.43 -57.68
C VAL F 351 19.26 -49.45 -56.56
N LEU F 352 18.16 -49.29 -55.82
CA LEU F 352 17.86 -50.17 -54.70
C LEU F 352 17.37 -51.55 -55.13
N ARG F 353 17.24 -51.74 -56.44
CA ARG F 353 16.71 -52.99 -56.97
C ARG F 353 17.77 -54.07 -57.11
N GLU F 354 18.76 -54.05 -56.22
CA GLU F 354 19.82 -55.08 -56.22
C GLU F 354 20.30 -55.40 -54.81
N ARG F 355 19.57 -54.91 -53.80
CA ARG F 355 19.89 -55.18 -52.40
C ARG F 355 21.30 -54.73 -52.03
N ASN F 388 7.73 -54.04 -54.57
CA ASN F 388 7.94 -55.42 -54.13
C ASN F 388 7.93 -55.51 -52.61
N ARG F 389 8.30 -56.68 -52.09
CA ARG F 389 8.35 -56.90 -50.65
C ARG F 389 9.57 -56.20 -50.06
N LEU F 390 10.70 -56.30 -50.75
CA LEU F 390 11.97 -55.80 -50.22
C LEU F 390 12.24 -54.36 -50.67
N GLU F 391 11.20 -53.53 -50.66
CA GLU F 391 11.37 -52.11 -50.93
C GLU F 391 10.35 -51.28 -50.15
N GLU F 392 9.07 -51.61 -50.30
CA GLU F 392 8.01 -50.87 -49.60
C GLU F 392 8.26 -50.87 -48.10
N LYS F 393 8.44 -52.06 -47.55
CA LYS F 393 8.75 -52.20 -46.13
C LYS F 393 10.22 -51.92 -45.86
N ALA F 394 11.07 -52.29 -46.83
CA ALA F 394 12.52 -52.15 -46.69
C ALA F 394 12.94 -50.69 -46.67
N VAL F 395 12.64 -49.98 -47.75
CA VAL F 395 12.97 -48.56 -47.86
C VAL F 395 12.24 -47.77 -46.77
N GLY F 396 11.16 -48.35 -46.25
CA GLY F 396 10.36 -47.70 -45.23
C GLY F 396 11.09 -47.45 -43.92
N LEU F 397 11.97 -48.36 -43.53
CA LEU F 397 12.71 -48.22 -42.28
C LEU F 397 13.63 -47.01 -42.32
N LEU F 398 14.48 -46.94 -43.34
CA LEU F 398 15.48 -45.87 -43.45
C LEU F 398 14.84 -44.48 -43.55
N VAL F 399 13.52 -44.43 -43.69
CA VAL F 399 12.79 -43.16 -43.62
C VAL F 399 12.90 -42.60 -42.21
N GLY F 400 12.93 -43.48 -41.22
CA GLY F 400 12.97 -43.07 -39.83
C GLY F 400 14.36 -42.73 -39.34
N VAL F 401 15.37 -43.42 -39.88
CA VAL F 401 16.76 -43.21 -39.48
C VAL F 401 17.18 -41.76 -39.69
N ARG F 402 16.94 -41.26 -40.90
CA ARG F 402 17.35 -39.92 -41.29
C ARG F 402 16.27 -38.88 -40.97
N GLU F 403 15.80 -38.90 -39.74
CA GLU F 403 14.87 -37.88 -39.25
C GLU F 403 15.20 -37.49 -37.82
N VAL F 404 15.55 -38.49 -37.02
CA VAL F 404 15.82 -38.28 -35.60
C VAL F 404 17.30 -37.98 -35.40
N LEU F 405 18.13 -38.44 -36.35
CA LEU F 405 19.58 -38.28 -36.26
C LEU F 405 20.08 -37.02 -36.96
N GLU F 406 19.17 -36.25 -37.54
CA GLU F 406 19.55 -35.03 -38.27
C GLU F 406 20.24 -34.05 -37.33
N PRO G 6 13.28 17.48 84.82
CA PRO G 6 14.52 17.87 84.16
C PRO G 6 15.74 17.19 84.77
N ARG G 7 16.15 16.04 84.23
CA ARG G 7 17.23 15.27 84.83
C ARG G 7 18.06 14.49 83.82
N ASP G 8 17.42 13.95 82.78
CA ASP G 8 18.12 13.14 81.78
C ASP G 8 18.35 13.92 80.49
N VAL G 9 19.18 13.37 79.61
CA VAL G 9 19.45 13.98 78.32
C VAL G 9 18.19 14.04 77.47
N THR G 10 17.41 12.96 77.46
CA THR G 10 16.24 12.86 76.59
C THR G 10 14.97 13.35 77.29
N HIS G 11 14.89 13.16 78.60
CA HIS G 11 13.71 13.59 79.36
C HIS G 11 13.66 15.11 79.47
N LEU G 12 14.82 15.73 79.56
CA LEU G 12 14.91 17.19 79.65
C LEU G 12 14.46 17.85 78.36
N LEU G 13 14.58 17.12 77.25
CA LEU G 13 14.29 17.68 75.94
C LEU G 13 12.80 17.66 75.63
N ALA G 14 12.09 16.71 76.23
CA ALA G 14 10.66 16.54 75.95
C ALA G 14 9.81 17.57 76.68
N LEU G 15 10.22 17.96 77.88
CA LEU G 15 9.43 18.86 78.71
C LEU G 15 9.52 20.30 78.24
N VAL G 16 10.66 20.69 77.69
CA VAL G 16 10.80 22.02 77.11
C VAL G 16 9.86 22.12 75.92
N SER G 17 9.71 21.01 75.21
CA SER G 17 8.75 20.93 74.11
C SER G 17 7.34 20.81 74.65
N SER G 18 7.18 20.15 75.80
CA SER G 18 5.88 20.11 76.46
C SER G 18 5.46 21.53 76.81
N ALA G 19 6.44 22.36 77.12
CA ALA G 19 6.21 23.78 77.31
C ALA G 19 6.00 24.47 75.97
N ILE G 20 6.78 24.09 74.96
CA ILE G 20 6.68 24.70 73.63
C ILE G 20 5.37 24.28 72.93
N HIS G 21 4.75 23.22 73.43
CA HIS G 21 3.45 22.78 72.91
C HIS G 21 2.32 23.52 73.61
N ALA G 22 2.53 23.80 74.89
CA ALA G 22 1.53 24.48 75.71
C ALA G 22 1.39 25.95 75.32
N VAL G 23 2.19 26.39 74.35
CA VAL G 23 2.14 27.77 73.88
C VAL G 23 0.76 28.13 73.36
N GLU G 24 0.41 29.39 73.52
CA GLU G 24 -0.92 29.89 73.14
C GLU G 24 -0.90 30.46 71.72
N ASN G 25 -0.03 31.45 71.51
CA ASN G 25 0.13 32.08 70.20
C ASN G 25 1.52 32.67 70.07
N PRO G 26 2.52 31.81 69.80
CA PRO G 26 3.91 32.21 69.62
C PRO G 26 4.07 33.41 68.68
N PHE G 27 5.12 34.20 68.87
CA PHE G 27 5.36 35.41 68.10
C PHE G 27 4.23 36.42 68.32
N GLY G 28 3.44 36.23 69.36
CA GLY G 28 2.48 37.21 69.80
C GLY G 28 3.20 38.21 70.68
N ALA G 29 3.07 39.50 70.36
CA ALA G 29 3.83 40.56 71.00
C ALA G 29 3.87 40.46 72.53
N ASN G 30 2.87 39.81 73.11
CA ASN G 30 2.80 39.66 74.57
C ASN G 30 3.60 38.46 75.07
N ASP G 31 3.32 37.28 74.52
CA ASP G 31 3.98 36.06 74.96
C ASP G 31 5.14 35.65 74.07
N LEU G 32 5.65 36.60 73.29
CA LEU G 32 6.81 36.37 72.42
C LEU G 32 8.12 36.22 73.21
N PRO G 33 8.45 37.22 74.04
CA PRO G 33 9.76 37.19 74.70
C PRO G 33 9.97 35.95 75.55
N TYR G 34 8.88 35.37 76.04
CA TYR G 34 8.93 34.13 76.80
C TYR G 34 9.15 32.94 75.84
N PHE G 35 8.48 33.00 74.69
CA PHE G 35 8.65 31.99 73.66
C PHE G 35 10.11 31.94 73.19
N ARG G 36 10.71 33.12 73.06
CA ARG G 36 12.13 33.19 72.72
C ARG G 36 12.98 32.44 73.73
N THR G 37 12.80 32.74 75.01
CA THR G 37 13.55 32.06 76.06
C THR G 37 13.34 30.55 75.97
N LEU G 38 12.09 30.14 75.82
CA LEU G 38 11.81 28.72 75.64
C LEU G 38 12.64 28.16 74.48
N LEU G 39 12.59 28.81 73.33
CA LEU G 39 13.33 28.35 72.16
C LEU G 39 14.82 28.25 72.47
N LYS G 40 15.34 29.24 73.16
CA LYS G 40 16.76 29.26 73.50
C LYS G 40 17.09 28.10 74.45
N ILE G 41 16.19 27.82 75.40
CA ILE G 41 16.37 26.67 76.26
C ILE G 41 16.41 25.40 75.41
N LEU G 42 15.44 25.27 74.51
CA LEU G 42 15.39 24.13 73.61
C LEU G 42 16.71 24.00 72.86
N PHE G 43 17.23 25.12 72.38
CA PHE G 43 18.50 25.13 71.66
C PHE G 43 19.64 24.62 72.54
N VAL G 44 19.78 25.21 73.73
CA VAL G 44 20.83 24.80 74.67
C VAL G 44 20.75 23.31 74.92
N VAL G 45 19.55 22.81 75.17
CA VAL G 45 19.38 21.38 75.39
C VAL G 45 19.86 20.59 74.17
N LEU G 46 19.29 20.90 73.01
CA LEU G 46 19.60 20.18 71.77
C LEU G 46 21.09 20.18 71.43
N ARG G 47 21.75 21.32 71.59
CA ARG G 47 23.18 21.41 71.31
C ARG G 47 23.97 20.47 72.20
N ALA G 48 23.52 20.35 73.44
CA ALA G 48 24.17 19.50 74.42
C ALA G 48 23.44 18.17 74.58
N ALA G 49 22.46 17.93 73.71
CA ALA G 49 21.76 16.64 73.68
C ALA G 49 22.38 15.72 72.65
N LYS G 50 23.62 16.02 72.25
CA LYS G 50 24.35 15.19 71.32
C LYS G 50 25.22 14.18 72.08
N GLN G 51 24.69 13.67 73.19
CA GLN G 51 25.40 12.69 74.02
C GLN G 51 26.77 13.20 74.47
N ILE G 63 14.07 7.78 71.16
CA ILE G 63 14.89 8.92 71.54
C ILE G 63 14.99 9.92 70.39
N THR G 64 15.31 9.41 69.21
CA THR G 64 15.34 10.23 68.00
C THR G 64 13.91 10.67 67.67
N GLN G 65 12.94 9.90 68.12
CA GLN G 65 11.53 10.24 67.91
C GLN G 65 11.12 11.43 68.77
N GLN G 66 12.06 11.94 69.55
CA GLN G 66 11.84 13.14 70.34
C GLN G 66 12.23 14.38 69.56
N VAL G 67 13.43 14.36 68.98
CA VAL G 67 13.96 15.50 68.23
C VAL G 67 13.18 15.70 66.92
N LEU G 68 12.40 14.70 66.52
CA LEU G 68 11.61 14.80 65.30
C LEU G 68 10.29 15.53 65.54
N THR G 69 9.75 15.43 66.75
CA THR G 69 8.48 16.09 67.06
C THR G 69 8.67 17.61 67.04
N ILE G 70 9.83 18.06 67.48
CA ILE G 70 10.15 19.49 67.46
C ILE G 70 10.54 19.93 66.05
N LEU G 71 11.06 19.00 65.25
CA LEU G 71 11.27 19.25 63.83
C LEU G 71 9.92 19.44 63.14
N ASP G 72 8.84 19.09 63.83
CA ASP G 72 7.49 19.23 63.29
C ASP G 72 6.72 20.39 63.93
N ARG G 73 6.65 20.41 65.26
CA ARG G 73 5.80 21.37 65.96
C ARG G 73 6.54 22.61 66.47
N VAL G 74 7.85 22.67 66.20
CA VAL G 74 8.64 23.84 66.57
C VAL G 74 9.23 24.48 65.32
N VAL G 75 10.21 23.81 64.72
CA VAL G 75 10.94 24.36 63.58
C VAL G 75 9.99 24.64 62.43
N ALA G 76 9.40 23.58 61.89
CA ALA G 76 8.59 23.67 60.68
C ALA G 76 7.29 24.43 60.91
N ARG G 77 6.88 24.57 62.17
CA ARG G 77 5.69 25.35 62.49
C ARG G 77 6.04 26.83 62.53
N CYS G 78 7.04 27.17 63.35
CA CYS G 78 7.42 28.56 63.53
C CYS G 78 8.02 29.14 62.25
N PHE G 79 8.74 28.32 61.50
CA PHE G 79 9.39 28.79 60.27
C PHE G 79 8.37 29.21 59.22
N ARG G 80 7.15 28.70 59.35
CA ARG G 80 6.06 29.14 58.49
C ARG G 80 5.34 30.29 59.15
N ALA G 81 5.02 30.14 60.43
CA ALA G 81 4.32 31.19 61.19
C ALA G 81 5.11 32.48 61.19
N LEU G 82 6.42 32.35 61.06
CA LEU G 82 7.34 33.47 61.12
C LEU G 82 7.55 34.02 59.72
N ALA G 83 7.35 33.17 58.72
CA ALA G 83 7.47 33.57 57.32
C ALA G 83 6.42 34.63 56.98
N ALA G 84 5.38 34.70 57.80
CA ALA G 84 4.38 35.74 57.68
C ALA G 84 4.91 37.04 58.30
N LEU G 85 5.65 37.81 57.51
CA LEU G 85 6.15 39.11 57.97
C LEU G 85 5.04 40.14 57.80
N VAL G 86 4.32 40.07 56.68
CA VAL G 86 3.14 40.90 56.45
C VAL G 86 3.46 42.39 56.58
N THR G 97 4.32 41.31 63.13
CA THR G 97 4.62 41.80 64.47
C THR G 97 6.14 41.99 64.62
N THR G 98 6.57 42.48 65.77
CA THR G 98 7.99 42.74 66.01
C THR G 98 8.74 41.42 66.18
N THR G 99 8.82 40.66 65.09
CA THR G 99 9.62 39.45 65.02
C THR G 99 10.88 39.75 64.23
N ALA G 100 12.01 39.75 64.92
CA ALA G 100 13.27 40.15 64.32
C ALA G 100 13.77 39.13 63.30
N PRO G 101 14.81 39.50 62.55
CA PRO G 101 15.53 38.53 61.73
C PRO G 101 16.59 37.83 62.56
N GLU G 102 16.22 37.40 63.76
CA GLU G 102 17.18 36.80 64.68
C GLU G 102 16.58 35.56 65.33
N ASP G 103 15.27 35.58 65.54
CA ASP G 103 14.58 34.39 66.00
C ASP G 103 14.35 33.44 64.81
N LEU G 104 14.40 34.00 63.60
CA LEU G 104 14.46 33.19 62.39
C LEU G 104 15.79 32.44 62.37
N ALA G 105 16.85 33.15 62.74
CA ALA G 105 18.17 32.56 62.90
C ALA G 105 18.15 31.57 64.06
N LEU G 106 17.37 31.89 65.08
CA LEU G 106 17.26 30.99 66.22
C LEU G 106 16.68 29.67 65.75
N ILE G 107 15.54 29.73 65.07
CA ILE G 107 14.92 28.53 64.51
C ILE G 107 15.87 27.82 63.56
N THR G 108 16.56 28.56 62.71
CA THR G 108 17.57 27.98 61.84
C THR G 108 18.61 27.22 62.64
N ALA G 109 19.01 27.80 63.76
CA ALA G 109 20.02 27.21 64.63
C ALA G 109 19.46 26.03 65.41
N ILE G 110 18.17 26.08 65.73
CA ILE G 110 17.51 24.95 66.38
C ILE G 110 17.46 23.78 65.41
N LEU G 111 17.09 24.05 64.15
CA LEU G 111 17.15 23.04 63.10
C LEU G 111 18.55 22.46 63.02
N GLN G 112 19.53 23.32 62.84
CA GLN G 112 20.93 22.90 62.83
C GLN G 112 21.27 22.07 64.08
N ALA G 113 20.72 22.47 65.23
CA ALA G 113 20.95 21.75 66.48
C ALA G 113 20.28 20.38 66.45
N CYS G 114 19.14 20.31 65.78
CA CYS G 114 18.41 19.06 65.63
C CYS G 114 19.17 18.08 64.73
N LEU G 115 19.41 18.50 63.49
CA LEU G 115 19.99 17.62 62.46
C LEU G 115 21.36 17.05 62.84
N SER G 116 21.96 17.58 63.90
CA SER G 116 23.26 17.12 64.37
C SER G 116 23.15 16.01 65.41
N VAL G 117 21.94 15.64 65.79
CA VAL G 117 21.73 14.53 66.71
C VAL G 117 22.23 13.24 66.04
N PRO G 118 23.02 12.42 66.76
CA PRO G 118 23.70 11.27 66.14
C PRO G 118 22.79 10.23 65.47
N GLY G 119 21.46 10.34 65.64
CA GLY G 119 20.56 9.31 65.16
C GLY G 119 19.47 9.74 64.19
N ILE G 120 19.71 10.78 63.39
CA ILE G 120 18.70 11.25 62.45
C ILE G 120 19.00 10.83 61.01
N GLU G 121 20.28 10.71 60.67
CA GLU G 121 20.64 10.27 59.31
C GLU G 121 20.06 8.90 59.00
N GLN G 122 19.87 8.09 60.04
CA GLN G 122 19.18 6.81 59.90
C GLN G 122 17.72 7.04 59.50
N CYS G 123 17.25 8.26 59.71
CA CYS G 123 15.85 8.61 59.47
C CYS G 123 15.71 9.83 58.56
N GLN G 124 16.65 10.00 57.63
CA GLN G 124 16.67 11.16 56.76
C GLN G 124 15.42 11.28 55.89
N VAL G 125 14.82 10.13 55.57
CA VAL G 125 13.66 10.11 54.69
C VAL G 125 12.46 10.75 55.40
N GLN G 126 12.44 10.64 56.72
CA GLN G 126 11.30 11.11 57.50
C GLN G 126 11.39 12.62 57.70
N VAL G 127 12.61 13.14 57.82
CA VAL G 127 12.83 14.58 57.95
C VAL G 127 12.17 15.29 56.76
N LEU G 128 12.40 14.76 55.56
CA LEU G 128 11.85 15.33 54.32
C LEU G 128 10.33 15.28 54.32
N ASN G 129 9.77 14.17 54.80
CA ASN G 129 8.32 14.05 54.92
C ASN G 129 7.79 15.12 55.86
N ILE G 130 8.44 15.28 57.01
CA ILE G 130 8.04 16.26 58.01
C ILE G 130 8.22 17.67 57.48
N ALA G 132 8.38 18.59 54.33
CA ALA G 132 7.54 18.80 53.15
C ALA G 132 6.06 18.77 53.52
N ALA G 133 5.73 18.13 54.64
CA ALA G 133 4.38 18.18 55.18
C ALA G 133 4.00 19.63 55.38
N HIS G 134 4.74 20.32 56.23
CA HIS G 134 4.70 21.77 56.25
C HIS G 134 5.29 22.22 54.94
N ASP G 135 4.91 23.40 54.45
CA ASP G 135 5.35 23.82 53.13
C ASP G 135 6.70 24.54 53.19
N VAL G 136 7.61 24.03 54.01
CA VAL G 136 8.86 24.70 54.31
C VAL G 136 9.65 25.09 53.06
N PHE G 137 9.92 24.11 52.22
CA PHE G 137 10.80 24.30 51.07
C PHE G 137 10.37 25.49 50.19
N GLN G 138 9.10 25.53 49.84
CA GLN G 138 8.57 26.64 49.03
C GLN G 138 8.60 27.93 49.80
N VAL G 139 8.21 27.87 51.07
CA VAL G 139 8.16 29.06 51.93
C VAL G 139 9.55 29.66 52.06
N ALA G 140 10.57 28.81 52.04
CA ALA G 140 11.93 29.30 52.08
C ALA G 140 12.25 30.12 50.84
N VAL G 141 11.81 29.64 49.68
CA VAL G 141 12.04 30.32 48.41
C VAL G 141 11.19 31.59 48.32
N ALA G 142 9.99 31.54 48.89
CA ALA G 142 9.15 32.71 48.97
C ALA G 142 9.85 33.76 49.80
N LEU G 143 10.14 33.40 51.04
CA LEU G 143 10.87 34.25 51.98
C LEU G 143 12.14 34.82 51.36
N PHE G 144 12.88 33.98 50.66
CA PHE G 144 14.12 34.38 50.02
C PHE G 144 13.97 35.55 49.05
N SER G 145 12.80 35.68 48.44
CA SER G 145 12.63 36.62 47.34
C SER G 145 12.60 38.09 47.74
N TRP G 146 11.79 38.45 48.74
CA TRP G 146 11.58 39.87 49.04
C TRP G 146 12.53 40.40 50.11
N ALA G 147 13.59 39.64 50.36
CA ALA G 147 14.63 40.07 51.29
C ALA G 147 15.12 41.48 50.92
N ASP G 148 15.24 41.74 49.63
CA ASP G 148 15.67 43.05 49.13
C ASP G 148 14.47 43.91 48.72
N SER G 171 17.44 48.11 53.22
CA SER G 171 18.50 49.10 53.21
C SER G 171 19.71 48.61 52.42
N GLY G 172 19.45 47.92 51.30
CA GLY G 172 20.51 47.50 50.40
C GLY G 172 21.17 46.18 50.75
N ASP G 173 20.76 45.55 51.86
CA ASP G 173 21.35 44.29 52.29
C ASP G 173 20.31 43.18 52.42
N PRO G 174 20.65 41.94 51.98
CA PRO G 174 19.72 40.82 52.02
C PRO G 174 19.80 40.03 53.33
N VAL G 175 19.35 40.64 54.43
CA VAL G 175 19.41 40.01 55.74
C VAL G 175 18.66 38.68 55.76
N TYR G 176 17.38 38.74 55.40
CA TYR G 176 16.54 37.55 55.39
C TYR G 176 16.99 36.55 54.32
N GLY G 177 17.60 37.07 53.25
CA GLY G 177 18.05 36.23 52.17
C GLY G 177 19.07 35.21 52.65
N GLU G 178 20.14 35.72 53.25
CA GLU G 178 21.19 34.86 53.79
C GLU G 178 20.59 33.87 54.79
N LEU G 179 19.57 34.31 55.51
CA LEU G 179 18.90 33.43 56.48
C LEU G 179 18.14 32.28 55.85
N ALA G 180 17.20 32.59 54.95
CA ALA G 180 16.44 31.55 54.26
C ALA G 180 17.38 30.60 53.54
N LEU G 181 18.44 31.16 52.95
CA LEU G 181 19.45 30.35 52.28
C LEU G 181 20.21 29.45 53.26
N LEU G 182 20.60 30.00 54.41
CA LEU G 182 21.27 29.22 55.46
C LEU G 182 20.37 28.12 56.00
N PHE G 183 19.08 28.42 56.12
CA PHE G 183 18.09 27.44 56.52
C PHE G 183 18.01 26.31 55.50
N LEU G 184 17.73 26.66 54.25
CA LEU G 184 17.68 25.68 53.17
C LEU G 184 19.01 24.94 53.09
N LEU G 185 20.09 25.63 53.40
CA LEU G 185 21.40 25.02 53.42
C LEU G 185 21.46 24.01 54.55
N GLU G 186 20.87 24.36 55.69
CA GLU G 186 20.85 23.43 56.83
C GLU G 186 20.00 22.21 56.52
N LEU G 187 18.89 22.39 55.81
CA LEU G 187 18.09 21.25 55.33
C LEU G 187 18.91 20.36 54.41
N SER G 188 19.51 20.98 53.40
CA SER G 188 20.26 20.28 52.37
C SER G 188 21.54 19.62 52.90
N ALA G 189 21.84 19.82 54.18
CA ALA G 189 23.02 19.21 54.78
C ALA G 189 23.03 17.70 54.53
N LEU G 190 21.85 17.11 54.53
CA LEU G 190 21.67 15.69 54.24
C LEU G 190 21.01 15.50 52.86
N PRO G 191 21.46 14.51 52.08
CA PRO G 191 21.04 14.37 50.68
C PRO G 191 19.53 14.24 50.45
N ALA G 192 18.81 13.64 51.40
CA ALA G 192 17.39 13.35 51.23
C ALA G 192 16.57 14.61 50.94
N LEU G 193 16.93 15.72 51.57
CA LEU G 193 16.22 16.99 51.37
C LEU G 193 16.81 17.79 50.22
N ALA G 194 18.12 17.67 50.03
CA ALA G 194 18.78 18.29 48.89
C ALA G 194 18.15 17.74 47.61
N GLU G 195 17.83 16.45 47.63
CA GLU G 195 17.12 15.81 46.52
C GLU G 195 15.82 16.55 46.21
N HIS G 196 14.99 16.76 47.22
CA HIS G 196 13.72 17.45 47.04
C HIS G 196 13.93 18.89 46.63
N LEU G 197 15.02 19.49 47.11
CA LEU G 197 15.35 20.86 46.71
C LEU G 197 15.60 20.92 45.22
N ALA G 198 16.60 20.16 44.76
CA ALA G 198 16.96 20.15 43.35
C ALA G 198 15.77 19.72 42.50
N CYS G 199 15.01 18.74 42.98
CA CYS G 199 13.84 18.25 42.26
C CYS G 199 12.75 19.31 42.19
N ASP G 200 12.57 20.05 43.27
CA ASP G 200 11.58 21.12 43.31
C ASP G 200 12.07 22.31 42.48
N GLY G 201 13.37 22.35 42.24
CA GLY G 201 13.96 23.35 41.37
C GLY G 201 14.30 24.61 42.13
N LEU G 202 15.18 24.50 43.12
CA LEU G 202 15.61 25.66 43.89
C LEU G 202 16.42 26.59 43.00
N LEU G 203 17.39 26.04 42.30
CA LEU G 203 18.30 26.81 41.47
C LEU G 203 17.55 27.63 40.41
N GLY G 204 16.44 27.07 39.93
CA GLY G 204 15.59 27.77 38.98
C GLY G 204 14.93 28.98 39.61
N HIS G 205 14.39 28.79 40.82
CA HIS G 205 13.70 29.85 41.55
C HIS G 205 14.68 30.84 42.16
N LEU G 206 15.91 30.38 42.35
CA LEU G 206 16.96 31.18 42.97
C LEU G 206 17.71 32.05 41.96
N ALA G 207 18.14 31.45 40.86
CA ALA G 207 18.94 32.15 39.87
C ALA G 207 18.18 33.30 39.23
N ALA G 208 16.86 33.20 39.22
CA ALA G 208 16.02 34.23 38.62
C ALA G 208 15.74 35.37 39.60
N ALA G 209 16.11 35.19 40.87
CA ALA G 209 15.81 36.16 41.90
C ALA G 209 16.72 37.39 41.81
N ARG G 210 16.19 38.51 42.26
CA ARG G 210 16.93 39.77 42.20
C ARG G 210 18.21 39.68 43.02
N LEU G 211 18.19 38.80 44.02
CA LEU G 211 19.35 38.53 44.85
C LEU G 211 20.57 38.20 44.00
N ALA G 212 20.34 37.55 42.87
CA ALA G 212 21.41 37.22 41.96
C ALA G 212 22.05 38.49 41.40
N GLY G 213 21.26 39.55 41.28
CA GLY G 213 21.70 40.80 40.70
C GLY G 213 22.93 41.41 41.35
N TYR G 214 22.82 41.72 42.64
CA TYR G 214 23.92 42.34 43.38
C TYR G 214 25.17 41.45 43.39
N ARG G 216 26.05 39.66 40.91
CA ARG G 216 26.59 39.73 39.56
C ARG G 216 27.24 41.09 39.27
N ARG G 217 27.20 41.99 40.25
CA ARG G 217 27.73 43.35 40.08
C ARG G 217 29.12 43.50 40.69
N THR G 218 30.03 44.09 39.93
CA THR G 218 31.41 44.27 40.36
C THR G 218 31.51 45.25 41.52
N ASN G 219 31.02 44.82 42.68
CA ASN G 219 31.12 45.61 43.91
C ASN G 219 30.96 44.69 45.11
N VAL G 220 31.38 43.43 44.93
CA VAL G 220 31.14 42.38 45.90
C VAL G 220 32.44 41.70 46.31
N GLY G 221 32.53 41.30 47.57
CA GLY G 221 33.70 40.62 48.07
C GLY G 221 33.67 40.45 49.58
N PRO G 222 34.69 39.77 50.14
CA PRO G 222 34.80 39.60 51.59
C PRO G 222 34.95 40.94 52.29
N PHE G 223 35.89 41.75 51.80
CA PHE G 223 36.16 43.06 52.38
C PHE G 223 35.58 44.16 51.49
N ALA G 224 34.31 44.49 51.73
CA ALA G 224 33.61 45.52 50.97
C ALA G 224 33.33 46.75 51.82
N GLU G 225 32.81 47.79 51.18
CA GLU G 225 32.47 49.04 51.86
C GLU G 225 31.18 48.90 52.66
N ASN G 226 30.04 49.02 51.98
CA ASN G 226 28.74 48.89 52.62
C ASN G 226 28.48 47.45 53.04
N ALA G 227 27.45 47.25 53.86
CA ALA G 227 27.12 45.93 54.37
C ALA G 227 26.62 45.00 53.27
N GLY G 228 25.52 45.39 52.63
CA GLY G 228 24.83 44.56 51.65
C GLY G 228 25.73 43.82 50.68
N ALA G 229 26.82 44.47 50.29
CA ALA G 229 27.79 43.86 49.38
C ALA G 229 28.57 42.76 50.10
N ALA G 230 29.08 43.08 51.28
CA ALA G 230 29.83 42.11 52.07
C ALA G 230 28.95 40.91 52.38
N ARG G 231 27.70 41.18 52.72
CA ARG G 231 26.75 40.10 52.98
C ARG G 231 26.42 39.37 51.69
N CYS G 232 26.31 40.14 50.60
CA CYS G 232 26.02 39.56 49.30
C CYS G 232 27.11 38.56 48.90
N TYR G 233 28.36 38.88 49.21
CA TYR G 233 29.46 37.93 49.05
C TYR G 233 29.33 36.79 50.04
N ALA G 234 29.11 37.14 51.31
CA ALA G 234 28.98 36.17 52.38
C ALA G 234 27.97 35.11 52.01
N ILE G 235 26.94 35.51 51.27
CA ILE G 235 25.97 34.57 50.72
C ILE G 235 26.67 33.61 49.74
N TRP G 236 27.39 34.17 48.78
CA TRP G 236 28.13 33.35 47.82
C TRP G 236 29.07 32.38 48.51
N ALA G 237 29.74 32.85 49.56
CA ALA G 237 30.72 32.04 50.25
C ALA G 237 30.07 31.00 51.17
N LYS G 238 29.03 31.41 51.88
CA LYS G 238 28.49 30.61 52.97
C LYS G 238 27.21 29.85 52.61
N CYS G 239 26.59 30.19 51.48
CA CYS G 239 25.33 29.54 51.08
C CYS G 239 25.46 28.72 49.79
N LEU G 240 25.56 29.39 48.64
CA LEU G 240 25.63 28.70 47.35
C LEU G 240 26.70 27.63 47.33
N LEU G 241 27.96 28.07 47.34
CA LEU G 241 29.10 27.17 47.23
C LEU G 241 28.98 25.92 48.11
N PRO G 242 28.59 26.10 49.39
CA PRO G 242 28.34 24.91 50.21
C PRO G 242 26.98 24.25 49.93
N LEU G 243 26.01 24.99 49.40
CA LEU G 243 24.71 24.41 49.07
C LEU G 243 24.81 23.58 47.79
N LEU G 244 25.61 24.05 46.84
CA LEU G 244 25.82 23.31 45.59
C LEU G 244 26.38 21.93 45.90
N LEU G 245 27.38 21.89 46.76
CA LEU G 245 28.06 20.63 47.09
C LEU G 245 27.12 19.65 47.79
N ASN G 246 26.04 20.16 48.36
CA ASN G 246 25.08 19.31 49.05
C ASN G 246 24.10 18.68 48.07
N ILE G 247 23.62 19.48 47.11
CA ILE G 247 22.75 18.98 46.05
C ILE G 247 23.55 18.18 45.01
N LEU G 248 24.87 18.34 45.04
CA LEU G 248 25.76 17.56 44.18
C LEU G 248 25.87 16.13 44.69
N ALA G 249 25.77 15.96 46.00
CA ALA G 249 25.89 14.65 46.63
C ALA G 249 24.64 13.80 46.44
N ALA G 250 23.72 14.27 45.60
CA ALA G 250 22.55 13.49 45.21
C ALA G 250 22.54 13.33 43.68
N LEU G 251 23.40 12.43 43.21
CA LEU G 251 23.59 12.21 41.78
C LEU G 251 23.89 13.52 41.07
N GLY G 252 25.14 13.97 41.22
CA GLY G 252 25.57 15.25 40.69
C GLY G 252 25.40 15.41 39.19
N SER G 253 25.65 14.33 38.46
CA SER G 253 25.56 14.36 37.00
C SER G 253 24.23 14.92 36.51
N THR G 254 23.14 14.48 37.13
CA THR G 254 21.81 14.93 36.77
C THR G 254 21.66 16.43 36.95
N VAL G 255 22.18 16.93 38.07
CA VAL G 255 22.05 18.34 38.43
C VAL G 255 23.32 19.10 38.04
N ALA G 256 24.30 18.39 37.50
CA ALA G 256 25.55 19.00 37.06
C ALA G 256 25.28 20.20 36.13
N PRO G 257 24.36 20.02 35.16
CA PRO G 257 23.98 21.17 34.32
C PRO G 257 23.56 22.38 35.16
N GLU G 258 22.68 22.16 36.13
CA GLU G 258 22.17 23.25 36.95
C GLU G 258 23.27 23.94 37.74
N VAL G 259 24.07 23.15 38.45
CA VAL G 259 25.11 23.74 39.30
C VAL G 259 26.12 24.49 38.43
N ALA G 260 26.50 23.91 37.31
CA ALA G 260 27.41 24.59 36.39
C ALA G 260 26.75 25.85 35.84
N TRP G 261 25.46 25.74 35.55
CA TRP G 261 24.69 26.83 34.97
C TRP G 261 24.67 28.02 35.93
N VAL G 262 24.29 27.77 37.19
CA VAL G 262 24.27 28.82 38.20
C VAL G 262 25.67 29.35 38.47
N LEU G 263 26.63 28.43 38.59
CA LEU G 263 28.02 28.81 38.80
C LEU G 263 28.48 29.77 37.70
N ASN G 264 28.06 29.49 36.48
CA ASN G 264 28.42 30.35 35.35
C ASN G 264 27.62 31.65 35.29
N GLN G 265 26.48 31.69 35.98
CA GLN G 265 25.65 32.90 36.00
C GLN G 265 26.20 33.96 36.95
N PHE G 266 27.26 33.60 37.69
CA PHE G 266 27.95 34.54 38.55
C PHE G 266 29.43 34.59 38.17
N PRO G 267 29.73 34.98 36.93
CA PRO G 267 31.10 34.94 36.41
C PRO G 267 32.04 35.88 37.17
N ASN G 268 31.56 37.07 37.51
CA ASN G 268 32.36 38.05 38.22
C ASN G 268 32.98 37.48 39.49
N LEU G 269 32.19 36.70 40.23
CA LEU G 269 32.66 36.09 41.46
C LEU G 269 33.75 35.06 41.18
N LEU G 270 33.61 34.35 40.06
CA LEU G 270 34.62 33.36 39.67
C LEU G 270 35.91 34.07 39.28
N GLN G 271 35.78 35.10 38.46
CA GLN G 271 36.94 35.87 38.03
C GLN G 271 37.57 36.57 39.22
N SER G 272 36.75 36.91 40.20
CA SER G 272 37.26 37.51 41.43
C SER G 272 37.94 36.44 42.28
N SER G 273 37.33 35.26 42.35
CA SER G 273 37.76 34.21 43.27
C SER G 273 39.23 33.84 43.11
N VAL G 274 39.71 33.86 41.88
CA VAL G 274 41.09 33.48 41.60
C VAL G 274 42.03 34.67 41.77
N GLU G 275 41.55 35.85 41.38
CA GLU G 275 42.35 37.06 41.46
C GLU G 275 42.16 37.79 42.79
N ARG G 276 41.43 37.16 43.72
CA ARG G 276 41.33 37.68 45.07
C ARG G 276 42.65 37.43 45.80
N ILE G 277 43.18 36.21 45.64
CA ILE G 277 44.49 35.86 46.20
C ILE G 277 45.56 35.94 45.12
N SER G 300 41.16 36.32 54.19
CA SER G 300 40.21 35.75 55.14
C SER G 300 39.92 34.29 54.82
N LEU G 301 39.10 33.66 55.65
CA LEU G 301 38.83 32.22 55.56
C LEU G 301 37.77 31.88 54.52
N LEU G 302 36.77 32.74 54.39
CA LEU G 302 35.71 32.55 53.40
C LEU G 302 36.33 32.48 52.01
N GLU G 303 37.37 33.27 51.81
CA GLU G 303 38.11 33.26 50.56
C GLU G 303 38.74 31.91 50.31
N ILE G 304 39.15 31.23 51.39
CA ILE G 304 39.74 29.91 51.27
C ILE G 304 38.66 28.88 50.99
N SER G 305 37.56 28.97 51.72
CA SER G 305 36.43 28.08 51.48
C SER G 305 35.82 28.35 50.10
N GLU G 306 36.01 29.57 49.61
CA GLU G 306 35.55 29.92 48.27
C GLU G 306 36.40 29.23 47.21
N ILE G 307 37.70 29.15 47.46
CA ILE G 307 38.62 28.45 46.56
C ILE G 307 38.87 27.05 47.11
N HIS G 308 37.83 26.48 47.73
CA HIS G 308 37.82 25.08 48.12
C HIS G 308 36.55 24.43 47.58
N SER G 309 35.48 25.22 47.55
CA SER G 309 34.22 24.77 46.98
C SER G 309 34.30 24.78 45.45
N LEU G 310 34.72 25.93 44.91
CA LEU G 310 34.95 26.05 43.48
C LEU G 310 36.12 25.17 43.05
N ALA G 311 37.00 24.87 44.01
CA ALA G 311 38.14 24.01 43.75
C ALA G 311 37.74 22.53 43.68
N LEU G 312 36.46 22.26 43.92
CA LEU G 312 35.92 20.91 43.81
C LEU G 312 34.63 20.86 43.01
N LEU G 313 34.03 22.03 42.75
CA LEU G 313 32.78 22.08 42.01
C LEU G 313 33.02 21.93 40.49
N THR G 314 34.24 22.20 40.05
CA THR G 314 34.59 22.06 38.63
C THR G 314 35.47 20.84 38.39
N ARG G 315 35.95 20.23 39.46
CA ARG G 315 36.77 19.03 39.34
C ARG G 315 35.90 17.81 39.12
N VAL G 316 34.76 17.76 39.81
CA VAL G 316 33.81 16.67 39.64
C VAL G 316 33.25 16.70 38.22
N LEU G 317 33.07 17.91 37.69
CA LEU G 317 32.57 18.08 36.33
C LEU G 317 33.61 17.61 35.31
N ALA G 318 34.86 17.51 35.76
CA ALA G 318 35.96 17.07 34.89
C ALA G 318 36.12 15.55 34.93
N ALA G 319 35.07 14.84 35.35
CA ALA G 319 35.11 13.38 35.44
C ALA G 319 33.74 12.75 35.22
N CYS G 320 32.82 13.51 34.62
CA CYS G 320 31.47 13.02 34.35
C CYS G 320 31.11 13.22 32.89
N ASP G 327 26.41 16.28 30.86
CA ASP G 327 25.71 16.41 29.58
C ASP G 327 25.53 17.89 29.23
N VAL G 328 26.32 18.74 29.87
CA VAL G 328 26.23 20.18 29.69
C VAL G 328 27.63 20.77 29.89
N PRO G 329 27.95 21.86 29.16
CA PRO G 329 29.26 22.51 29.23
C PRO G 329 29.72 22.83 30.66
N GLU G 330 31.02 23.06 30.81
CA GLU G 330 31.63 23.21 32.12
C GLU G 330 31.69 24.69 32.53
N VAL G 331 32.26 24.94 33.72
CA VAL G 331 32.36 26.29 34.27
C VAL G 331 33.58 27.00 33.71
N THR G 332 33.52 28.25 33.68
CA THR G 332 34.60 29.06 33.13
C THR G 332 35.47 29.64 34.24
N TRP G 333 35.77 28.82 35.24
CA TRP G 333 36.61 29.26 36.36
C TRP G 333 38.09 29.05 36.03
N ASP G 334 38.91 30.03 36.36
CA ASP G 334 40.34 29.98 36.06
C ASP G 334 41.08 29.19 37.14
N GLY G 335 40.91 27.87 37.11
CA GLY G 335 41.51 27.00 38.12
C GLY G 335 42.99 26.77 37.92
N ALA G 336 43.55 27.37 36.86
CA ALA G 336 44.96 27.18 36.54
C ALA G 336 45.86 27.99 37.48
N LYS G 337 45.52 29.27 37.66
CA LYS G 337 46.29 30.16 38.52
C LYS G 337 46.25 29.71 39.97
N VAL G 338 45.23 28.94 40.31
CA VAL G 338 44.99 28.54 41.70
C VAL G 338 46.13 27.71 42.27
N LEU G 339 46.52 26.66 41.55
CA LEU G 339 47.58 25.75 42.01
C LEU G 339 48.85 26.51 42.37
N GLU G 340 49.22 27.47 41.53
CA GLU G 340 50.40 28.30 41.79
C GLU G 340 50.02 29.56 42.58
N CYS G 341 48.83 29.56 43.16
CA CYS G 341 48.38 30.65 44.02
C CYS G 341 48.30 30.16 45.46
N VAL G 342 48.23 28.84 45.63
CA VAL G 342 48.23 28.24 46.96
C VAL G 342 49.64 28.24 47.54
N GLU G 343 50.61 27.80 46.74
CA GLU G 343 52.01 27.71 47.19
C GLU G 343 52.56 29.09 47.57
N TYR G 344 52.06 30.13 46.91
CA TYR G 344 52.47 31.49 47.22
C TYR G 344 52.11 31.83 48.66
N TRP G 345 50.86 31.57 49.02
CA TRP G 345 50.33 31.91 50.33
C TRP G 345 50.13 30.66 51.19
N LEU G 346 51.20 29.86 51.34
CA LEU G 346 51.17 28.68 52.20
C LEU G 346 52.51 28.56 52.91
N ARG G 347 53.50 28.05 52.19
CA ARG G 347 54.83 27.84 52.76
C ARG G 347 55.44 29.16 53.19
N GLY G 348 55.93 29.19 54.42
CA GLY G 348 56.48 30.39 55.03
C GLY G 348 55.73 30.75 56.29
N ARG G 349 54.40 30.58 56.25
CA ARG G 349 53.51 30.84 57.39
C ARG G 349 53.89 32.10 58.17
N LYS G 350 54.43 33.09 57.45
CA LYS G 350 54.86 34.35 58.05
C LYS G 350 54.15 35.49 57.34
N VAL G 351 54.13 35.42 56.01
CA VAL G 351 53.43 36.41 55.20
C VAL G 351 51.92 36.29 55.44
N LEU G 352 51.49 35.12 55.91
CA LEU G 352 50.09 34.86 56.16
C LEU G 352 49.55 35.57 57.40
N ARG G 353 50.44 36.27 58.11
CA ARG G 353 50.06 36.93 59.35
C ARG G 353 49.42 38.31 59.11
N GLU G 354 48.69 38.45 58.01
CA GLU G 354 48.00 39.69 57.71
C GLU G 354 46.67 39.46 57.00
N ARG G 355 46.23 38.21 56.96
CA ARG G 355 44.94 37.85 56.35
C ARG G 355 44.85 38.27 54.88
N ASN G 388 47.89 30.66 65.86
CA ASN G 388 46.67 31.36 66.23
C ASN G 388 45.43 30.62 65.73
N ARG G 389 44.28 31.26 65.85
CA ARG G 389 43.03 30.67 65.39
C ARG G 389 42.95 30.69 63.86
N LEU G 390 43.36 31.82 63.28
CA LEU G 390 43.22 32.04 61.84
C LEU G 390 44.47 31.61 61.08
N GLU G 391 45.06 30.49 61.49
CA GLU G 391 46.18 29.91 60.76
C GLU G 391 46.16 28.38 60.85
N GLU G 392 46.09 27.86 62.08
CA GLU G 392 46.07 26.42 62.30
C GLU G 392 44.94 25.78 61.51
N LYS G 393 43.73 26.28 61.72
CA LYS G 393 42.56 25.81 60.99
C LYS G 393 42.50 26.43 59.60
N ALA G 394 42.95 27.68 59.50
CA ALA G 394 42.87 28.43 58.26
C ALA G 394 43.78 27.86 57.17
N VAL G 395 45.08 27.83 57.46
CA VAL G 395 46.06 27.29 56.52
C VAL G 395 45.78 25.81 56.24
N GLY G 396 45.04 25.18 57.15
CA GLY G 396 44.72 23.77 57.02
C GLY G 396 43.85 23.41 55.82
N LEU G 397 42.93 24.31 55.47
CA LEU G 397 42.03 24.05 54.35
C LEU G 397 42.78 23.98 53.03
N LEU G 398 43.56 25.02 52.75
CA LEU G 398 44.29 25.11 51.47
C LEU G 398 45.29 23.98 51.28
N VAL G 399 45.49 23.17 52.31
CA VAL G 399 46.29 21.95 52.19
C VAL G 399 45.57 20.98 51.26
N GLY G 400 44.25 20.99 51.31
CA GLY G 400 43.44 20.07 50.54
C GLY G 400 43.22 20.54 49.10
N VAL G 401 43.15 21.85 48.92
CA VAL G 401 42.92 22.44 47.60
C VAL G 401 43.98 22.00 46.61
N ARG G 402 45.24 22.18 46.99
CA ARG G 402 46.37 21.87 46.12
C ARG G 402 46.83 20.43 46.31
N GLU G 403 45.89 19.50 46.22
CA GLU G 403 46.19 18.07 46.27
C GLU G 403 45.34 17.31 45.27
N VAL G 404 44.07 17.68 45.19
CA VAL G 404 43.12 16.99 44.34
C VAL G 404 43.07 17.63 42.95
N LEU G 405 43.47 18.91 42.88
CA LEU G 405 43.43 19.67 41.63
C LEU G 405 44.74 19.63 40.85
N GLU G 406 45.74 18.92 41.36
CA GLU G 406 47.03 18.85 40.69
C GLU G 406 46.90 18.23 39.30
N PRO H 6 9.01 20.03 30.03
CA PRO H 6 8.27 21.01 29.22
C PRO H 6 9.20 21.91 28.42
N ARG H 7 9.49 21.53 27.17
CA ARG H 7 10.46 22.27 26.38
C ARG H 7 10.15 22.23 24.88
N ASP H 8 9.68 21.09 24.38
CA ASP H 8 9.42 20.93 22.96
C ASP H 8 7.93 20.97 22.66
N VAL H 9 7.59 21.08 21.37
CA VAL H 9 6.21 21.09 20.93
C VAL H 9 5.50 19.77 21.27
N THR H 10 6.19 18.65 21.03
CA THR H 10 5.57 17.33 21.19
C THR H 10 5.77 16.78 22.59
N HIS H 11 6.89 17.13 23.23
CA HIS H 11 7.16 16.66 24.59
C HIS H 11 6.26 17.36 25.59
N LEU H 12 5.96 18.63 25.33
CA LEU H 12 5.10 19.41 26.21
C LEU H 12 3.68 18.89 26.17
N LEU H 13 3.30 18.26 25.06
CA LEU H 13 1.94 17.80 24.86
C LEU H 13 1.69 16.45 25.53
N ALA H 14 2.75 15.65 25.66
CA ALA H 14 2.63 14.32 26.22
C ALA H 14 2.51 14.35 27.75
N LEU H 15 3.19 15.29 28.39
CA LEU H 15 3.24 15.33 29.84
C LEU H 15 1.95 15.89 30.46
N VAL H 16 1.30 16.81 29.76
CA VAL H 16 0.00 17.31 30.21
C VAL H 16 -0.99 16.16 30.18
N SER H 17 -0.84 15.29 29.19
CA SER H 17 -1.65 14.09 29.10
C SER H 17 -1.16 13.05 30.11
N SER H 18 0.14 13.05 30.39
CA SER H 18 0.66 12.20 31.45
C SER H 18 0.02 12.61 32.77
N ALA H 19 -0.27 13.91 32.89
CA ALA H 19 -1.04 14.42 34.02
C ALA H 19 -2.52 14.06 33.86
N ILE H 20 -3.04 14.17 32.63
CA ILE H 20 -4.44 13.86 32.37
C ILE H 20 -4.71 12.36 32.51
N HIS H 21 -3.65 11.56 32.49
CA HIS H 21 -3.76 10.12 32.71
C HIS H 21 -3.69 9.82 34.20
N ALA H 22 -2.91 10.61 34.91
CA ALA H 22 -2.74 10.44 36.34
C ALA H 22 -3.99 10.83 37.13
N VAL H 23 -5.01 11.31 36.41
CA VAL H 23 -6.26 11.71 37.05
C VAL H 23 -6.89 10.54 37.80
N GLU H 24 -7.59 10.87 38.88
CA GLU H 24 -8.20 9.86 39.75
C GLU H 24 -9.65 9.61 39.33
N ASN H 25 -10.45 10.67 39.33
CA ASN H 25 -11.84 10.58 38.93
C ASN H 25 -12.31 11.94 38.41
N PRO H 26 -11.95 12.26 37.15
CA PRO H 26 -12.33 13.52 36.50
C PRO H 26 -13.81 13.84 36.66
N PHE H 27 -14.13 15.13 36.64
CA PHE H 27 -15.50 15.61 36.85
C PHE H 27 -16.02 15.24 38.24
N GLY H 28 -15.09 14.87 39.12
CA GLY H 28 -15.41 14.69 40.53
C GLY H 28 -15.34 16.05 41.18
N ALA H 29 -16.41 16.42 41.89
CA ALA H 29 -16.57 17.75 42.45
C ALA H 29 -15.33 18.28 43.17
N ASN H 30 -14.48 17.37 43.65
CA ASN H 30 -13.27 17.75 44.37
C ASN H 30 -12.11 18.05 43.42
N ASP H 31 -11.81 17.10 42.54
CA ASP H 31 -10.68 17.22 41.63
C ASP H 31 -11.11 17.68 40.23
N LEU H 32 -12.29 18.28 40.13
CA LEU H 32 -12.80 18.80 38.86
C LEU H 32 -12.07 20.06 38.37
N PRO H 33 -12.03 21.12 39.19
CA PRO H 33 -11.44 22.38 38.70
C PRO H 33 -9.99 22.25 38.27
N TYR H 34 -9.29 21.30 38.88
CA TYR H 34 -7.92 21.01 38.51
C TYR H 34 -7.93 20.31 37.16
N PHE H 35 -8.89 19.40 36.97
CA PHE H 35 -9.05 18.73 35.69
C PHE H 35 -9.35 19.76 34.60
N ARG H 36 -10.19 20.73 34.92
CA ARG H 36 -10.47 21.84 34.01
C ARG H 36 -9.19 22.58 33.63
N THR H 37 -8.42 23.01 34.63
CA THR H 37 -7.16 23.68 34.34
C THR H 37 -6.27 22.82 33.45
N LEU H 38 -6.15 21.54 33.79
CA LEU H 38 -5.39 20.63 32.95
C LEU H 38 -5.88 20.66 31.52
N LEU H 39 -7.19 20.50 31.33
CA LEU H 39 -7.78 20.49 29.99
C LEU H 39 -7.45 21.78 29.25
N LYS H 40 -7.56 22.92 29.94
CA LYS H 40 -7.28 24.19 29.31
C LYS H 40 -5.81 24.27 28.91
N ILE H 41 -4.92 23.75 29.76
CA ILE H 41 -3.51 23.67 29.40
C ILE H 41 -3.35 22.83 28.14
N LEU H 42 -3.98 21.67 28.12
CA LEU H 42 -3.94 20.78 26.97
C LEU H 42 -4.40 21.52 25.72
N PHE H 43 -5.47 22.28 25.85
CA PHE H 43 -6.00 23.08 24.74
C PHE H 43 -4.98 24.09 24.24
N VAL H 44 -4.46 24.90 25.16
CA VAL H 44 -3.46 25.91 24.81
C VAL H 44 -2.30 25.27 24.07
N VAL H 45 -1.81 24.15 24.59
CA VAL H 45 -0.73 23.44 23.92
C VAL H 45 -1.15 23.05 22.51
N LEU H 46 -2.25 22.30 22.41
CA LEU H 46 -2.73 21.78 21.14
C LEU H 46 -2.94 22.88 20.09
N ARG H 47 -3.52 24.02 20.48
CA ARG H 47 -3.74 25.10 19.54
C ARG H 47 -2.44 25.61 18.94
N ALA H 48 -1.40 25.65 19.78
CA ALA H 48 -0.09 26.11 19.35
C ALA H 48 0.84 24.94 19.05
N ALA H 49 0.29 23.74 19.04
CA ALA H 49 1.02 22.53 18.67
C ALA H 49 0.81 22.23 17.19
N LYS H 50 0.43 23.24 16.42
CA LYS H 50 0.22 23.10 14.99
C LYS H 50 1.52 23.40 14.25
N GLN H 51 2.62 22.88 14.78
CA GLN H 51 3.95 23.06 14.22
C GLN H 51 4.31 24.54 14.12
N ILE H 63 4.50 11.34 16.18
CA ILE H 63 4.11 12.68 16.62
C ILE H 63 2.60 12.83 16.60
N THR H 64 1.99 12.46 15.48
CA THR H 64 0.54 12.43 15.36
C THR H 64 -0.03 11.36 16.28
N GLN H 65 0.78 10.35 16.58
CA GLN H 65 0.36 9.30 17.50
C GLN H 65 0.26 9.81 18.93
N GLN H 66 0.57 11.09 19.13
CA GLN H 66 0.42 11.74 20.42
C GLN H 66 -0.96 12.37 20.55
N VAL H 67 -1.36 13.13 19.54
CA VAL H 67 -2.65 13.83 19.55
C VAL H 67 -3.80 12.83 19.42
N LEU H 68 -3.48 11.59 19.03
CA LEU H 68 -4.50 10.55 18.89
C LEU H 68 -4.80 9.88 20.24
N THR H 69 -3.83 9.85 21.13
CA THR H 69 -4.02 9.23 22.44
C THR H 69 -5.01 10.04 23.26
N ILE H 70 -4.97 11.37 23.09
CA ILE H 70 -5.91 12.24 23.78
C ILE H 70 -7.27 12.22 23.09
N LEU H 71 -7.29 11.95 21.79
CA LEU H 71 -8.54 11.71 21.08
C LEU H 71 -9.20 10.44 21.60
N ASP H 72 -8.44 9.63 22.35
CA ASP H 72 -8.96 8.39 22.92
C ASP H 72 -9.19 8.50 24.43
N ARG H 73 -8.16 8.91 25.17
CA ARG H 73 -8.23 8.87 26.63
C ARG H 73 -8.63 10.20 27.26
N VAL H 74 -8.85 11.22 26.42
CA VAL H 74 -9.30 12.51 26.91
C VAL H 74 -10.65 12.86 26.30
N VAL H 75 -10.66 13.15 25.01
CA VAL H 75 -11.88 13.62 24.34
C VAL H 75 -12.98 12.59 24.45
N ALA H 76 -12.77 11.43 23.84
CA ALA H 76 -13.79 10.40 23.73
C ALA H 76 -14.13 9.79 25.07
N ARG H 77 -13.25 9.94 26.05
CA ARG H 77 -13.51 9.43 27.40
C ARG H 77 -14.41 10.41 28.14
N CYS H 78 -13.97 11.67 28.19
CA CYS H 78 -14.71 12.69 28.93
C CYS H 78 -16.06 12.96 28.28
N PHE H 79 -16.11 12.90 26.95
CA PHE H 79 -17.35 13.19 26.24
C PHE H 79 -18.43 12.17 26.56
N ARG H 80 -18.03 10.99 27.01
CA ARG H 80 -18.98 9.99 27.49
C ARG H 80 -19.21 10.18 28.98
N ALA H 81 -18.13 10.30 29.73
CA ALA H 81 -18.22 10.49 31.17
C ALA H 81 -19.04 11.72 31.52
N LEU H 82 -19.05 12.68 30.61
CA LEU H 82 -19.71 13.95 30.81
C LEU H 82 -21.13 13.87 30.28
N ALA H 83 -21.36 12.95 29.34
CA ALA H 83 -22.68 12.73 28.79
C ALA H 83 -23.65 12.23 29.87
N ALA H 84 -23.08 11.69 30.95
CA ALA H 84 -23.87 11.32 32.11
C ALA H 84 -24.19 12.56 32.95
N LEU H 85 -25.27 13.25 32.59
CA LEU H 85 -25.74 14.40 33.35
C LEU H 85 -26.56 13.90 34.54
N VAL H 86 -27.39 12.90 34.30
CA VAL H 86 -28.16 12.24 35.34
C VAL H 86 -28.99 13.23 36.17
N THR H 97 -23.10 15.77 38.47
CA THR H 97 -22.41 16.74 39.31
C THR H 97 -22.42 18.12 38.63
N THR H 98 -21.87 19.12 39.31
CA THR H 98 -21.84 20.48 38.78
C THR H 98 -20.86 20.58 37.63
N THR H 99 -21.19 19.91 36.52
CA THR H 99 -20.44 20.02 35.28
C THR H 99 -21.23 20.90 34.33
N ALA H 100 -20.70 22.09 34.06
CA ALA H 100 -21.39 23.09 33.27
C ALA H 100 -21.52 22.67 31.81
N PRO H 101 -22.32 23.40 31.04
CA PRO H 101 -22.31 23.23 29.59
C PRO H 101 -21.20 24.06 28.98
N GLU H 102 -20.00 23.97 29.55
CA GLU H 102 -18.88 24.77 29.11
C GLU H 102 -17.61 23.94 29.04
N ASP H 103 -17.49 22.95 29.91
CA ASP H 103 -16.40 22.01 29.81
C ASP H 103 -16.72 20.99 28.71
N LEU H 104 -18.00 20.86 28.39
CA LEU H 104 -18.42 20.12 27.20
C LEU H 104 -17.93 20.87 25.97
N ALA H 105 -18.07 22.20 25.99
CA ALA H 105 -17.55 23.05 24.95
C ALA H 105 -16.04 22.99 24.94
N LEU H 106 -15.46 22.86 26.12
CA LEU H 106 -14.02 22.75 26.24
C LEU H 106 -13.54 21.51 25.52
N ILE H 107 -14.15 20.37 25.84
CA ILE H 107 -13.82 19.11 25.17
C ILE H 107 -14.06 19.24 23.66
N THR H 108 -15.18 19.84 23.27
CA THR H 108 -15.43 20.10 21.86
C THR H 108 -14.30 20.91 21.24
N ALA H 109 -13.80 21.88 21.98
CA ALA H 109 -12.73 22.74 21.50
C ALA H 109 -11.37 22.03 21.49
N ILE H 110 -11.18 21.10 22.43
CA ILE H 110 -9.98 20.29 22.44
C ILE H 110 -9.98 19.40 21.20
N LEU H 111 -11.13 18.77 20.92
CA LEU H 111 -11.30 17.99 19.70
C LEU H 111 -10.99 18.84 18.47
N GLN H 112 -11.65 19.99 18.37
CA GLN H 112 -11.38 20.94 17.31
C GLN H 112 -9.88 21.26 17.24
N ALA H 113 -9.25 21.40 18.40
CA ALA H 113 -7.83 21.69 18.47
C ALA H 113 -7.00 20.51 17.99
N CYS H 114 -7.49 19.30 18.25
CA CYS H 114 -6.81 18.09 17.81
C CYS H 114 -6.86 17.95 16.29
N LEU H 115 -8.08 17.88 15.74
CA LEU H 115 -8.26 17.57 14.31
C LEU H 115 -7.57 18.56 13.37
N SER H 116 -7.11 19.68 13.92
CA SER H 116 -6.44 20.70 13.13
C SER H 116 -4.93 20.49 13.05
N VAL H 117 -4.42 19.47 13.76
CA VAL H 117 -3.00 19.14 13.68
C VAL H 117 -2.70 18.70 12.24
N PRO H 118 -1.62 19.25 11.64
CA PRO H 118 -1.35 19.06 10.21
C PRO H 118 -1.23 17.61 9.74
N GLY H 119 -1.17 16.65 10.66
CA GLY H 119 -0.89 15.27 10.30
C GLY H 119 -1.95 14.24 10.68
N ILE H 120 -3.21 14.64 10.76
CA ILE H 120 -4.27 13.70 11.12
C ILE H 120 -5.11 13.27 9.91
N GLU H 121 -5.26 14.14 8.93
CA GLU H 121 -6.01 13.78 7.73
C GLU H 121 -5.39 12.58 7.03
N GLN H 122 -4.09 12.42 7.19
CA GLN H 122 -3.39 11.22 6.70
C GLN H 122 -3.87 10.00 7.49
N CYS H 123 -4.48 10.26 8.65
CA CYS H 123 -4.90 9.21 9.55
C CYS H 123 -6.38 9.33 9.93
N GLN H 124 -7.18 9.85 9.01
CA GLN H 124 -8.60 10.09 9.27
C GLN H 124 -9.37 8.80 9.59
N VAL H 125 -8.90 7.70 9.02
CA VAL H 125 -9.58 6.42 9.19
C VAL H 125 -9.45 5.92 10.62
N GLN H 126 -8.35 6.30 11.28
CA GLN H 126 -8.08 5.83 12.62
C GLN H 126 -8.91 6.62 13.62
N VAL H 127 -9.12 7.90 13.31
CA VAL H 127 -9.96 8.76 14.15
C VAL H 127 -11.33 8.13 14.34
N LEU H 128 -11.92 7.67 13.24
CA LEU H 128 -13.24 7.03 13.26
C LEU H 128 -13.25 5.77 14.09
N ASN H 129 -12.18 4.98 13.98
CA ASN H 129 -12.04 3.77 14.79
C ASN H 129 -12.01 4.14 16.27
N ILE H 130 -11.22 5.17 16.59
CA ILE H 130 -11.09 5.66 17.97
C ILE H 130 -12.40 6.25 18.47
N ALA H 132 -15.39 5.64 17.27
CA ALA H 132 -16.43 4.63 17.24
C ALA H 132 -16.18 3.54 18.28
N ALA H 133 -14.91 3.37 18.67
CA ALA H 133 -14.57 2.48 19.76
C ALA H 133 -15.37 2.89 20.98
N HIS H 134 -15.15 4.12 21.44
CA HIS H 134 -16.07 4.74 22.38
C HIS H 134 -17.36 4.98 21.64
N ASP H 135 -18.49 5.02 22.34
CA ASP H 135 -19.77 5.13 21.68
C ASP H 135 -20.14 6.58 21.40
N VAL H 136 -19.15 7.38 21.00
CA VAL H 136 -19.31 8.82 20.88
C VAL H 136 -20.50 9.20 19.99
N PHE H 137 -20.51 8.68 18.77
CA PHE H 137 -21.49 9.08 17.76
C PHE H 137 -22.93 8.96 18.27
N GLN H 138 -23.27 7.82 18.84
CA GLN H 138 -24.62 7.63 19.38
C GLN H 138 -24.84 8.50 20.60
N VAL H 139 -23.83 8.58 21.47
CA VAL H 139 -23.92 9.37 22.69
C VAL H 139 -24.19 10.82 22.36
N ALA H 140 -23.65 11.27 21.22
CA ALA H 140 -23.90 12.62 20.76
C ALA H 140 -25.38 12.79 20.44
N VAL H 141 -25.95 11.79 19.78
CA VAL H 141 -27.37 11.83 19.40
C VAL H 141 -28.26 11.71 20.62
N ALA H 142 -27.83 10.91 21.59
CA ALA H 142 -28.53 10.80 22.86
C ALA H 142 -28.53 12.16 23.53
N LEU H 143 -27.33 12.66 23.79
CA LEU H 143 -27.12 13.97 24.39
C LEU H 143 -27.94 15.05 23.69
N PHE H 144 -27.96 15.00 22.36
CA PHE H 144 -28.68 15.97 21.57
C PHE H 144 -30.19 16.05 21.89
N SER H 145 -30.77 14.93 22.31
CA SER H 145 -32.22 14.84 22.41
C SER H 145 -32.85 15.64 23.57
N TRP H 146 -32.34 15.48 24.79
CA TRP H 146 -33.03 16.05 25.95
C TRP H 146 -32.53 17.44 26.32
N ALA H 147 -31.83 18.08 25.40
CA ALA H 147 -31.38 19.46 25.61
C ALA H 147 -32.56 20.34 25.99
N ASP H 148 -33.71 20.11 25.36
CA ASP H 148 -34.94 20.84 25.65
C ASP H 148 -35.84 20.04 26.59
N SER H 171 -34.97 26.22 30.01
CA SER H 171 -35.55 27.56 29.98
C SER H 171 -35.81 28.03 28.55
N GLY H 172 -36.24 27.11 27.70
CA GLY H 172 -36.63 27.43 26.33
C GLY H 172 -35.51 27.45 25.31
N ASP H 173 -34.27 27.22 25.75
CA ASP H 173 -33.11 27.26 24.85
C ASP H 173 -32.34 25.93 24.84
N PRO H 174 -31.89 25.49 23.64
CA PRO H 174 -31.16 24.23 23.51
C PRO H 174 -29.64 24.38 23.67
N VAL H 175 -29.20 24.68 24.89
CA VAL H 175 -27.79 24.91 25.17
C VAL H 175 -26.95 23.70 24.78
N TYR H 176 -27.29 22.55 25.34
CA TYR H 176 -26.55 21.32 25.07
C TYR H 176 -26.74 20.85 23.63
N GLY H 177 -27.87 21.19 23.04
CA GLY H 177 -28.16 20.79 21.67
C GLY H 177 -27.12 21.32 20.70
N GLU H 178 -26.96 22.64 20.70
CA GLU H 178 -25.99 23.29 19.83
C GLU H 178 -24.59 22.72 20.10
N LEU H 179 -24.33 22.35 21.35
CA LEU H 179 -23.04 21.77 21.71
C LEU H 179 -22.80 20.40 21.10
N ALA H 180 -23.72 19.46 21.34
CA ALA H 180 -23.60 18.13 20.78
C ALA H 180 -23.52 18.23 19.26
N LEU H 181 -24.29 19.14 18.68
CA LEU H 181 -24.24 19.36 17.24
C LEU H 181 -22.91 19.92 16.76
N LEU H 182 -22.35 20.90 17.49
CA LEU H 182 -21.04 21.46 17.17
C LEU H 182 -19.93 20.40 17.29
N PHE H 183 -20.07 19.54 18.28
CA PHE H 183 -19.17 18.41 18.47
C PHE H 183 -19.24 17.47 17.26
N LEU H 184 -20.44 16.99 16.96
CA LEU H 184 -20.65 16.13 15.81
C LEU H 184 -20.20 16.84 14.53
N LEU H 185 -20.37 18.15 14.50
CA LEU H 185 -19.93 18.93 13.36
C LEU H 185 -18.41 18.91 13.29
N GLU H 186 -17.76 19.01 14.44
CA GLU H 186 -16.30 18.96 14.47
C GLU H 186 -15.77 17.58 14.05
N LEU H 187 -16.46 16.52 14.45
CA LEU H 187 -16.12 15.18 13.96
C LEU H 187 -16.27 15.11 12.43
N SER H 188 -17.44 15.52 11.95
CA SER H 188 -17.78 15.44 10.54
C SER H 188 -16.96 16.39 9.67
N ALA H 189 -16.12 17.21 10.31
CA ALA H 189 -15.26 18.14 9.57
C ALA H 189 -14.48 17.40 8.50
N LEU H 190 -14.11 16.16 8.80
CA LEU H 190 -13.43 15.29 7.84
C LEU H 190 -14.40 14.20 7.36
N PRO H 191 -14.36 13.86 6.05
CA PRO H 191 -15.36 12.96 5.46
C PRO H 191 -15.47 11.58 6.09
N ALA H 192 -14.36 11.06 6.63
CA ALA H 192 -14.33 9.68 7.14
C ALA H 192 -15.36 9.45 8.24
N LEU H 193 -15.55 10.46 9.09
CA LEU H 193 -16.51 10.35 10.19
C LEU H 193 -17.90 10.80 9.76
N ALA H 194 -17.97 11.74 8.84
CA ALA H 194 -19.23 12.15 8.25
C ALA H 194 -19.90 10.95 7.59
N GLU H 195 -19.07 10.12 6.95
CA GLU H 195 -19.53 8.88 6.36
C GLU H 195 -20.25 8.01 7.38
N HIS H 196 -19.59 7.77 8.53
CA HIS H 196 -20.18 6.95 9.58
C HIS H 196 -21.41 7.62 10.17
N LEU H 197 -21.40 8.94 10.23
CA LEU H 197 -22.56 9.68 10.71
C LEU H 197 -23.76 9.42 9.82
N ALA H 198 -23.63 9.77 8.54
CA ALA H 198 -24.72 9.59 7.58
C ALA H 198 -25.13 8.11 7.52
N CYS H 199 -24.15 7.23 7.57
CA CYS H 199 -24.42 5.79 7.54
C CYS H 199 -25.16 5.34 8.79
N ASP H 200 -24.80 5.91 9.93
CA ASP H 200 -25.46 5.59 11.20
C ASP H 200 -26.85 6.22 11.23
N GLY H 201 -27.06 7.22 10.39
CA GLY H 201 -28.36 7.84 10.23
C GLY H 201 -28.59 8.95 11.24
N LEU H 202 -27.75 9.97 11.20
CA LEU H 202 -27.88 11.12 12.08
C LEU H 202 -29.14 11.88 11.74
N LEU H 203 -29.31 12.18 10.46
CA LEU H 203 -30.43 13.00 9.98
C LEU H 203 -31.78 12.39 10.37
N GLY H 204 -31.84 11.06 10.43
CA GLY H 204 -33.04 10.38 10.88
C GLY H 204 -33.31 10.61 12.35
N HIS H 205 -32.27 10.49 13.18
CA HIS H 205 -32.40 10.65 14.63
C HIS H 205 -32.54 12.12 15.00
N LEU H 206 -32.06 12.99 14.10
CA LEU H 206 -32.07 14.42 14.31
C LEU H 206 -33.39 15.05 13.88
N ALA H 207 -33.85 14.70 12.68
CA ALA H 207 -35.05 15.29 12.12
C ALA H 207 -36.28 14.94 12.94
N ALA H 208 -36.22 13.82 13.65
CA ALA H 208 -37.35 13.38 14.48
C ALA H 208 -37.33 14.02 15.86
N ALA H 209 -36.23 14.69 16.19
CA ALA H 209 -36.04 15.27 17.52
C ALA H 209 -36.87 16.53 17.69
N ARG H 210 -37.27 16.79 18.94
CA ARG H 210 -38.10 17.94 19.25
C ARG H 210 -37.39 19.24 18.90
N LEU H 211 -36.06 19.20 18.91
CA LEU H 211 -35.23 20.34 18.51
C LEU H 211 -35.66 20.87 17.15
N ALA H 212 -36.11 19.97 16.29
CA ALA H 212 -36.58 20.36 14.96
C ALA H 212 -37.81 21.26 15.09
N GLY H 213 -38.58 21.06 16.15
CA GLY H 213 -39.81 21.81 16.36
C GLY H 213 -39.66 23.32 16.36
N TYR H 214 -38.86 23.84 17.28
CA TYR H 214 -38.66 25.29 17.41
C TYR H 214 -38.06 25.87 16.13
N ARG H 216 -38.81 24.89 13.24
CA ARG H 216 -39.90 24.89 12.27
C ARG H 216 -40.97 25.92 12.60
N ARG H 217 -40.78 26.65 13.69
CA ARG H 217 -41.76 27.64 14.14
C ARG H 217 -41.36 29.07 13.74
N THR H 218 -42.33 29.80 13.20
CA THR H 218 -42.10 31.17 12.74
C THR H 218 -41.83 32.11 13.91
N ASN H 219 -40.67 31.95 14.52
CA ASN H 219 -40.23 32.83 15.60
C ASN H 219 -38.70 32.72 15.75
N VAL H 220 -38.04 32.43 14.63
CA VAL H 220 -36.62 32.09 14.63
C VAL H 220 -35.86 33.00 13.67
N GLY H 221 -34.63 33.34 14.04
CA GLY H 221 -33.80 34.18 13.20
C GLY H 221 -32.53 34.62 13.90
N PRO H 222 -31.66 35.36 13.20
CA PRO H 222 -30.43 35.89 13.79
C PRO H 222 -30.75 36.86 14.92
N PHE H 223 -31.65 37.81 14.64
CA PHE H 223 -32.04 38.82 15.61
C PHE H 223 -33.43 38.50 16.16
N ALA H 224 -33.46 37.69 17.22
CA ALA H 224 -34.72 37.29 17.86
C ALA H 224 -34.87 37.92 19.24
N GLU H 225 -36.03 37.73 19.85
CA GLU H 225 -36.31 38.26 21.18
C GLU H 225 -35.62 37.41 22.26
N ASN H 226 -36.24 36.30 22.62
CA ASN H 226 -35.68 35.41 23.63
C ASN H 226 -34.44 34.69 23.10
N ALA H 227 -33.70 34.06 23.99
CA ALA H 227 -32.46 33.38 23.62
C ALA H 227 -32.73 32.15 22.74
N GLY H 228 -33.49 31.21 23.28
CA GLY H 228 -33.71 29.91 22.64
C GLY H 228 -33.97 29.96 21.15
N ALA H 229 -34.68 31.00 20.71
CA ALA H 229 -34.96 31.20 19.30
C ALA H 229 -33.70 31.60 18.53
N ALA H 230 -32.99 32.58 19.07
CA ALA H 230 -31.76 33.05 18.46
C ALA H 230 -30.76 31.91 18.38
N ARG H 231 -30.68 31.12 19.46
CA ARG H 231 -29.81 29.97 19.49
C ARG H 231 -30.33 28.91 18.53
N CYS H 232 -31.66 28.77 18.48
CA CYS H 232 -32.30 27.81 17.60
C CYS H 232 -31.94 28.11 16.14
N TYR H 233 -31.88 29.39 15.79
CA TYR H 233 -31.37 29.80 14.48
C TYR H 233 -29.88 29.53 14.36
N ALA H 234 -29.14 29.95 15.39
CA ALA H 234 -27.69 29.78 15.42
C ALA H 234 -27.32 28.33 15.15
N ILE H 235 -28.18 27.41 15.60
CA ILE H 235 -28.02 26.01 15.28
C ILE H 235 -28.16 25.80 13.77
N TRP H 236 -29.24 26.30 13.18
CA TRP H 236 -29.46 26.18 11.74
C TRP H 236 -28.28 26.75 10.96
N ALA H 237 -27.78 27.89 11.41
CA ALA H 237 -26.71 28.58 10.69
C ALA H 237 -25.36 27.90 10.90
N LYS H 238 -25.09 27.48 12.12
CA LYS H 238 -23.74 27.06 12.51
C LYS H 238 -23.55 25.55 12.56
N CYS H 239 -24.65 24.79 12.55
CA CYS H 239 -24.56 23.33 12.67
C CYS H 239 -25.02 22.60 11.40
N LEU H 240 -26.33 22.58 11.15
CA LEU H 240 -26.86 21.86 9.99
C LEU H 240 -26.17 22.24 8.70
N LEU H 241 -26.42 23.47 8.26
CA LEU H 241 -25.91 23.97 6.99
C LEU H 241 -24.43 23.64 6.73
N PRO H 242 -23.56 23.84 7.73
CA PRO H 242 -22.17 23.38 7.54
C PRO H 242 -22.00 21.87 7.73
N LEU H 243 -22.89 21.24 8.49
CA LEU H 243 -22.82 19.80 8.70
C LEU H 243 -23.32 19.05 7.46
N LEU H 244 -24.33 19.60 6.81
CA LEU H 244 -24.86 19.02 5.58
C LEU H 244 -23.75 18.93 4.55
N LEU H 245 -23.01 20.02 4.40
CA LEU H 245 -21.95 20.10 3.41
C LEU H 245 -20.81 19.13 3.70
N ASN H 246 -20.70 18.69 4.95
CA ASN H 246 -19.67 17.74 5.34
C ASN H 246 -20.05 16.31 5.00
N ILE H 247 -21.31 15.96 5.27
CA ILE H 247 -21.82 14.64 4.89
C ILE H 247 -22.09 14.58 3.39
N LEU H 248 -22.14 15.76 2.76
CA LEU H 248 -22.29 15.86 1.32
C LEU H 248 -20.97 15.49 0.63
N ALA H 249 -19.86 15.80 1.30
CA ALA H 249 -18.54 15.56 0.75
C ALA H 249 -18.15 14.08 0.83
N ALA H 250 -19.12 13.24 1.21
CA ALA H 250 -18.95 11.79 1.18
C ALA H 250 -20.01 11.17 0.29
N LEU H 251 -19.80 11.28 -1.03
CA LEU H 251 -20.75 10.82 -2.03
C LEU H 251 -22.12 11.42 -1.76
N GLY H 252 -22.28 12.70 -2.13
CA GLY H 252 -23.50 13.43 -1.85
C GLY H 252 -24.75 12.81 -2.45
N SER H 253 -24.62 12.27 -3.66
CA SER H 253 -25.75 11.69 -4.37
C SER H 253 -26.51 10.67 -3.51
N THR H 254 -25.76 9.80 -2.82
CA THR H 254 -26.37 8.79 -1.97
C THR H 254 -27.17 9.43 -0.84
N VAL H 255 -26.60 10.47 -0.25
CA VAL H 255 -27.22 11.14 0.90
C VAL H 255 -27.98 12.40 0.45
N ALA H 256 -27.93 12.69 -0.85
CA ALA H 256 -28.65 13.84 -1.41
C ALA H 256 -30.12 13.83 -1.01
N PRO H 257 -30.79 12.67 -1.10
CA PRO H 257 -32.16 12.58 -0.61
C PRO H 257 -32.30 13.07 0.83
N GLU H 258 -31.42 12.59 1.71
CA GLU H 258 -31.50 12.94 3.12
C GLU H 258 -31.31 14.43 3.35
N VAL H 259 -30.24 14.99 2.79
CA VAL H 259 -29.95 16.40 3.02
C VAL H 259 -31.07 17.27 2.45
N ALA H 260 -31.55 16.92 1.26
CA ALA H 260 -32.68 17.66 0.68
C ALA H 260 -33.92 17.47 1.55
N TRP H 261 -34.09 16.26 2.06
CA TRP H 261 -35.25 15.93 2.88
C TRP H 261 -35.28 16.79 4.15
N VAL H 262 -34.17 16.82 4.88
CA VAL H 262 -34.07 17.63 6.08
C VAL H 262 -34.16 19.11 5.74
N LEU H 263 -33.46 19.52 4.68
CA LEU H 263 -33.51 20.90 4.24
C LEU H 263 -34.95 21.33 3.97
N ASN H 264 -35.73 20.42 3.38
CA ASN H 264 -37.14 20.70 3.09
C ASN H 264 -38.05 20.64 4.32
N GLN H 265 -37.59 19.97 5.38
CA GLN H 265 -38.39 19.87 6.60
C GLN H 265 -38.33 21.13 7.44
N PHE H 266 -37.50 22.08 7.01
CA PHE H 266 -37.41 23.39 7.65
C PHE H 266 -37.68 24.48 6.62
N PRO H 267 -38.89 24.47 6.03
CA PRO H 267 -39.21 25.40 4.94
C PRO H 267 -39.21 26.86 5.37
N ASN H 268 -39.72 27.13 6.56
CA ASN H 268 -39.77 28.48 7.10
C ASN H 268 -38.41 29.17 7.03
N LEU H 269 -37.37 28.42 7.39
CA LEU H 269 -36.02 28.94 7.39
C LEU H 269 -35.56 29.25 5.96
N LEU H 270 -35.99 28.43 5.00
CA LEU H 270 -35.65 28.65 3.61
C LEU H 270 -36.35 29.89 3.09
N GLN H 271 -37.65 29.99 3.37
CA GLN H 271 -38.44 31.13 2.93
C GLN H 271 -37.94 32.39 3.64
N SER H 272 -37.44 32.23 4.86
CA SER H 272 -36.87 33.34 5.59
C SER H 272 -35.49 33.71 5.03
N SER H 273 -34.69 32.71 4.70
CA SER H 273 -33.29 32.91 4.34
C SER H 273 -33.12 33.88 3.17
N VAL H 274 -34.05 33.84 2.23
CA VAL H 274 -33.98 34.70 1.05
C VAL H 274 -34.61 36.05 1.33
N GLU H 275 -35.68 36.04 2.12
CA GLU H 275 -36.41 37.26 2.44
C GLU H 275 -35.87 37.92 3.72
N ARG H 276 -34.77 37.38 4.24
CA ARG H 276 -34.06 38.02 5.34
C ARG H 276 -33.30 39.24 4.82
N ILE H 277 -32.63 39.07 3.68
CA ILE H 277 -31.94 40.17 3.02
C ILE H 277 -32.78 40.71 1.87
N SER H 300 -26.14 40.50 9.44
CA SER H 300 -25.10 39.79 10.15
C SER H 300 -24.40 38.77 9.25
N LEU H 301 -23.39 38.11 9.79
CA LEU H 301 -22.55 37.20 9.00
C LEU H 301 -23.17 35.81 8.86
N LEU H 302 -23.83 35.33 9.91
CA LEU H 302 -24.50 34.04 9.88
C LEU H 302 -25.51 34.03 8.75
N GLU H 303 -26.15 35.17 8.53
CA GLU H 303 -27.09 35.34 7.44
C GLU H 303 -26.41 35.12 6.09
N ILE H 304 -25.14 35.52 6.00
CA ILE H 304 -24.38 35.36 4.78
C ILE H 304 -23.96 33.91 4.62
N SER H 305 -23.48 33.31 5.70
CA SER H 305 -23.12 31.89 5.68
C SER H 305 -24.35 31.03 5.47
N GLU H 306 -25.52 31.55 5.84
CA GLU H 306 -26.78 30.86 5.63
C GLU H 306 -27.13 30.88 4.15
N ILE H 307 -26.86 32.00 3.49
CA ILE H 307 -27.10 32.13 2.05
C ILE H 307 -25.77 31.89 1.33
N HIS H 308 -24.97 30.99 1.89
CA HIS H 308 -23.77 30.47 1.24
C HIS H 308 -23.80 28.95 1.25
N SER H 309 -24.36 28.40 2.33
CA SER H 309 -24.54 26.96 2.44
C SER H 309 -25.73 26.53 1.59
N LEU H 310 -26.87 27.19 1.78
CA LEU H 310 -28.06 26.96 0.97
C LEU H 310 -27.80 27.38 -0.47
N ALA H 311 -26.84 28.29 -0.65
CA ALA H 311 -26.46 28.75 -1.97
C ALA H 311 -25.59 27.72 -2.70
N LEU H 312 -25.26 26.63 -2.00
CA LEU H 312 -24.49 25.54 -2.58
C LEU H 312 -25.10 24.17 -2.30
N LEU H 313 -26.05 24.12 -1.37
CA LEU H 313 -26.69 22.86 -1.01
C LEU H 313 -27.76 22.45 -2.03
N THR H 314 -28.26 23.41 -2.81
CA THR H 314 -29.25 23.14 -3.84
C THR H 314 -28.63 23.23 -5.23
N ARG H 315 -27.41 23.73 -5.30
CA ARG H 315 -26.71 23.85 -6.57
C ARG H 315 -26.12 22.50 -6.98
N VAL H 316 -25.59 21.77 -6.00
CA VAL H 316 -25.05 20.44 -6.25
C VAL H 316 -26.17 19.50 -6.69
N LEU H 317 -27.35 19.69 -6.10
CA LEU H 317 -28.51 18.90 -6.45
C LEU H 317 -28.99 19.21 -7.87
N ALA H 318 -28.56 20.36 -8.39
CA ALA H 318 -28.92 20.79 -9.74
C ALA H 318 -27.95 20.24 -10.78
N ALA H 319 -27.22 19.19 -10.43
CA ALA H 319 -26.25 18.58 -11.34
C ALA H 319 -26.10 17.08 -11.11
N CYS H 320 -27.07 16.48 -10.43
CA CYS H 320 -27.07 15.06 -10.14
C CYS H 320 -28.36 14.40 -10.59
N ASP H 327 -31.71 11.32 -7.31
CA ASP H 327 -32.68 10.23 -7.38
C ASP H 327 -33.84 10.50 -6.44
N VAL H 328 -33.95 11.75 -5.99
CA VAL H 328 -34.98 12.17 -5.04
C VAL H 328 -35.28 13.64 -5.31
N PRO H 329 -36.54 14.08 -5.09
CA PRO H 329 -36.95 15.47 -5.32
C PRO H 329 -36.03 16.52 -4.69
N GLU H 330 -36.11 17.74 -5.20
CA GLU H 330 -35.20 18.82 -4.83
C GLU H 330 -35.75 19.70 -3.71
N VAL H 331 -34.97 20.71 -3.34
CA VAL H 331 -35.33 21.64 -2.27
C VAL H 331 -36.21 22.76 -2.83
N THR H 332 -37.04 23.34 -2.05
CA THR H 332 -37.94 24.42 -2.43
C THR H 332 -37.42 25.78 -1.97
N TRP H 333 -36.12 26.00 -2.12
CA TRP H 333 -35.51 27.27 -1.73
C TRP H 333 -35.61 28.26 -2.89
N ASP H 334 -35.98 29.50 -2.56
CA ASP H 334 -36.15 30.53 -3.59
C ASP H 334 -34.80 31.16 -3.94
N GLY H 335 -34.00 30.42 -4.68
CA GLY H 335 -32.67 30.87 -5.04
C GLY H 335 -32.66 31.91 -6.15
N ALA H 336 -33.85 32.27 -6.63
CA ALA H 336 -33.97 33.23 -7.73
C ALA H 336 -33.75 34.66 -7.24
N LYS H 337 -34.42 35.02 -6.14
CA LYS H 337 -34.30 36.36 -5.57
C LYS H 337 -32.88 36.62 -5.06
N VAL H 338 -32.14 35.56 -4.80
CA VAL H 338 -30.82 35.67 -4.19
C VAL H 338 -29.84 36.45 -5.06
N LEU H 339 -29.74 36.05 -6.33
CA LEU H 339 -28.80 36.66 -7.27
C LEU H 339 -28.98 38.18 -7.31
N GLU H 340 -30.24 38.62 -7.36
CA GLU H 340 -30.55 40.05 -7.36
C GLU H 340 -30.73 40.58 -5.95
N CYS H 341 -30.30 39.79 -4.96
CA CYS H 341 -30.33 40.22 -3.56
C CYS H 341 -28.90 40.43 -3.05
N VAL H 342 -27.93 39.83 -3.75
CA VAL H 342 -26.53 40.03 -3.41
C VAL H 342 -26.05 41.39 -3.93
N GLU H 343 -26.36 41.71 -5.18
CA GLU H 343 -25.94 42.96 -5.79
C GLU H 343 -26.50 44.18 -5.07
N TYR H 344 -27.68 44.02 -4.47
CA TYR H 344 -28.28 45.10 -3.69
C TYR H 344 -27.39 45.48 -2.52
N TRP H 345 -26.96 44.46 -1.77
CA TRP H 345 -26.15 44.67 -0.58
C TRP H 345 -24.70 44.25 -0.80
N LEU H 346 -24.08 44.81 -1.84
CA LEU H 346 -22.66 44.56 -2.11
C LEU H 346 -22.00 45.85 -2.59
N ARG H 347 -22.22 46.19 -3.86
CA ARG H 347 -21.61 47.37 -4.44
C ARG H 347 -22.09 48.62 -3.72
N GLY H 348 -21.15 49.46 -3.31
CA GLY H 348 -21.44 50.65 -2.54
C GLY H 348 -20.71 50.64 -1.22
N ARG H 349 -20.66 49.47 -0.59
CA ARG H 349 -19.97 49.24 0.68
C ARG H 349 -20.17 50.39 1.67
N LYS H 350 -21.34 51.03 1.61
CA LYS H 350 -21.68 52.15 2.48
C LYS H 350 -22.96 51.84 3.22
N VAL H 351 -23.94 51.33 2.48
CA VAL H 351 -25.20 50.91 3.08
C VAL H 351 -24.97 49.70 3.98
N LEU H 352 -23.88 48.99 3.75
CA LEU H 352 -23.54 47.80 4.51
C LEU H 352 -23.04 48.13 5.92
N ARG H 353 -22.93 49.41 6.23
CA ARG H 353 -22.40 49.85 7.52
C ARG H 353 -23.47 49.86 8.62
N GLU H 354 -24.43 48.95 8.53
CA GLU H 354 -25.48 48.83 9.55
C GLU H 354 -25.92 47.39 9.78
N ARG H 355 -25.16 46.44 9.22
CA ARG H 355 -25.43 45.01 9.41
C ARG H 355 -26.83 44.62 8.94
N ASN H 388 -13.46 47.61 8.22
CA ASN H 388 -13.62 47.05 9.55
C ASN H 388 -13.55 45.52 9.53
N ARG H 389 -13.88 44.91 10.66
CA ARG H 389 -13.88 43.45 10.77
C ARG H 389 -15.07 42.86 10.04
N LEU H 390 -16.23 43.51 10.20
CA LEU H 390 -17.50 42.99 9.69
C LEU H 390 -17.80 43.53 8.29
N GLU H 391 -16.77 43.63 7.46
CA GLU H 391 -16.95 44.01 6.06
C GLU H 391 -15.91 43.34 5.17
N GLU H 392 -14.64 43.49 5.51
CA GLU H 392 -13.57 42.89 4.72
C GLU H 392 -13.77 41.39 4.55
N LYS H 393 -13.93 40.70 5.68
CA LYS H 393 -14.21 39.27 5.67
C LYS H 393 -15.68 38.99 5.39
N ALA H 394 -16.55 39.89 5.86
CA ALA H 394 -18.00 39.71 5.74
C ALA H 394 -18.46 39.83 4.30
N VAL H 395 -18.20 40.98 3.68
CA VAL H 395 -18.59 41.20 2.29
C VAL H 395 -17.84 40.22 1.38
N GLY H 396 -16.74 39.65 1.88
CA GLY H 396 -15.93 38.73 1.12
C GLY H 396 -16.63 37.43 0.76
N LEU H 397 -17.49 36.94 1.65
CA LEU H 397 -18.21 35.69 1.42
C LEU H 397 -19.16 35.80 0.23
N LEU H 398 -20.03 36.80 0.26
CA LEU H 398 -21.05 36.97 -0.77
C LEU H 398 -20.44 37.21 -2.16
N VAL H 399 -19.13 37.39 -2.22
CA VAL H 399 -18.44 37.45 -3.50
C VAL H 399 -18.53 36.10 -4.18
N GLY H 400 -18.52 35.03 -3.40
CA GLY H 400 -18.54 33.68 -3.92
C GLY H 400 -19.94 33.20 -4.27
N VAL H 401 -20.93 33.66 -3.52
CA VAL H 401 -22.31 33.26 -3.73
C VAL H 401 -22.78 33.56 -5.15
N ARG H 402 -22.60 34.81 -5.56
CA ARG H 402 -23.06 35.28 -6.86
C ARG H 402 -21.99 35.09 -7.93
N GLU H 403 -21.48 33.87 -8.03
CA GLU H 403 -20.54 33.50 -9.09
C GLU H 403 -20.85 32.10 -9.61
N VAL H 404 -21.17 31.20 -8.68
CA VAL H 404 -21.41 29.81 -9.01
C VAL H 404 -22.90 29.59 -9.31
N LEU H 405 -23.74 30.46 -8.77
CA LEU H 405 -25.19 30.35 -8.92
C LEU H 405 -25.75 31.13 -10.11
N GLU H 406 -24.86 31.80 -10.86
CA GLU H 406 -25.30 32.59 -12.01
C GLU H 406 -25.97 31.71 -13.06
#